data_4P5Y
# 
_entry.id   4P5Y 
# 
_audit_conform.dict_name       mmcif_pdbx.dic 
_audit_conform.dict_version    5.379 
_audit_conform.dict_location   http://mmcif.pdb.org/dictionaries/ascii/mmcif_pdbx.dic 
# 
loop_
_database_2.database_id 
_database_2.database_code 
_database_2.pdbx_database_accession 
_database_2.pdbx_DOI 
PDB   4P5Y         pdb_00004p5y 10.2210/pdb4p5y/pdb 
WWPDB D_1000200585 ?            ?                   
# 
loop_
_pdbx_database_related.db_name 
_pdbx_database_related.details 
_pdbx_database_related.db_id 
_pdbx_database_related.content_type 
PDB '4LKS contains the same protein complexed with galactose' 4LKS 'complete structure' 
PDB '4LQR contains the same protein in apo form'              4LQR 'complete structure' 
# 
_pdbx_database_status.status_code                     REL 
_pdbx_database_status.status_code_sf                  REL 
_pdbx_database_status.status_code_mr                  . 
_pdbx_database_status.entry_id                        4P5Y 
_pdbx_database_status.recvd_initial_deposition_date   2014-03-04 
_pdbx_database_status.SG_entry                        N 
_pdbx_database_status.deposit_site                    RCSB 
_pdbx_database_status.process_site                    RCSB 
_pdbx_database_status.status_code_cs                  . 
_pdbx_database_status.methods_development_category    . 
_pdbx_database_status.pdb_format_compatible           Y 
_pdbx_database_status.status_code_nmr_data            ? 
# 
loop_
_audit_author.name 
_audit_author.pdbx_ordinal 
'Grondin, J.M.'   1 
'Allingham, J.S.' 2 
'Boraston, A.B.'  3 
'Smith, S.P.'     4 
# 
_citation.abstract                  ? 
_citation.abstract_id_CAS           ? 
_citation.book_id_ISBN              ? 
_citation.book_publisher            ? 
_citation.book_publisher_city       ? 
_citation.book_title                ? 
_citation.coordinate_linkage        ? 
_citation.country                   US 
_citation.database_id_Medline       ? 
_citation.details                   ? 
_citation.id                        primary 
_citation.journal_abbrev            'PLoS ONE' 
_citation.journal_id_ASTM           ? 
_citation.journal_id_CSD            ? 
_citation.journal_id_ISSN           1932-6203 
_citation.journal_full              ? 
_citation.journal_issue             ? 
_citation.journal_volume            12 
_citation.language                  ? 
_citation.page_first                e0171606 
_citation.page_last                 e0171606 
_citation.title                     
'Diverse modes of galacto-specific carbohydrate recognition by a family 31 glycoside hydrolase from Clostridium perfringens.' 
_citation.year                      2017 
_citation.database_id_CSD           ? 
_citation.pdbx_database_id_DOI      10.1371/journal.pone.0171606 
_citation.pdbx_database_id_PubMed   28158290 
_citation.unpublished_flag          ? 
# 
loop_
_citation_author.citation_id 
_citation_author.name 
_citation_author.ordinal 
_citation_author.identifier_ORCID 
primary 'Grondin, J.M.'    1  ? 
primary 'Duan, D.'         2  ? 
primary 'Kirlin, A.C.'     3  ? 
primary 'Abe, K.T.'        4  ? 
primary 'Chitayat, S.'     5  ? 
primary 'Spencer, H.L.'    6  ? 
primary 'Spencer, C.'      7  ? 
primary 'Campigotto, A.'   8  ? 
primary 'Houliston, S.'    9  ? 
primary 'Arrowsmith, C.H.' 10 ? 
primary 'Allingham, J.S.'  11 ? 
primary 'Boraston, A.B.'   12 ? 
primary 'Smith, S.P.'      13 ? 
# 
_cell.entry_id           4P5Y 
_cell.length_a           60.650 
_cell.length_b           60.650 
_cell.length_c           83.610 
_cell.angle_alpha        90.00 
_cell.angle_beta         90.00 
_cell.angle_gamma        90.00 
_cell.Z_PDB              8 
_cell.pdbx_unique_axis   ? 
# 
_symmetry.entry_id                         4P5Y 
_symmetry.cell_setting                     . 
_symmetry.Int_Tables_number                96 
_symmetry.space_group_name_Hall            . 
_symmetry.space_group_name_H-M             'P 43 21 2' 
_symmetry.pdbx_full_space_group_name_H-M   . 
# 
loop_
_entity.id 
_entity.type 
_entity.src_method 
_entity.pdbx_description 
_entity.formula_weight 
_entity.pdbx_number_of_molecules 
_entity.pdbx_ec 
_entity.pdbx_mutation 
_entity.pdbx_fragment 
_entity.details 
1 polymer     man 'Glycosyl hydrolase, family 31/fibronectin type III domain protein' 18993.844 1  ? ? 'UNP residues 1640-1785' ? 
2 non-polymer man 2-acetamido-2-deoxy-beta-D-galactopyranose                          221.208   1  ? ? ?                        ? 
3 non-polymer syn 'CALCIUM ION'                                                       40.078    1  ? ? ?                        ? 
4 water       nat water                                                               18.015    52 ? ? ?                        ? 
# 
_entity_poly.entity_id                      1 
_entity_poly.type                           'polypeptide(L)' 
_entity_poly.nstd_linkage                   no 
_entity_poly.nstd_monomer                   no 
_entity_poly.pdbx_seq_one_letter_code       
;MHHHHHHITSLYKKAGSEFALDSSKLEAIYATSEADRDYKENAVDGDENTIWHSAYQAADKLPVSITIKLDKAYDLNQID
YLPRQNSRNGHVTEYKIETSLDNENWTEVRTGNLEVNEAGNALANRGYNPIRFNTINAQYLRFTALKTLGDTNNKYASAA
ELVFYGK
;
_entity_poly.pdbx_seq_one_letter_code_can   
;MHHHHHHITSLYKKAGSEFALDSSKLEAIYATSEADRDYKENAVDGDENTIWHSAYQAADKLPVSITIKLDKAYDLNQID
YLPRQNSRNGHVTEYKIETSLDNENWTEVRTGNLEVNEAGNALANRGYNPIRFNTINAQYLRFTALKTLGDTNNKYASAA
ELVFYGK
;
_entity_poly.pdbx_strand_id                 A 
_entity_poly.pdbx_target_identifier         ? 
# 
loop_
_entity_poly_seq.entity_id 
_entity_poly_seq.num 
_entity_poly_seq.mon_id 
_entity_poly_seq.hetero 
1 1   MET n 
1 2   HIS n 
1 3   HIS n 
1 4   HIS n 
1 5   HIS n 
1 6   HIS n 
1 7   HIS n 
1 8   ILE n 
1 9   THR n 
1 10  SER n 
1 11  LEU n 
1 12  TYR n 
1 13  LYS n 
1 14  LYS n 
1 15  ALA n 
1 16  GLY n 
1 17  SER n 
1 18  GLU n 
1 19  PHE n 
1 20  ALA n 
1 21  LEU n 
1 22  ASP n 
1 23  SER n 
1 24  SER n 
1 25  LYS n 
1 26  LEU n 
1 27  GLU n 
1 28  ALA n 
1 29  ILE n 
1 30  TYR n 
1 31  ALA n 
1 32  THR n 
1 33  SER n 
1 34  GLU n 
1 35  ALA n 
1 36  ASP n 
1 37  ARG n 
1 38  ASP n 
1 39  TYR n 
1 40  LYS n 
1 41  GLU n 
1 42  ASN n 
1 43  ALA n 
1 44  VAL n 
1 45  ASP n 
1 46  GLY n 
1 47  ASP n 
1 48  GLU n 
1 49  ASN n 
1 50  THR n 
1 51  ILE n 
1 52  TRP n 
1 53  HIS n 
1 54  SER n 
1 55  ALA n 
1 56  TYR n 
1 57  GLN n 
1 58  ALA n 
1 59  ALA n 
1 60  ASP n 
1 61  LYS n 
1 62  LEU n 
1 63  PRO n 
1 64  VAL n 
1 65  SER n 
1 66  ILE n 
1 67  THR n 
1 68  ILE n 
1 69  LYS n 
1 70  LEU n 
1 71  ASP n 
1 72  LYS n 
1 73  ALA n 
1 74  TYR n 
1 75  ASP n 
1 76  LEU n 
1 77  ASN n 
1 78  GLN n 
1 79  ILE n 
1 80  ASP n 
1 81  TYR n 
1 82  LEU n 
1 83  PRO n 
1 84  ARG n 
1 85  GLN n 
1 86  ASN n 
1 87  SER n 
1 88  ARG n 
1 89  ASN n 
1 90  GLY n 
1 91  HIS n 
1 92  VAL n 
1 93  THR n 
1 94  GLU n 
1 95  TYR n 
1 96  LYS n 
1 97  ILE n 
1 98  GLU n 
1 99  THR n 
1 100 SER n 
1 101 LEU n 
1 102 ASP n 
1 103 ASN n 
1 104 GLU n 
1 105 ASN n 
1 106 TRP n 
1 107 THR n 
1 108 GLU n 
1 109 VAL n 
1 110 ARG n 
1 111 THR n 
1 112 GLY n 
1 113 ASN n 
1 114 LEU n 
1 115 GLU n 
1 116 VAL n 
1 117 ASN n 
1 118 GLU n 
1 119 ALA n 
1 120 GLY n 
1 121 ASN n 
1 122 ALA n 
1 123 LEU n 
1 124 ALA n 
1 125 ASN n 
1 126 ARG n 
1 127 GLY n 
1 128 TYR n 
1 129 ASN n 
1 130 PRO n 
1 131 ILE n 
1 132 ARG n 
1 133 PHE n 
1 134 ASN n 
1 135 THR n 
1 136 ILE n 
1 137 ASN n 
1 138 ALA n 
1 139 GLN n 
1 140 TYR n 
1 141 LEU n 
1 142 ARG n 
1 143 PHE n 
1 144 THR n 
1 145 ALA n 
1 146 LEU n 
1 147 LYS n 
1 148 THR n 
1 149 LEU n 
1 150 GLY n 
1 151 ASP n 
1 152 THR n 
1 153 ASN n 
1 154 ASN n 
1 155 LYS n 
1 156 TYR n 
1 157 ALA n 
1 158 SER n 
1 159 ALA n 
1 160 ALA n 
1 161 GLU n 
1 162 LEU n 
1 163 VAL n 
1 164 PHE n 
1 165 TYR n 
1 166 GLY n 
1 167 LYS n 
# 
_entity_src_gen.entity_id                          1 
_entity_src_gen.pdbx_src_id                        1 
_entity_src_gen.pdbx_alt_source_flag               sample 
_entity_src_gen.pdbx_seq_type                      'Biological sequence' 
_entity_src_gen.pdbx_beg_seq_num                   1 
_entity_src_gen.pdbx_end_seq_num                   167 
_entity_src_gen.gene_src_common_name               ? 
_entity_src_gen.gene_src_genus                     ? 
_entity_src_gen.pdbx_gene_src_gene                 CPF_1301 
_entity_src_gen.gene_src_species                   ? 
_entity_src_gen.gene_src_strain                    'ATCC 13124 / NCTC 8237 / Type A' 
_entity_src_gen.gene_src_tissue                    ? 
_entity_src_gen.gene_src_tissue_fraction           ? 
_entity_src_gen.gene_src_details                   ? 
_entity_src_gen.pdbx_gene_src_fragment             ? 
_entity_src_gen.pdbx_gene_src_scientific_name      'Clostridium perfringens' 
_entity_src_gen.pdbx_gene_src_ncbi_taxonomy_id     195103 
_entity_src_gen.pdbx_gene_src_variant              ? 
_entity_src_gen.pdbx_gene_src_cell_line            ? 
_entity_src_gen.pdbx_gene_src_atcc                 ? 
_entity_src_gen.pdbx_gene_src_organ                ? 
_entity_src_gen.pdbx_gene_src_organelle            ? 
_entity_src_gen.pdbx_gene_src_cell                 ? 
_entity_src_gen.pdbx_gene_src_cellular_location    ? 
_entity_src_gen.host_org_common_name               ? 
_entity_src_gen.pdbx_host_org_scientific_name      'Escherichia coli' 
_entity_src_gen.pdbx_host_org_ncbi_taxonomy_id     562 
_entity_src_gen.host_org_genus                     ? 
_entity_src_gen.pdbx_host_org_gene                 ? 
_entity_src_gen.pdbx_host_org_organ                ? 
_entity_src_gen.host_org_species                   ? 
_entity_src_gen.pdbx_host_org_tissue               ? 
_entity_src_gen.pdbx_host_org_tissue_fraction      ? 
_entity_src_gen.pdbx_host_org_strain               ? 
_entity_src_gen.pdbx_host_org_variant              ? 
_entity_src_gen.pdbx_host_org_cell_line            ? 
_entity_src_gen.pdbx_host_org_atcc                 ? 
_entity_src_gen.pdbx_host_org_culture_collection   ? 
_entity_src_gen.pdbx_host_org_cell                 ? 
_entity_src_gen.pdbx_host_org_organelle            ? 
_entity_src_gen.pdbx_host_org_cellular_location    ? 
_entity_src_gen.pdbx_host_org_vector_type          ? 
_entity_src_gen.pdbx_host_org_vector               ? 
_entity_src_gen.host_org_details                   ? 
_entity_src_gen.expression_system_id               ? 
_entity_src_gen.plasmid_name                       ? 
_entity_src_gen.plasmid_details                    ? 
_entity_src_gen.pdbx_description                   ? 
# 
_struct_ref.id                         1 
_struct_ref.db_name                    UNP 
_struct_ref.db_code                    Q0TRJ3_CLOP1 
_struct_ref.pdbx_db_accession          Q0TRJ3 
_struct_ref.entity_id                  1 
_struct_ref.pdbx_seq_one_letter_code   
;DSSKLEAIYATSEADRDYKENAVDGDENTIWHSAYQAADKLPVSITIKLDKAYDLNQIDYLPRQNSRNGHVTEYKIETSL
DNENWTEVRTGNLEVNEAGNALANRGYNPIRFNTINAQYLRFTALKTLGDTNNKYASAAELVFYGK
;
_struct_ref.pdbx_align_begin           1640 
_struct_ref.pdbx_db_isoform            ? 
# 
_struct_ref_seq.align_id                      1 
_struct_ref_seq.ref_id                        1 
_struct_ref_seq.pdbx_PDB_id_code              4P5Y 
_struct_ref_seq.pdbx_strand_id                A 
_struct_ref_seq.seq_align_beg                 22 
_struct_ref_seq.pdbx_seq_align_beg_ins_code   ? 
_struct_ref_seq.seq_align_end                 167 
_struct_ref_seq.pdbx_seq_align_end_ins_code   ? 
_struct_ref_seq.pdbx_db_accession             Q0TRJ3 
_struct_ref_seq.db_align_beg                  1640 
_struct_ref_seq.pdbx_db_align_beg_ins_code    ? 
_struct_ref_seq.db_align_end                  1785 
_struct_ref_seq.pdbx_db_align_end_ins_code    ? 
_struct_ref_seq.pdbx_auth_seq_align_beg       17 
_struct_ref_seq.pdbx_auth_seq_align_end       162 
# 
loop_
_struct_ref_seq_dif.align_id 
_struct_ref_seq_dif.pdbx_pdb_id_code 
_struct_ref_seq_dif.mon_id 
_struct_ref_seq_dif.pdbx_pdb_strand_id 
_struct_ref_seq_dif.seq_num 
_struct_ref_seq_dif.pdbx_pdb_ins_code 
_struct_ref_seq_dif.pdbx_seq_db_name 
_struct_ref_seq_dif.pdbx_seq_db_accession_code 
_struct_ref_seq_dif.db_mon_id 
_struct_ref_seq_dif.pdbx_seq_db_seq_num 
_struct_ref_seq_dif.details 
_struct_ref_seq_dif.pdbx_auth_seq_num 
_struct_ref_seq_dif.pdbx_ordinal 
1 4P5Y MET A 1  ? UNP Q0TRJ3 ? ? 'initiating methionine' -4 1  
1 4P5Y HIS A 2  ? UNP Q0TRJ3 ? ? 'expression tag'        -3 2  
1 4P5Y HIS A 3  ? UNP Q0TRJ3 ? ? 'expression tag'        -2 3  
1 4P5Y HIS A 4  ? UNP Q0TRJ3 ? ? 'expression tag'        -1 4  
1 4P5Y HIS A 5  ? UNP Q0TRJ3 ? ? 'expression tag'        0  5  
1 4P5Y HIS A 6  ? UNP Q0TRJ3 ? ? 'expression tag'        1  6  
1 4P5Y HIS A 7  ? UNP Q0TRJ3 ? ? 'expression tag'        2  7  
1 4P5Y ILE A 8  ? UNP Q0TRJ3 ? ? 'expression tag'        3  8  
1 4P5Y THR A 9  ? UNP Q0TRJ3 ? ? 'expression tag'        4  9  
1 4P5Y SER A 10 ? UNP Q0TRJ3 ? ? 'expression tag'        5  10 
1 4P5Y LEU A 11 ? UNP Q0TRJ3 ? ? 'expression tag'        6  11 
1 4P5Y TYR A 12 ? UNP Q0TRJ3 ? ? 'expression tag'        7  12 
1 4P5Y LYS A 13 ? UNP Q0TRJ3 ? ? 'expression tag'        8  13 
1 4P5Y LYS A 14 ? UNP Q0TRJ3 ? ? 'expression tag'        9  14 
1 4P5Y ALA A 15 ? UNP Q0TRJ3 ? ? 'expression tag'        10 15 
1 4P5Y GLY A 16 ? UNP Q0TRJ3 ? ? 'expression tag'        11 16 
1 4P5Y SER A 17 ? UNP Q0TRJ3 ? ? 'expression tag'        12 17 
1 4P5Y GLU A 18 ? UNP Q0TRJ3 ? ? 'expression tag'        13 18 
1 4P5Y PHE A 19 ? UNP Q0TRJ3 ? ? 'expression tag'        14 19 
1 4P5Y ALA A 20 ? UNP Q0TRJ3 ? ? 'expression tag'        15 20 
1 4P5Y LEU A 21 ? UNP Q0TRJ3 ? ? 'expression tag'        16 21 
# 
loop_
_chem_comp.id 
_chem_comp.type 
_chem_comp.mon_nstd_flag 
_chem_comp.name 
_chem_comp.pdbx_synonyms 
_chem_comp.formula 
_chem_comp.formula_weight 
ALA 'L-peptide linking'          y ALANINE                                    ? 'C3 H7 N O2'     89.093  
ARG 'L-peptide linking'          y ARGININE                                   ? 'C6 H15 N4 O2 1' 175.209 
ASN 'L-peptide linking'          y ASPARAGINE                                 ? 'C4 H8 N2 O3'    132.118 
ASP 'L-peptide linking'          y 'ASPARTIC ACID'                            ? 'C4 H7 N O4'     133.103 
CA  non-polymer                  . 'CALCIUM ION'                              ? 'Ca 2'           40.078  
GLN 'L-peptide linking'          y GLUTAMINE                                  ? 'C5 H10 N2 O3'   146.144 
GLU 'L-peptide linking'          y 'GLUTAMIC ACID'                            ? 'C5 H9 N O4'     147.129 
GLY 'peptide linking'            y GLYCINE                                    ? 'C2 H5 N O2'     75.067  
HIS 'L-peptide linking'          y HISTIDINE                                  ? 'C6 H10 N3 O2 1' 156.162 
HOH non-polymer                  . WATER                                      ? 'H2 O'           18.015  
ILE 'L-peptide linking'          y ISOLEUCINE                                 ? 'C6 H13 N O2'    131.173 
LEU 'L-peptide linking'          y LEUCINE                                    ? 'C6 H13 N O2'    131.173 
LYS 'L-peptide linking'          y LYSINE                                     ? 'C6 H15 N2 O2 1' 147.195 
MET 'L-peptide linking'          y METHIONINE                                 ? 'C5 H11 N O2 S'  149.211 
NGA 'D-saccharide, beta linking' . 2-acetamido-2-deoxy-beta-D-galactopyranose 
;N-acetyl-beta-D-galactosamine; 2-acetamido-2-deoxy-beta-D-galactose; 2-acetamido-2-deoxy-D-galactose; 2-acetamido-2-deoxy-galactose; N-ACETYL-D-GALACTOSAMINE
;
'C8 H15 N O6'    221.208 
PHE 'L-peptide linking'          y PHENYLALANINE                              ? 'C9 H11 N O2'    165.189 
PRO 'L-peptide linking'          y PROLINE                                    ? 'C5 H9 N O2'     115.130 
SER 'L-peptide linking'          y SERINE                                     ? 'C3 H7 N O3'     105.093 
THR 'L-peptide linking'          y THREONINE                                  ? 'C4 H9 N O3'     119.119 
TRP 'L-peptide linking'          y TRYPTOPHAN                                 ? 'C11 H12 N2 O2'  204.225 
TYR 'L-peptide linking'          y TYROSINE                                   ? 'C9 H11 N O3'    181.189 
VAL 'L-peptide linking'          y VALINE                                     ? 'C5 H11 N O2'    117.146 
# 
_exptl.absorpt_coefficient_mu     . 
_exptl.absorpt_correction_T_max   . 
_exptl.absorpt_correction_T_min   . 
_exptl.absorpt_correction_type    . 
_exptl.absorpt_process_details    . 
_exptl.entry_id                   4P5Y 
_exptl.crystals_number            . 
_exptl.details                    . 
_exptl.method                     'X-RAY DIFFRACTION' 
_exptl.method_details             . 
# 
_exptl_crystal.colour                      . 
_exptl_crystal.density_diffrn              . 
_exptl_crystal.density_Matthews            2.03 
_exptl_crystal.density_method              . 
_exptl_crystal.density_percent_sol         39.35 
_exptl_crystal.description                 . 
_exptl_crystal.F_000                       . 
_exptl_crystal.id                          1 
_exptl_crystal.preparation                 . 
_exptl_crystal.size_max                    . 
_exptl_crystal.size_mid                    . 
_exptl_crystal.size_min                    . 
_exptl_crystal.size_rad                    . 
_exptl_crystal.colour_lustre               . 
_exptl_crystal.colour_modifier             . 
_exptl_crystal.colour_primary              . 
_exptl_crystal.density_meas                . 
_exptl_crystal.density_meas_esd            . 
_exptl_crystal.density_meas_gt             . 
_exptl_crystal.density_meas_lt             . 
_exptl_crystal.density_meas_temp           . 
_exptl_crystal.density_meas_temp_esd       . 
_exptl_crystal.density_meas_temp_gt        . 
_exptl_crystal.density_meas_temp_lt        . 
_exptl_crystal.pdbx_crystal_image_url      . 
_exptl_crystal.pdbx_crystal_image_format   . 
_exptl_crystal.pdbx_mosaicity              . 
_exptl_crystal.pdbx_mosaicity_esd          . 
# 
_exptl_crystal_grow.apparatus       . 
_exptl_crystal_grow.atmosphere      . 
_exptl_crystal_grow.crystal_id      1 
_exptl_crystal_grow.details         . 
_exptl_crystal_grow.method          'VAPOR DIFFUSION, HANGING DROP' 
_exptl_crystal_grow.method_ref      . 
_exptl_crystal_grow.pH              8.0 
_exptl_crystal_grow.pressure        . 
_exptl_crystal_grow.pressure_esd    . 
_exptl_crystal_grow.seeding         . 
_exptl_crystal_grow.seeding_ref     . 
_exptl_crystal_grow.temp            298 
_exptl_crystal_grow.temp_details    . 
_exptl_crystal_grow.temp_esd        . 
_exptl_crystal_grow.time            . 
_exptl_crystal_grow.pdbx_details    '1.4M ammonium citrate' 
_exptl_crystal_grow.pdbx_pH_range   . 
# 
_diffrn.ambient_environment    . 
_diffrn.ambient_temp           93.15 
_diffrn.ambient_temp_details   . 
_diffrn.ambient_temp_esd       . 
_diffrn.crystal_id             1 
_diffrn.crystal_support        . 
_diffrn.crystal_treatment      . 
_diffrn.details                . 
_diffrn.id                     1 
_diffrn.ambient_pressure       . 
_diffrn.ambient_pressure_esd   . 
_diffrn.ambient_pressure_gt    . 
_diffrn.ambient_pressure_lt    . 
_diffrn.ambient_temp_gt        . 
_diffrn.ambient_temp_lt        . 
# 
_diffrn_detector.details                      . 
_diffrn_detector.detector                     CCD 
_diffrn_detector.diffrn_id                    1 
_diffrn_detector.type                         'MARMOSAIC 325 mm CCD' 
_diffrn_detector.area_resol_mean              . 
_diffrn_detector.dtime                        . 
_diffrn_detector.pdbx_frames_total            . 
_diffrn_detector.pdbx_collection_time_total   . 
_diffrn_detector.pdbx_collection_date         2014-02-16 
# 
_diffrn_radiation.collimation                      . 
_diffrn_radiation.diffrn_id                        1 
_diffrn_radiation.filter_edge                      . 
_diffrn_radiation.inhomogeneity                    . 
_diffrn_radiation.monochromator                    . 
_diffrn_radiation.polarisn_norm                    . 
_diffrn_radiation.polarisn_ratio                   . 
_diffrn_radiation.probe                            . 
_diffrn_radiation.type                             . 
_diffrn_radiation.xray_symbol                      . 
_diffrn_radiation.wavelength_id                    1 
_diffrn_radiation.pdbx_monochromatic_or_laue_m_l   . 
_diffrn_radiation.pdbx_wavelength_list             . 
_diffrn_radiation.pdbx_wavelength                  . 
_diffrn_radiation.pdbx_diffrn_protocol             'SINGLE WAVELENGTH' 
_diffrn_radiation.pdbx_analyzer                    . 
_diffrn_radiation.pdbx_scattering_type             x-ray 
# 
_diffrn_radiation_wavelength.id           1 
_diffrn_radiation_wavelength.wavelength   0.97946 
_diffrn_radiation_wavelength.wt           1.0 
# 
_diffrn_source.current                     . 
_diffrn_source.details                     . 
_diffrn_source.diffrn_id                   1 
_diffrn_source.power                       . 
_diffrn_source.size                        . 
_diffrn_source.source                      SYNCHROTRON 
_diffrn_source.target                      . 
_diffrn_source.type                        'SSRL BEAMLINE BL14-1' 
_diffrn_source.voltage                     . 
_diffrn_source.take-off_angle              . 
_diffrn_source.pdbx_wavelength_list        0.97946 
_diffrn_source.pdbx_wavelength             . 
_diffrn_source.pdbx_synchrotron_beamline   BL14-1 
_diffrn_source.pdbx_synchrotron_site       SSRL 
# 
_reflns.B_iso_Wilson_estimate            . 
_reflns.entry_id                         4P5Y 
_reflns.data_reduction_details           . 
_reflns.data_reduction_method            . 
_reflns.d_resolution_high                2.50 
_reflns.d_resolution_low                 42.89 
_reflns.details                          . 
_reflns.limit_h_max                      . 
_reflns.limit_h_min                      . 
_reflns.limit_k_max                      . 
_reflns.limit_k_min                      . 
_reflns.limit_l_max                      . 
_reflns.limit_l_min                      . 
_reflns.number_all                       ? 
_reflns.number_obs                       5836 
_reflns.observed_criterion               . 
_reflns.observed_criterion_F_max         . 
_reflns.observed_criterion_F_min         . 
_reflns.observed_criterion_I_max         . 
_reflns.observed_criterion_I_min         . 
_reflns.observed_criterion_sigma_F       . 
_reflns.observed_criterion_sigma_I       . 
_reflns.percent_possible_obs             100 
_reflns.R_free_details                   . 
_reflns.Rmerge_F_all                     . 
_reflns.Rmerge_F_obs                     . 
_reflns.Friedel_coverage                 . 
_reflns.number_gt                        . 
_reflns.threshold_expression             . 
_reflns.pdbx_redundancy                  6.0 
_reflns.pdbx_Rmerge_I_obs                . 
_reflns.pdbx_Rmerge_I_all                . 
_reflns.pdbx_Rsym_value                  . 
_reflns.pdbx_netI_over_av_sigmaI         . 
_reflns.pdbx_netI_over_sigmaI            14.3 
_reflns.pdbx_res_netI_over_av_sigmaI_2   . 
_reflns.pdbx_res_netI_over_sigmaI_2      . 
_reflns.pdbx_chi_squared                 . 
_reflns.pdbx_scaling_rejects             . 
_reflns.pdbx_d_res_high_opt              . 
_reflns.pdbx_d_res_low_opt               . 
_reflns.pdbx_d_res_opt_method            . 
_reflns.phase_calculation_details        . 
_reflns.pdbx_Rrim_I_all                  . 
_reflns.pdbx_Rpim_I_all                  . 
_reflns.pdbx_d_opt                       . 
_reflns.pdbx_number_measured_all         . 
_reflns.pdbx_diffrn_id                   1 
_reflns.pdbx_ordinal                     1 
# 
_reflns_shell.d_res_high                  2.50 
_reflns_shell.d_res_low                   2.60 
_reflns_shell.meanI_over_sigI_all         . 
_reflns_shell.meanI_over_sigI_obs         3.8 
_reflns_shell.number_measured_all         . 
_reflns_shell.number_measured_obs         . 
_reflns_shell.number_possible             . 
_reflns_shell.number_unique_all           . 
_reflns_shell.number_unique_obs           . 
_reflns_shell.percent_possible_all        100 
_reflns_shell.percent_possible_obs        . 
_reflns_shell.Rmerge_F_all                . 
_reflns_shell.Rmerge_F_obs                . 
_reflns_shell.Rmerge_I_all                . 
_reflns_shell.Rmerge_I_obs                . 
_reflns_shell.meanI_over_sigI_gt          . 
_reflns_shell.meanI_over_uI_all           . 
_reflns_shell.meanI_over_uI_gt            . 
_reflns_shell.number_measured_gt          . 
_reflns_shell.number_unique_gt            . 
_reflns_shell.percent_possible_gt         . 
_reflns_shell.Rmerge_F_gt                 . 
_reflns_shell.Rmerge_I_gt                 . 
_reflns_shell.pdbx_redundancy             . 
_reflns_shell.pdbx_Rsym_value             . 
_reflns_shell.pdbx_chi_squared            . 
_reflns_shell.pdbx_netI_over_sigmaI_all   . 
_reflns_shell.pdbx_netI_over_sigmaI_obs   . 
_reflns_shell.pdbx_Rrim_I_all             . 
_reflns_shell.pdbx_Rpim_I_all             . 
_reflns_shell.pdbx_rejects                . 
_reflns_shell.pdbx_ordinal                1 
_reflns_shell.pdbx_diffrn_id              1 
# 
_refine.aniso_B[1][1]                            . 
_refine.aniso_B[1][2]                            . 
_refine.aniso_B[1][3]                            . 
_refine.aniso_B[2][2]                            . 
_refine.aniso_B[2][3]                            . 
_refine.aniso_B[3][3]                            . 
_refine.B_iso_max                                . 
_refine.B_iso_mean                               . 
_refine.B_iso_min                                . 
_refine.correlation_coeff_Fo_to_Fc               . 
_refine.correlation_coeff_Fo_to_Fc_free          . 
_refine.details                                  . 
_refine.diff_density_max                         . 
_refine.diff_density_max_esd                     . 
_refine.diff_density_min                         . 
_refine.diff_density_min_esd                     . 
_refine.diff_density_rms                         . 
_refine.diff_density_rms_esd                     . 
_refine.entry_id                                 4P5Y 
_refine.pdbx_refine_id                           'X-RAY DIFFRACTION' 
_refine.ls_abs_structure_details                 . 
_refine.ls_abs_structure_Flack                   . 
_refine.ls_abs_structure_Flack_esd               . 
_refine.ls_abs_structure_Rogers                  . 
_refine.ls_abs_structure_Rogers_esd              . 
_refine.ls_d_res_high                            2.50 
_refine.ls_d_res_low                             42.89 
_refine.ls_extinction_coef                       . 
_refine.ls_extinction_coef_esd                   . 
_refine.ls_extinction_expression                 . 
_refine.ls_extinction_method                     . 
_refine.ls_goodness_of_fit_all                   . 
_refine.ls_goodness_of_fit_all_esd               . 
_refine.ls_goodness_of_fit_obs                   . 
_refine.ls_goodness_of_fit_obs_esd               . 
_refine.ls_hydrogen_treatment                    . 
_refine.ls_matrix_type                           . 
_refine.ls_number_constraints                    . 
_refine.ls_number_parameters                     . 
_refine.ls_number_reflns_all                     . 
_refine.ls_number_reflns_obs                     5797 
_refine.ls_number_reflns_R_free                  302 
_refine.ls_number_reflns_R_work                  . 
_refine.ls_number_restraints                     . 
_refine.ls_percent_reflns_obs                    99.9 
_refine.ls_percent_reflns_R_free                 5.210 
_refine.ls_R_factor_all                          . 
_refine.ls_R_factor_obs                          0.176 
_refine.ls_R_factor_R_free                       0.221 
_refine.ls_R_factor_R_free_error                 . 
_refine.ls_R_factor_R_free_error_details         . 
_refine.ls_R_factor_R_work                       0.174 
_refine.ls_R_Fsqd_factor_obs                     . 
_refine.ls_R_I_factor_obs                        . 
_refine.ls_redundancy_reflns_all                 . 
_refine.ls_redundancy_reflns_obs                 . 
_refine.ls_restrained_S_all                      . 
_refine.ls_restrained_S_obs                      . 
_refine.ls_shift_over_esd_max                    . 
_refine.ls_shift_over_esd_mean                   . 
_refine.ls_structure_factor_coef                 . 
_refine.ls_weighting_details                     . 
_refine.ls_weighting_scheme                      . 
_refine.ls_wR_factor_all                         . 
_refine.ls_wR_factor_obs                         . 
_refine.ls_wR_factor_R_free                      . 
_refine.ls_wR_factor_R_work                      . 
_refine.occupancy_max                            . 
_refine.occupancy_min                            . 
_refine.solvent_model_details                    'FLAT BULK SOLVENT MODEL' 
_refine.solvent_model_param_bsol                 . 
_refine.solvent_model_param_ksol                 . 
_refine.ls_R_factor_gt                           . 
_refine.ls_goodness_of_fit_gt                    . 
_refine.ls_goodness_of_fit_ref                   . 
_refine.ls_shift_over_su_max                     . 
_refine.ls_shift_over_su_max_lt                  . 
_refine.ls_shift_over_su_mean                    . 
_refine.ls_shift_over_su_mean_lt                 . 
_refine.pdbx_ls_sigma_I                          . 
_refine.pdbx_ls_sigma_F                          1.340 
_refine.pdbx_ls_sigma_Fsqd                       . 
_refine.pdbx_data_cutoff_high_absF               . 
_refine.pdbx_data_cutoff_high_rms_absF           . 
_refine.pdbx_data_cutoff_low_absF                . 
_refine.pdbx_isotropic_thermal_model             . 
_refine.pdbx_ls_cross_valid_method               'FREE R-VALUE' 
_refine.pdbx_method_to_determine_struct          'MOLECULAR REPLACEMENT' 
_refine.pdbx_starting_model                      4LKS 
_refine.pdbx_stereochemistry_target_values       ML 
_refine.pdbx_R_Free_selection_details            . 
_refine.pdbx_stereochem_target_val_spec_case     . 
_refine.pdbx_overall_ESU_R                       . 
_refine.pdbx_overall_ESU_R_Free                  . 
_refine.pdbx_solvent_vdw_probe_radii             1.11 
_refine.pdbx_solvent_ion_probe_radii             . 
_refine.pdbx_solvent_shrinkage_radii             0.90 
_refine.pdbx_real_space_R                        . 
_refine.pdbx_density_correlation                 . 
_refine.pdbx_pd_number_of_powder_patterns        . 
_refine.pdbx_pd_number_of_points                 . 
_refine.pdbx_pd_meas_number_of_points            . 
_refine.pdbx_pd_proc_ls_prof_R_factor            . 
_refine.pdbx_pd_proc_ls_prof_wR_factor           . 
_refine.pdbx_pd_Marquardt_correlation_coeff      . 
_refine.pdbx_pd_Fsqrd_R_factor                   . 
_refine.pdbx_pd_ls_matrix_band_width             . 
_refine.pdbx_overall_phase_error                 20.800 
_refine.pdbx_overall_SU_R_free_Cruickshank_DPI   . 
_refine.pdbx_overall_SU_R_free_Blow_DPI          . 
_refine.pdbx_overall_SU_R_Blow_DPI               . 
_refine.pdbx_TLS_residual_ADP_flag               . 
_refine.pdbx_diffrn_id                           1 
_refine.overall_SU_B                             . 
_refine.overall_SU_ML                            0.250 
_refine.overall_SU_R_Cruickshank_DPI             . 
_refine.overall_SU_R_free                        . 
_refine.overall_FOM_free_R_set                   . 
_refine.overall_FOM_work_R_set                   . 
# 
_refine_hist.pdbx_refine_id                   'X-RAY DIFFRACTION' 
_refine_hist.cycle_id                         LAST 
_refine_hist.pdbx_number_atoms_protein        1235 
_refine_hist.pdbx_number_atoms_nucleic_acid   0 
_refine_hist.pdbx_number_atoms_ligand         16 
_refine_hist.number_atoms_solvent             52 
_refine_hist.number_atoms_total               1303 
_refine_hist.d_res_high                       2.50 
_refine_hist.d_res_low                        42.89 
# 
loop_
_refine_ls_restr.pdbx_refine_id 
_refine_ls_restr.criterion 
_refine_ls_restr.dev_ideal 
_refine_ls_restr.dev_ideal_target 
_refine_ls_restr.number 
_refine_ls_restr.rejects 
_refine_ls_restr.type 
_refine_ls_restr.weight 
_refine_ls_restr.pdbx_restraint_function 
'X-RAY DIFFRACTION' . 0.007  . 1273 . f_bond_d           . . 
'X-RAY DIFFRACTION' . 1.016  . 1732 . f_angle_d          . . 
'X-RAY DIFFRACTION' . 16.788 . 457  . f_dihedral_angle_d . . 
'X-RAY DIFFRACTION' . 0.037  . 193  . f_chiral_restr     . . 
'X-RAY DIFFRACTION' . 0.004  . 228  . f_plane_restr      . . 
# 
loop_
_refine_ls_shell.pdbx_refine_id 
_refine_ls_shell.d_res_high 
_refine_ls_shell.d_res_low 
_refine_ls_shell.number_reflns_all 
_refine_ls_shell.number_reflns_obs 
_refine_ls_shell.number_reflns_R_free 
_refine_ls_shell.number_reflns_R_work 
_refine_ls_shell.percent_reflns_obs 
_refine_ls_shell.percent_reflns_R_free 
_refine_ls_shell.R_factor_all 
_refine_ls_shell.R_factor_obs 
_refine_ls_shell.R_factor_R_free 
_refine_ls_shell.R_factor_R_free_error 
_refine_ls_shell.R_factor_R_work 
_refine_ls_shell.redundancy_reflns_all 
_refine_ls_shell.redundancy_reflns_obs 
_refine_ls_shell.wR_factor_all 
_refine_ls_shell.wR_factor_obs 
_refine_ls_shell.wR_factor_R_free 
_refine_ls_shell.wR_factor_R_work 
_refine_ls_shell.pdbx_total_number_of_bins_used 
_refine_ls_shell.pdbx_phase_error 
'X-RAY DIFFRACTION' 2.5000 3.1496  . . 142 2674 100.00 . . . 0.2532 . 0.1837 . . . . . . . . 
'X-RAY DIFFRACTION' 3.1496 42.8923 . . 160 2821 100.00 . . . 0.2088 . 0.1695 . . . . . . . . 
# 
_struct.entry_id                     4P5Y 
_struct.title                        
'Structure of CBM32-3 from a family 31 glycoside hydrolase from Clostridium perfringens in complex with N-acetylgalactosamine' 
_struct.pdbx_model_details           . 
_struct.pdbx_formula_weight          . 
_struct.pdbx_formula_weight_method   . 
_struct.pdbx_model_type_details      . 
_struct.pdbx_CASP_flag               . 
# 
_struct_keywords.entry_id        4P5Y 
_struct_keywords.text            'B-sandwich, carbohydrate-binding, N-acetylgalactosamine, SUGAR BINDING PROTEIN' 
_struct_keywords.pdbx_keywords   'SUGAR BINDING PROTEIN' 
# 
loop_
_struct_asym.id 
_struct_asym.pdbx_blank_PDB_chainid_flag 
_struct_asym.pdbx_modified 
_struct_asym.entity_id 
_struct_asym.details 
A N N 1 ? 
B N N 2 ? 
C N N 3 ? 
D N N 4 ? 
# 
loop_
_struct_conf.conf_type_id 
_struct_conf.id 
_struct_conf.pdbx_PDB_helix_id 
_struct_conf.beg_label_comp_id 
_struct_conf.beg_label_asym_id 
_struct_conf.beg_label_seq_id 
_struct_conf.pdbx_beg_PDB_ins_code 
_struct_conf.end_label_comp_id 
_struct_conf.end_label_asym_id 
_struct_conf.end_label_seq_id 
_struct_conf.pdbx_end_PDB_ins_code 
_struct_conf.beg_auth_comp_id 
_struct_conf.beg_auth_asym_id 
_struct_conf.beg_auth_seq_id 
_struct_conf.end_auth_comp_id 
_struct_conf.end_auth_asym_id 
_struct_conf.end_auth_seq_id 
_struct_conf.pdbx_PDB_helix_class 
_struct_conf.details 
_struct_conf.pdbx_PDB_helix_length 
HELX_P HELX_P1 AA1 ASP A 22 ? SER A 24 ? ASP A 17 SER A 19 5 ? 3 
HELX_P HELX_P2 AA2 TYR A 39 ? VAL A 44 ? TYR A 34 VAL A 39 5 ? 6 
# 
_struct_conf_type.id          HELX_P 
_struct_conf_type.criteria    ? 
_struct_conf_type.reference   ? 
# 
loop_
_struct_conn.id 
_struct_conn.conn_type_id 
_struct_conn.pdbx_leaving_atom_flag 
_struct_conn.pdbx_PDB_id 
_struct_conn.ptnr1_label_asym_id 
_struct_conn.ptnr1_label_comp_id 
_struct_conn.ptnr1_label_seq_id 
_struct_conn.ptnr1_label_atom_id 
_struct_conn.pdbx_ptnr1_label_alt_id 
_struct_conn.pdbx_ptnr1_PDB_ins_code 
_struct_conn.pdbx_ptnr1_standard_comp_id 
_struct_conn.ptnr1_symmetry 
_struct_conn.ptnr2_label_asym_id 
_struct_conn.ptnr2_label_comp_id 
_struct_conn.ptnr2_label_seq_id 
_struct_conn.ptnr2_label_atom_id 
_struct_conn.pdbx_ptnr2_label_alt_id 
_struct_conn.pdbx_ptnr2_PDB_ins_code 
_struct_conn.ptnr1_auth_asym_id 
_struct_conn.ptnr1_auth_comp_id 
_struct_conn.ptnr1_auth_seq_id 
_struct_conn.ptnr2_auth_asym_id 
_struct_conn.ptnr2_auth_comp_id 
_struct_conn.ptnr2_auth_seq_id 
_struct_conn.ptnr2_symmetry 
_struct_conn.pdbx_ptnr3_label_atom_id 
_struct_conn.pdbx_ptnr3_label_seq_id 
_struct_conn.pdbx_ptnr3_label_comp_id 
_struct_conn.pdbx_ptnr3_label_asym_id 
_struct_conn.pdbx_ptnr3_label_alt_id 
_struct_conn.pdbx_ptnr3_PDB_ins_code 
_struct_conn.details 
_struct_conn.pdbx_dist_value 
_struct_conn.pdbx_value_order 
_struct_conn.pdbx_role 
metalc1 metalc ? ? A ASN 42  O   ? ? ? 1_555 C CA . CA ? ? A ASN 37  A CA 202 1_555 ? ? ? ? ? ? ? 2.231 ? ? 
metalc2 metalc ? ? A ASP 45  OD1 ? ? ? 1_555 C CA . CA ? ? A ASP 40  A CA 202 1_555 ? ? ? ? ? ? ? 2.521 ? ? 
metalc3 metalc ? ? A ASP 47  O   ? ? ? 1_555 C CA . CA ? ? A ASP 42  A CA 202 1_555 ? ? ? ? ? ? ? 2.363 ? ? 
metalc4 metalc ? ? A THR 50  O   ? ? ? 1_555 C CA . CA ? ? A THR 45  A CA 202 1_555 ? ? ? ? ? ? ? 2.582 ? ? 
metalc5 metalc ? ? A THR 50  OG1 ? ? ? 1_555 C CA . CA ? ? A THR 45  A CA 202 1_555 ? ? ? ? ? ? ? 2.400 ? ? 
metalc6 metalc ? ? A ALA 160 O   ? ? ? 1_555 C CA . CA ? ? A ALA 155 A CA 202 1_555 ? ? ? ? ? ? ? 2.423 ? ? 
# 
_struct_conn_type.id          metalc 
_struct_conn_type.criteria    ? 
_struct_conn_type.reference   ? 
# 
_struct_mon_prot_cis.pdbx_id                1 
_struct_mon_prot_cis.label_comp_id          LEU 
_struct_mon_prot_cis.label_seq_id           62 
_struct_mon_prot_cis.label_asym_id          A 
_struct_mon_prot_cis.label_alt_id           . 
_struct_mon_prot_cis.pdbx_PDB_ins_code      ? 
_struct_mon_prot_cis.auth_comp_id           LEU 
_struct_mon_prot_cis.auth_seq_id            57 
_struct_mon_prot_cis.auth_asym_id           A 
_struct_mon_prot_cis.pdbx_label_comp_id_2   PRO 
_struct_mon_prot_cis.pdbx_label_seq_id_2    63 
_struct_mon_prot_cis.pdbx_label_asym_id_2   A 
_struct_mon_prot_cis.pdbx_PDB_ins_code_2    ? 
_struct_mon_prot_cis.pdbx_auth_comp_id_2    PRO 
_struct_mon_prot_cis.pdbx_auth_seq_id_2     58 
_struct_mon_prot_cis.pdbx_auth_asym_id_2    A 
_struct_mon_prot_cis.pdbx_PDB_model_num     1 
_struct_mon_prot_cis.pdbx_omega_angle       -3.59 
# 
loop_
_struct_sheet.id 
_struct_sheet.type 
_struct_sheet.number_strands 
_struct_sheet.details 
AA1 ? 5 ? 
AA2 ? 3 ? 
AA3 ? 2 ? 
# 
loop_
_struct_sheet_order.sheet_id 
_struct_sheet_order.range_id_1 
_struct_sheet_order.range_id_2 
_struct_sheet_order.offset 
_struct_sheet_order.sense 
AA1 1 2 ? anti-parallel 
AA1 2 3 ? anti-parallel 
AA1 3 4 ? anti-parallel 
AA1 4 5 ? anti-parallel 
AA2 1 2 ? anti-parallel 
AA2 2 3 ? anti-parallel 
AA3 1 2 ? anti-parallel 
# 
loop_
_struct_sheet_range.sheet_id 
_struct_sheet_range.id 
_struct_sheet_range.beg_label_comp_id 
_struct_sheet_range.beg_label_asym_id 
_struct_sheet_range.beg_label_seq_id 
_struct_sheet_range.pdbx_beg_PDB_ins_code 
_struct_sheet_range.end_label_comp_id 
_struct_sheet_range.end_label_asym_id 
_struct_sheet_range.end_label_seq_id 
_struct_sheet_range.pdbx_end_PDB_ins_code 
_struct_sheet_range.beg_auth_comp_id 
_struct_sheet_range.beg_auth_asym_id 
_struct_sheet_range.beg_auth_seq_id 
_struct_sheet_range.end_auth_comp_id 
_struct_sheet_range.end_auth_asym_id 
_struct_sheet_range.end_auth_seq_id 
AA1 1 LEU A 26  ? ALA A 31  ? LEU A 21  ALA A 26  
AA1 2 VAL A 64  ? LEU A 82  ? VAL A 59  LEU A 77  
AA1 3 ASN A 129 ? THR A 148 ? ASN A 124 THR A 143 
AA1 4 VAL A 92  ? SER A 100 ? VAL A 87  SER A 95  
AA1 5 THR A 107 ? ASN A 113 ? THR A 102 ASN A 108 
AA2 1 LEU A 26  ? ALA A 31  ? LEU A 21  ALA A 26  
AA2 2 VAL A 64  ? LEU A 82  ? VAL A 59  LEU A 77  
AA2 3 GLU A 161 ? LYS A 167 ? GLU A 156 LYS A 162 
AA3 1 TRP A 52  ? HIS A 53  ? TRP A 47  HIS A 48  
AA3 2 SER A 158 ? ALA A 159 ? SER A 153 ALA A 154 
# 
loop_
_pdbx_struct_sheet_hbond.sheet_id 
_pdbx_struct_sheet_hbond.range_id_1 
_pdbx_struct_sheet_hbond.range_id_2 
_pdbx_struct_sheet_hbond.range_1_label_atom_id 
_pdbx_struct_sheet_hbond.range_1_label_comp_id 
_pdbx_struct_sheet_hbond.range_1_label_asym_id 
_pdbx_struct_sheet_hbond.range_1_label_seq_id 
_pdbx_struct_sheet_hbond.range_1_PDB_ins_code 
_pdbx_struct_sheet_hbond.range_1_auth_atom_id 
_pdbx_struct_sheet_hbond.range_1_auth_comp_id 
_pdbx_struct_sheet_hbond.range_1_auth_asym_id 
_pdbx_struct_sheet_hbond.range_1_auth_seq_id 
_pdbx_struct_sheet_hbond.range_2_label_atom_id 
_pdbx_struct_sheet_hbond.range_2_label_comp_id 
_pdbx_struct_sheet_hbond.range_2_label_asym_id 
_pdbx_struct_sheet_hbond.range_2_label_seq_id 
_pdbx_struct_sheet_hbond.range_2_PDB_ins_code 
_pdbx_struct_sheet_hbond.range_2_auth_atom_id 
_pdbx_struct_sheet_hbond.range_2_auth_comp_id 
_pdbx_struct_sheet_hbond.range_2_auth_asym_id 
_pdbx_struct_sheet_hbond.range_2_auth_seq_id 
AA1 1 2 N GLU A 27  ? N GLU A 22  O LYS A 69  ? O LYS A 64  
AA1 2 3 N TYR A 74  ? N TYR A 69  O ALA A 138 ? O ALA A 133 
AA1 3 4 O LEU A 146 ? O LEU A 141 N GLU A 94  ? N GLU A 89  
AA1 4 5 N ILE A 97  ? N ILE A 92  O VAL A 109 ? O VAL A 104 
AA2 1 2 N GLU A 27  ? N GLU A 22  O LYS A 69  ? O LYS A 64  
AA2 2 3 N LEU A 82  ? N LEU A 77  O GLU A 161 ? O GLU A 156 
AA3 1 2 N TRP A 52  ? N TRP A 47  O ALA A 159 ? O ALA A 154 
# 
_atom_sites.entry_id                    4P5Y 
_atom_sites.fract_transf_matrix[1][1]   -0.01377846 
_atom_sites.fract_transf_matrix[1][2]   -0.00804307 
_atom_sites.fract_transf_matrix[1][3]   -0.00416138 
_atom_sites.fract_transf_matrix[2][1]   0.00396076 
_atom_sites.fract_transf_matrix[2][2]   -0.01216589 
_atom_sites.fract_transf_matrix[2][3]   0.01039989 
_atom_sites.fract_transf_matrix[3][1]   -0.00590727 
_atom_sites.fract_transf_matrix[3][2]   0.00557900 
_atom_sites.fract_transf_matrix[3][3]   0.00877613 
_atom_sites.fract_transf_vector[1]      -0.176134 
_atom_sites.fract_transf_vector[2]      0.327853 
_atom_sites.fract_transf_vector[3]      -0.047357 
# 
loop_
_atom_type.symbol 
C  
CA 
H  
N  
O  
# 
loop_
_atom_site.group_PDB 
_atom_site.id 
_atom_site.type_symbol 
_atom_site.label_atom_id 
_atom_site.label_alt_id 
_atom_site.label_comp_id 
_atom_site.label_asym_id 
_atom_site.label_entity_id 
_atom_site.label_seq_id 
_atom_site.pdbx_PDB_ins_code 
_atom_site.Cartn_x 
_atom_site.Cartn_y 
_atom_site.Cartn_z 
_atom_site.occupancy 
_atom_site.B_iso_or_equiv 
_atom_site.pdbx_formal_charge 
_atom_site.auth_seq_id 
_atom_site.auth_comp_id 
_atom_site.auth_asym_id 
_atom_site.auth_atom_id 
_atom_site.pdbx_PDB_model_num 
ATOM   1    N  N   . LEU A 1 11  ? 0.578   -19.498 -5.786  1.00 41.81 ? 6   LEU A N   1 
ATOM   2    C  CA  . LEU A 1 11  ? 1.473   -18.666 -6.590  1.00 49.87 ? 6   LEU A CA  1 
ATOM   3    C  C   . LEU A 1 11  ? 1.996   -17.487 -5.780  1.00 53.30 ? 6   LEU A C   1 
ATOM   4    O  O   . LEU A 1 11  ? 3.066   -16.952 -6.062  1.00 52.22 ? 6   LEU A O   1 
ATOM   5    C  CB  . LEU A 1 11  ? 0.754   -18.147 -7.833  1.00 51.10 ? 6   LEU A CB  1 
ATOM   6    C  CG  . LEU A 1 11  ? 1.516   -17.706 -9.086  1.00 45.98 ? 6   LEU A CG  1 
ATOM   7    C  CD1 . LEU A 1 11  ? 0.805   -16.526 -9.711  1.00 42.87 ? 6   LEU A CD1 1 
ATOM   8    C  CD2 . LEU A 1 11  ? 2.970   -17.384 -8.812  1.00 58.47 ? 6   LEU A CD2 1 
ATOM   9    N  N   . TYR A 1 12  ? 1.225   -17.074 -4.779  1.00 53.20 ? 7   TYR A N   1 
ATOM   10   C  CA  . TYR A 1 12  ? 1.661   -16.016 -3.869  1.00 50.28 ? 7   TYR A CA  1 
ATOM   11   C  C   . TYR A 1 12  ? 2.514   -16.570 -2.728  1.00 47.84 ? 7   TYR A C   1 
ATOM   12   O  O   . TYR A 1 12  ? 2.825   -17.759 -2.699  1.00 52.59 ? 7   TYR A O   1 
ATOM   13   C  CB  . TYR A 1 12  ? 0.451   -15.274 -3.303  1.00 49.87 ? 7   TYR A CB  1 
ATOM   14   C  CG  . TYR A 1 12  ? -0.305  -14.488 -4.346  1.00 52.53 ? 7   TYR A CG  1 
ATOM   15   C  CD1 . TYR A 1 12  ? 0.307   -13.429 -5.012  1.00 46.88 ? 7   TYR A CD1 1 
ATOM   16   C  CD2 . TYR A 1 12  ? -1.628  -14.792 -4.661  1.00 49.05 ? 7   TYR A CD2 1 
ATOM   17   C  CE1 . TYR A 1 12  ? -0.364  -12.696 -5.963  1.00 41.54 ? 7   TYR A CE1 1 
ATOM   18   C  CE2 . TYR A 1 12  ? -2.318  -14.055 -5.615  1.00 42.60 ? 7   TYR A CE2 1 
ATOM   19   C  CZ  . TYR A 1 12  ? -1.673  -13.009 -6.260  1.00 47.59 ? 7   TYR A CZ  1 
ATOM   20   O  OH  . TYR A 1 12  ? -2.320  -12.263 -7.214  1.00 53.69 ? 7   TYR A OH  1 
ATOM   21   N  N   . LYS A 1 13  ? 2.915   -15.701 -1.805  1.00 49.94 ? 8   LYS A N   1 
ATOM   22   C  CA  . LYS A 1 13  ? 3.420   -16.155 -0.511  1.00 45.22 ? 8   LYS A CA  1 
ATOM   23   C  C   . LYS A 1 13  ? 2.524   -15.612 0.601   1.00 49.09 ? 8   LYS A C   1 
ATOM   24   O  O   . LYS A 1 13  ? 1.903   -14.545 0.454   1.00 40.37 ? 8   LYS A O   1 
ATOM   25   C  CB  . LYS A 1 13  ? 4.872   -15.726 -0.286  1.00 45.01 ? 8   LYS A CB  1 
ATOM   26   C  CG  . LYS A 1 13  ? 5.476   -14.934 -1.429  1.00 44.13 ? 8   LYS A CG  1 
ATOM   27   C  CD  . LYS A 1 13  ? 6.976   -14.747 -1.237  1.00 44.66 ? 8   LYS A CD  1 
ATOM   28   C  CE  . LYS A 1 13  ? 7.583   -13.945 -2.374  1.00 43.59 ? 8   LYS A CE  1 
ATOM   29   N  NZ  . LYS A 1 13  ? 7.525   -14.663 -3.685  1.00 52.67 ? 8   LYS A NZ  1 
ATOM   30   N  N   . LYS A 1 14  ? 2.439   -16.366 1.696   1.00 58.11 ? 9   LYS A N   1 
ATOM   31   C  CA  . LYS A 1 14  ? 1.672   -15.965 2.873   1.00 50.74 ? 9   LYS A CA  1 
ATOM   32   C  C   . LYS A 1 14  ? 2.605   -15.259 3.854   1.00 44.59 ? 9   LYS A C   1 
ATOM   33   O  O   . LYS A 1 14  ? 3.799   -15.131 3.582   1.00 41.19 ? 9   LYS A O   1 
ATOM   34   C  CB  . LYS A 1 14  ? 0.997   -17.178 3.522   1.00 43.53 ? 9   LYS A CB  1 
ATOM   35   N  N   . ALA A 1 15  ? 2.062   -14.814 4.987   1.00 46.13 ? 10  ALA A N   1 
ATOM   36   C  CA  . ALA A 1 15  ? 2.810   -14.010 5.962   1.00 45.95 ? 10  ALA A CA  1 
ATOM   37   C  C   . ALA A 1 15  ? 4.047   -14.716 6.519   1.00 49.26 ? 10  ALA A C   1 
ATOM   38   O  O   . ALA A 1 15  ? 4.952   -14.071 7.067   1.00 59.09 ? 10  ALA A O   1 
ATOM   39   C  CB  . ALA A 1 15  ? 1.891   -13.595 7.114   1.00 49.70 ? 10  ALA A CB  1 
ATOM   40   N  N   . GLY A 1 16  ? 4.087   -16.037 6.382   1.00 44.06 ? 11  GLY A N   1 
ATOM   41   C  CA  . GLY A 1 16  ? 5.173   -16.814 6.948   1.00 42.13 ? 11  GLY A CA  1 
ATOM   42   C  C   . GLY A 1 16  ? 6.240   -17.163 5.939   1.00 38.14 ? 11  GLY A C   1 
ATOM   43   O  O   . GLY A 1 16  ? 6.869   -18.215 6.035   1.00 39.54 ? 11  GLY A O   1 
ATOM   44   N  N   . SER A 1 17  ? 6.443   -16.288 4.960   1.00 36.87 ? 12  SER A N   1 
ATOM   45   C  CA  . SER A 1 17  ? 7.503   -16.500 3.993   1.00 34.11 ? 12  SER A CA  1 
ATOM   46   C  C   . SER A 1 17  ? 8.784   -16.152 4.686   1.00 37.54 ? 12  SER A C   1 
ATOM   47   O  O   . SER A 1 17  ? 8.828   -15.222 5.493   1.00 36.31 ? 12  SER A O   1 
ATOM   48   C  CB  . SER A 1 17  ? 7.321   -15.644 2.736   1.00 39.90 ? 12  SER A CB  1 
ATOM   49   O  OG  . SER A 1 17  ? 8.189   -16.070 1.700   1.00 36.01 ? 12  SER A OG  1 
ATOM   50   N  N   . GLU A 1 18  ? 9.830   -16.906 4.380   1.00 40.33 ? 13  GLU A N   1 
ATOM   51   C  CA  . GLU A 1 18  ? 11.143  -16.608 4.907   1.00 34.19 ? 13  GLU A CA  1 
ATOM   52   C  C   . GLU A 1 18  ? 11.590  -15.233 4.421   1.00 38.24 ? 13  GLU A C   1 
ATOM   53   O  O   . GLU A 1 18  ? 12.559  -14.671 4.921   1.00 43.40 ? 13  GLU A O   1 
ATOM   54   C  CB  . GLU A 1 18  ? 12.135  -17.681 4.483   1.00 33.75 ? 13  GLU A CB  1 
ATOM   55   C  CG  . GLU A 1 18  ? 12.547  -17.595 3.036   1.00 39.87 ? 13  GLU A CG  1 
ATOM   56   C  CD  . GLU A 1 18  ? 12.564  -18.950 2.364   1.00 41.25 ? 13  GLU A CD  1 
ATOM   57   O  OE1 . GLU A 1 18  ? 13.618  -19.610 2.396   1.00 34.89 ? 13  GLU A OE1 1 
ATOM   58   O  OE2 . GLU A 1 18  ? 11.520  -19.360 1.808   1.00 44.16 ? 13  GLU A OE2 1 
ATOM   59   N  N   . PHE A 1 19  ? 10.861  -14.682 3.456   1.00 39.62 ? 14  PHE A N   1 
ATOM   60   C  CA  . PHE A 1 19  ? 11.242  -13.417 2.847   1.00 39.32 ? 14  PHE A CA  1 
ATOM   61   C  C   . PHE A 1 19  ? 10.543  -12.201 3.441   1.00 33.49 ? 14  PHE A C   1 
ATOM   62   O  O   . PHE A 1 19  ? 10.904  -11.072 3.120   1.00 34.60 ? 14  PHE A O   1 
ATOM   63   C  CB  . PHE A 1 19  ? 10.957  -13.460 1.356   1.00 43.48 ? 14  PHE A CB  1 
ATOM   64   C  CG  . PHE A 1 19  ? 11.547  -14.641 0.664   1.00 41.25 ? 14  PHE A CG  1 
ATOM   65   C  CD1 . PHE A 1 19  ? 12.873  -14.987 0.867   1.00 46.56 ? 14  PHE A CD1 1 
ATOM   66   C  CD2 . PHE A 1 19  ? 10.770  -15.413 -0.184  1.00 45.46 ? 14  PHE A CD2 1 
ATOM   67   C  CE1 . PHE A 1 19  ? 13.413  -16.081 0.221   1.00 51.63 ? 14  PHE A CE1 1 
ATOM   68   C  CE2 . PHE A 1 19  ? 11.304  -16.512 -0.830  1.00 51.09 ? 14  PHE A CE2 1 
ATOM   69   C  CZ  . PHE A 1 19  ? 12.631  -16.848 -0.625  1.00 55.69 ? 14  PHE A CZ  1 
ATOM   70   N  N   . ALA A 1 20  ? 9.542   -12.421 4.289   1.00 33.81 ? 15  ALA A N   1 
ATOM   71   C  CA  . ALA A 1 20  ? 8.755   -11.312 4.832   1.00 30.32 ? 15  ALA A CA  1 
ATOM   72   C  C   . ALA A 1 20  ? 9.633   -10.387 5.647   1.00 30.56 ? 15  ALA A C   1 
ATOM   73   O  O   . ALA A 1 20  ? 10.096  -10.754 6.714   1.00 36.64 ? 15  ALA A O   1 
ATOM   74   C  CB  . ALA A 1 20  ? 7.613   -11.824 5.673   1.00 26.49 ? 15  ALA A CB  1 
ATOM   75   N  N   . LEU A 1 21  ? 9.874   -9.185  5.134   1.00 30.44 ? 16  LEU A N   1 
ATOM   76   C  CA  . LEU A 1 21  ? 10.672  -8.206  5.860   1.00 32.22 ? 16  LEU A CA  1 
ATOM   77   C  C   . LEU A 1 21  ? 9.938   -7.756  7.107   1.00 29.58 ? 16  LEU A C   1 
ATOM   78   O  O   . LEU A 1 21  ? 8.715   -7.648  7.114   1.00 31.10 ? 16  LEU A O   1 
ATOM   79   C  CB  . LEU A 1 21  ? 10.994  -6.993  4.979   1.00 34.97 ? 16  LEU A CB  1 
ATOM   80   C  CG  . LEU A 1 21  ? 11.916  -7.198  3.781   1.00 28.89 ? 16  LEU A CG  1 
ATOM   81   C  CD1 . LEU A 1 21  ? 12.353  -5.849  3.274   1.00 29.03 ? 16  LEU A CD1 1 
ATOM   82   C  CD2 . LEU A 1 21  ? 13.104  -8.009  4.214   1.00 33.12 ? 16  LEU A CD2 1 
ATOM   83   N  N   . ASP A 1 22  ? 10.671  -7.486  8.173   1.00 36.61 ? 17  ASP A N   1 
ATOM   84   C  CA  . ASP A 1 22  ? 10.003  -7.025  9.371   1.00 33.41 ? 17  ASP A CA  1 
ATOM   85   C  C   . ASP A 1 22  ? 9.738   -5.541  9.233   1.00 32.85 ? 17  ASP A C   1 
ATOM   86   O  O   . ASP A 1 22  ? 10.555  -4.814  8.664   1.00 31.57 ? 17  ASP A O   1 
ATOM   87   C  CB  . ASP A 1 22  ? 10.819  -7.309  10.626  1.00 31.29 ? 17  ASP A CB  1 
ATOM   88   C  CG  . ASP A 1 22  ? 10.116  -6.823  11.875  1.00 42.33 ? 17  ASP A CG  1 
ATOM   89   O  OD1 . ASP A 1 22  ? 9.090   -7.435  12.254  1.00 45.78 ? 17  ASP A OD1 1 
ATOM   90   O  OD2 . ASP A 1 22  ? 10.564  -5.812  12.456  1.00 43.35 ? 17  ASP A OD2 1 
ATOM   91   N  N   . SER A 1 23  ? 8.601   -5.099  9.762   1.00 30.90 ? 18  SER A N   1 
ATOM   92   C  CA  . SER A 1 23  ? 8.163   -3.720  9.602   1.00 30.12 ? 18  SER A CA  1 
ATOM   93   C  C   . SER A 1 23  ? 9.171   -2.752  10.203  1.00 33.64 ? 18  SER A C   1 
ATOM   94   O  O   . SER A 1 23  ? 9.186   -1.563  9.864   1.00 34.65 ? 18  SER A O   1 
ATOM   95   C  CB  . SER A 1 23  ? 6.790   -3.507  10.235  1.00 28.97 ? 18  SER A CB  1 
ATOM   96   O  OG  . SER A 1 23  ? 6.911   -3.279  11.620  1.00 30.04 ? 18  SER A OG  1 
ATOM   97   N  N   . SER A 1 24  ? 10.029  -3.257  11.084  1.00 31.51 ? 19  SER A N   1 
ATOM   98   C  CA  . SER A 1 24  ? 11.118  -2.430  11.595  1.00 34.29 ? 19  SER A CA  1 
ATOM   99   C  C   . SER A 1 24  ? 12.064  -2.033  10.466  1.00 29.95 ? 19  SER A C   1 
ATOM   100  O  O   . SER A 1 24  ? 12.789  -1.061  10.578  1.00 34.49 ? 19  SER A O   1 
ATOM   101  C  CB  . SER A 1 24  ? 11.900  -3.153  12.687  1.00 28.19 ? 19  SER A CB  1 
ATOM   102  O  OG  . SER A 1 24  ? 12.609  -4.256  12.151  1.00 33.52 ? 19  SER A OG  1 
ATOM   103  N  N   . LYS A 1 25  ? 12.064  -2.796  9.381   1.00 27.39 ? 20  LYS A N   1 
ATOM   104  C  CA  . LYS A 1 25  ? 12.929  -2.483  8.254   1.00 29.95 ? 20  LYS A CA  1 
ATOM   105  C  C   . LYS A 1 25  ? 12.383  -1.351  7.397   1.00 29.00 ? 20  LYS A C   1 
ATOM   106  O  O   . LYS A 1 25  ? 13.092  -0.837  6.537   1.00 34.36 ? 20  LYS A O   1 
ATOM   107  C  CB  . LYS A 1 25  ? 13.141  -3.711  7.372   1.00 29.51 ? 20  LYS A CB  1 
ATOM   108  C  CG  . LYS A 1 25  ? 13.753  -4.888  8.090   1.00 41.38 ? 20  LYS A CG  1 
ATOM   109  C  CD  . LYS A 1 25  ? 14.992  -4.469  8.859   1.00 38.67 ? 20  LYS A CD  1 
ATOM   110  C  CE  . LYS A 1 25  ? 15.537  -5.620  9.700   1.00 42.08 ? 20  LYS A CE  1 
ATOM   111  N  NZ  . LYS A 1 25  ? 16.670  -5.164  10.571  1.00 45.22 ? 20  LYS A NZ  1 
ATOM   112  N  N   . LEU A 1 26  ? 11.129  -0.967  7.619   1.00 25.79 ? 21  LEU A N   1 
ATOM   113  C  CA  . LEU A 1 26  ? 10.475  -0.002  6.735   1.00 23.56 ? 21  LEU A CA  1 
ATOM   114  C  C   . LEU A 1 26  ? 10.277  1.379   7.354   1.00 23.70 ? 21  LEU A C   1 
ATOM   115  O  O   . LEU A 1 26  ? 10.164  1.522   8.571   1.00 26.44 ? 21  LEU A O   1 
ATOM   116  C  CB  . LEU A 1 26  ? 9.123   -0.544  6.292   1.00 25.27 ? 21  LEU A CB  1 
ATOM   117  C  CG  . LEU A 1 26  ? 9.095   -2.042  5.998   1.00 27.82 ? 21  LEU A CG  1 
ATOM   118  C  CD1 . LEU A 1 26  ? 7.665   -2.462  5.710   1.00 28.12 ? 21  LEU A CD1 1 
ATOM   119  C  CD2 . LEU A 1 26  ? 10.032  -2.389  4.832   1.00 26.66 ? 21  LEU A CD2 1 
ATOM   120  N  N   . GLU A 1 27  ? 10.227  2.394   6.499   1.00 24.05 ? 22  GLU A N   1 
ATOM   121  C  CA  . GLU A 1 27  ? 9.933   3.752   6.929   1.00 23.45 ? 22  GLU A CA  1 
ATOM   122  C  C   . GLU A 1 27  ? 9.152   4.504   5.851   1.00 24.29 ? 22  GLU A C   1 
ATOM   123  O  O   . GLU A 1 27  ? 9.577   4.575   4.699   1.00 26.22 ? 22  GLU A O   1 
ATOM   124  C  CB  . GLU A 1 27  ? 11.227  4.497   7.267   1.00 29.15 ? 22  GLU A CB  1 
ATOM   125  C  CG  . GLU A 1 27  ? 11.024  5.953   7.668   1.00 34.49 ? 22  GLU A CG  1 
ATOM   126  C  CD  . GLU A 1 27  ? 12.319  6.755   7.684   1.00 33.96 ? 22  GLU A CD  1 
ATOM   127  O  OE1 . GLU A 1 27  ? 13.385  6.199   7.327   1.00 33.50 ? 22  GLU A OE1 1 
ATOM   128  O  OE2 . GLU A 1 27  ? 12.264  7.947   8.056   1.00 32.05 ? 22  GLU A OE2 1 
ATOM   129  N  N   . ALA A 1 28  ? 8.003   5.060   6.220   1.00 25.83 ? 23  ALA A N   1 
ATOM   130  C  CA  . ALA A 1 28  ? 7.237   5.863   5.280   1.00 28.26 ? 23  ALA A CA  1 
ATOM   131  C  C   . ALA A 1 28  ? 7.866   7.252   5.200   1.00 28.15 ? 23  ALA A C   1 
ATOM   132  O  O   . ALA A 1 28  ? 7.818   8.033   6.153   1.00 28.31 ? 23  ALA A O   1 
ATOM   133  C  CB  . ALA A 1 28  ? 5.748   5.944   5.695   1.00 28.67 ? 23  ALA A CB  1 
ATOM   134  N  N   . ILE A 1 29  ? 8.481   7.566   4.073   1.00 22.64 ? 24  ILE A N   1 
ATOM   135  C  CA  . ILE A 1 29  ? 9.159   8.847   3.993   1.00 24.37 ? 24  ILE A CA  1 
ATOM   136  C  C   . ILE A 1 29  ? 8.269   9.890   3.354   1.00 25.01 ? 24  ILE A C   1 
ATOM   137  O  O   . ILE A 1 29  ? 8.498   11.080  3.507   1.00 26.87 ? 24  ILE A O   1 
ATOM   138  C  CB  . ILE A 1 29  ? 10.488  8.755   3.215   1.00 27.68 ? 24  ILE A CB  1 
ATOM   139  C  CG1 . ILE A 1 29  ? 10.266  8.264   1.784   1.00 19.99 ? 24  ILE A CG1 1 
ATOM   140  C  CG2 . ILE A 1 29  ? 11.470  7.837   3.947   1.00 27.23 ? 24  ILE A CG2 1 
ATOM   141  C  CD1 . ILE A 1 29  ? 11.545  8.192   1.011   1.00 16.00 ? 24  ILE A CD1 1 
ATOM   142  N  N   . TYR A 1 30  ? 7.233   9.456   2.656   1.00 30.29 ? 25  TYR A N   1 
ATOM   143  C  CA  . TYR A 1 30  ? 6.381   10.422  1.985   1.00 24.71 ? 25  TYR A CA  1 
ATOM   144  C  C   . TYR A 1 30  ? 5.005   9.868   1.632   1.00 22.26 ? 25  TYR A C   1 
ATOM   145  O  O   . TYR A 1 30  ? 4.862   8.690   1.338   1.00 27.43 ? 25  TYR A O   1 
ATOM   146  C  CB  . TYR A 1 30  ? 7.099   10.931  0.733   1.00 25.47 ? 25  TYR A CB  1 
ATOM   147  C  CG  . TYR A 1 30  ? 6.225   11.721  -0.198  1.00 29.49 ? 25  TYR A CG  1 
ATOM   148  C  CD1 . TYR A 1 30  ? 6.149   13.112  -0.112  1.00 31.87 ? 25  TYR A CD1 1 
ATOM   149  C  CD2 . TYR A 1 30  ? 5.465   11.078  -1.167  1.00 29.14 ? 25  TYR A CD2 1 
ATOM   150  C  CE1 . TYR A 1 30  ? 5.328   13.841  -0.973  1.00 32.75 ? 25  TYR A CE1 1 
ATOM   151  C  CE2 . TYR A 1 30  ? 4.649   11.789  -2.027  1.00 30.59 ? 25  TYR A CE2 1 
ATOM   152  C  CZ  . TYR A 1 30  ? 4.585   13.163  -1.928  1.00 33.65 ? 25  TYR A CZ  1 
ATOM   153  O  OH  . TYR A 1 30  ? 3.774   13.841  -2.798  1.00 38.28 ? 25  TYR A OH  1 
ATOM   154  N  N   . ALA A 1 31  ? 3.997   10.732  1.682   1.00 26.62 ? 26  ALA A N   1 
ATOM   155  C  CA  . ALA A 1 31  ? 2.661   10.427  1.190   1.00 23.76 ? 26  ALA A CA  1 
ATOM   156  C  C   . ALA A 1 31  ? 2.051   11.705  0.639   1.00 27.27 ? 26  ALA A C   1 
ATOM   157  O  O   . ALA A 1 31  ? 2.311   12.778  1.185   1.00 26.71 ? 26  ALA A O   1 
ATOM   158  C  CB  . ALA A 1 31  ? 1.812   9.862   2.271   1.00 23.19 ? 26  ALA A CB  1 
ATOM   159  N  N   . THR A 1 32  ? 1.262   11.599  -0.437  1.00 23.42 ? 27  THR A N   1 
ATOM   160  C  CA  . THR A 1 32  ? 0.624   12.769  -1.046  1.00 25.83 ? 27  THR A CA  1 
ATOM   161  C  C   . THR A 1 32  ? -0.085  13.629  -0.003  1.00 24.10 ? 27  THR A C   1 
ATOM   162  O  O   . THR A 1 32  ? 0.128   14.825  0.070   1.00 26.79 ? 27  THR A O   1 
ATOM   163  C  CB  . THR A 1 32  ? -0.417  12.385  -2.136  1.00 25.28 ? 27  THR A CB  1 
ATOM   164  O  OG1 . THR A 1 32  ? 0.172   11.509  -3.099  1.00 28.55 ? 27  THR A OG1 1 
ATOM   165  C  CG2 . THR A 1 32  ? -0.905  13.605  -2.846  1.00 21.64 ? 27  THR A CG2 1 
ATOM   166  N  N   . SER A 1 33  ? -0.940  13.012  0.801   1.00 25.10 ? 28  SER A N   1 
ATOM   167  C  CA  . SER A 1 33  ? -1.574  13.724  1.898   1.00 24.83 ? 28  SER A CA  1 
ATOM   168  C  C   . SER A 1 33  ? -1.883  12.777  3.071   1.00 25.43 ? 28  SER A C   1 
ATOM   169  O  O   . SER A 1 33  ? -1.740  11.556  2.966   1.00 23.87 ? 28  SER A O   1 
ATOM   170  C  CB  . SER A 1 33  ? -2.842  14.438  1.402   1.00 23.76 ? 28  SER A CB  1 
ATOM   171  O  OG  . SER A 1 33  ? -3.805  13.522  0.903   1.00 29.36 ? 28  SER A OG  1 
ATOM   172  N  N   . GLU A 1 34  ? -2.271  13.358  4.199   1.00 24.38 ? 29  GLU A N   1 
ATOM   173  C  CA  . GLU A 1 34  ? -2.575  12.598  5.400   1.00 20.92 ? 29  GLU A CA  1 
ATOM   174  C  C   . GLU A 1 34  ? -3.731  13.292  6.042   1.00 22.85 ? 29  GLU A C   1 
ATOM   175  O  O   . GLU A 1 34  ? -3.806  14.506  5.989   1.00 32.40 ? 29  GLU A O   1 
ATOM   176  C  CB  . GLU A 1 34  ? -1.395  12.549  6.374   1.00 24.52 ? 29  GLU A CB  1 
ATOM   177  C  CG  . GLU A 1 34  ? -0.066  12.116  5.786   1.00 26.14 ? 29  GLU A CG  1 
ATOM   178  C  CD  . GLU A 1 34  ? 1.068   12.207  6.797   1.00 30.19 ? 29  GLU A CD  1 
ATOM   179  O  OE1 . GLU A 1 34  ? 1.738   13.267  6.869   1.00 34.25 ? 29  GLU A OE1 1 
ATOM   180  O  OE2 . GLU A 1 34  ? 1.294   11.217  7.523   1.00 32.97 ? 29  GLU A OE2 1 
ATOM   181  N  N   . ALA A 1 35  ? -4.635  12.541  6.647   1.00 23.89 ? 30  ALA A N   1 
ATOM   182  C  CA  . ALA A 1 35  ? -5.800  13.149  7.255   1.00 25.15 ? 30  ALA A CA  1 
ATOM   183  C  C   . ALA A 1 35  ? -5.884  12.734  8.706   1.00 32.82 ? 30  ALA A C   1 
ATOM   184  O  O   . ALA A 1 35  ? -5.375  11.666  9.087   1.00 27.89 ? 30  ALA A O   1 
ATOM   185  C  CB  . ALA A 1 35  ? -7.064  12.752  6.514   1.00 25.56 ? 30  ALA A CB  1 
ATOM   186  N  N   . ASP A 1 36  ? -6.521  13.581  9.513   1.00 31.31 ? 31  ASP A N   1 
ATOM   187  C  CA  . ASP A 1 36  ? -6.814  13.222  10.892  1.00 31.27 ? 31  ASP A CA  1 
ATOM   188  C  C   . ASP A 1 36  ? -5.537  12.780  11.605  1.00 28.89 ? 31  ASP A C   1 
ATOM   189  O  O   . ASP A 1 36  ? -4.527  13.470  11.551  1.00 29.28 ? 31  ASP A O   1 
ATOM   190  C  CB  . ASP A 1 36  ? -7.879  12.126  10.915  1.00 31.58 ? 31  ASP A CB  1 
ATOM   191  C  CG  . ASP A 1 36  ? -9.159  12.559  10.219  1.00 32.53 ? 31  ASP A CG  1 
ATOM   192  O  OD1 . ASP A 1 36  ? -9.567  13.719  10.445  1.00 35.42 ? 31  ASP A OD1 1 
ATOM   193  O  OD2 . ASP A 1 36  ? -9.742  11.768  9.442   1.00 25.75 ? 31  ASP A OD2 1 
ATOM   194  N  N   . ARG A 1 37  ? -5.559  11.625  12.252  1.00 29.89 ? 32  ARG A N   1 
ATOM   195  C  CA  . ARG A 1 37  ? -4.324  11.127  12.850  1.00 32.92 ? 32  ARG A CA  1 
ATOM   196  C  C   . ARG A 1 37  ? -3.799  9.898   12.111  1.00 26.70 ? 32  ARG A C   1 
ATOM   197  O  O   . ARG A 1 37  ? -3.002  9.145   12.638  1.00 28.49 ? 32  ARG A O   1 
ATOM   198  C  CB  . ARG A 1 37  ? -4.532  10.799  14.330  1.00 35.05 ? 32  ARG A CB  1 
ATOM   199  C  CG  . ARG A 1 37  ? -4.588  12.009  15.251  1.00 32.21 ? 32  ARG A CG  1 
ATOM   200  C  CD  . ARG A 1 37  ? -4.513  11.543  16.704  1.00 39.71 ? 32  ARG A CD  1 
ATOM   201  N  NE  . ARG A 1 37  ? -5.141  12.479  17.631  1.00 39.29 ? 32  ARG A NE  1 
ATOM   202  C  CZ  . ARG A 1 37  ? -6.455  12.594  17.793  1.00 41.49 ? 32  ARG A CZ  1 
ATOM   203  N  NH1 . ARG A 1 37  ? -7.280  11.840  17.082  1.00 45.05 ? 32  ARG A NH1 1 
ATOM   204  N  NH2 . ARG A 1 37  ? -6.946  13.466  18.662  1.00 45.44 ? 32  ARG A NH2 1 
ATOM   205  N  N   . ASP A 1 38  ? -4.242  9.710   10.878  1.00 29.20 ? 33  ASP A N   1 
ATOM   206  C  CA  . ASP A 1 38  ? -3.884  8.525   10.114  1.00 25.52 ? 33  ASP A CA  1 
ATOM   207  C  C   . ASP A 1 38  ? -2.644  8.749   9.240   1.00 25.51 ? 33  ASP A C   1 
ATOM   208  O  O   . ASP A 1 38  ? -2.738  8.899   8.025   1.00 26.07 ? 33  ASP A O   1 
ATOM   209  C  CB  . ASP A 1 38  ? -5.088  8.102   9.288   1.00 23.48 ? 33  ASP A CB  1 
ATOM   210  C  CG  . ASP A 1 38  ? -6.269  7.737   10.163  1.00 26.33 ? 33  ASP A CG  1 
ATOM   211  O  OD1 . ASP A 1 38  ? -6.018  7.341   11.319  1.00 26.21 ? 33  ASP A OD1 1 
ATOM   212  O  OD2 . ASP A 1 38  ? -7.432  7.838   9.718   1.00 27.38 ? 33  ASP A OD2 1 
ATOM   213  N  N   . TYR A 1 39  ? -1.481  8.744   9.889   1.00 29.83 ? 34  TYR A N   1 
ATOM   214  C  CA  . TYR A 1 39  ? -0.208  9.141   9.277   1.00 28.63 ? 34  TYR A CA  1 
ATOM   215  C  C   . TYR A 1 39  ? 0.423   8.076   8.395   1.00 24.28 ? 34  TYR A C   1 
ATOM   216  O  O   . TYR A 1 39  ? 0.225   6.875   8.589   1.00 23.60 ? 34  TYR A O   1 
ATOM   217  C  CB  . TYR A 1 39  ? 0.804   9.535   10.372  1.00 28.96 ? 34  TYR A CB  1 
ATOM   218  C  CG  . TYR A 1 39  ? 0.240   10.509  11.363  1.00 29.78 ? 34  TYR A CG  1 
ATOM   219  C  CD1 . TYR A 1 39  ? -0.023  11.821  10.996  1.00 34.49 ? 34  TYR A CD1 1 
ATOM   220  C  CD2 . TYR A 1 39  ? -0.061  10.117  12.663  1.00 31.19 ? 34  TYR A CD2 1 
ATOM   221  C  CE1 . TYR A 1 39  ? -0.568  12.733  11.903  1.00 32.10 ? 34  TYR A CE1 1 
ATOM   222  C  CE2 . TYR A 1 39  ? -0.601  11.015  13.572  1.00 28.83 ? 34  TYR A CE2 1 
ATOM   223  C  CZ  . TYR A 1 39  ? -0.854  12.323  13.182  1.00 28.59 ? 34  TYR A CZ  1 
ATOM   224  O  OH  . TYR A 1 39  ? -1.394  13.223  14.065  1.00 36.34 ? 34  TYR A OH  1 
ATOM   225  N  N   . LYS A 1 40  ? 1.228   8.536   7.450   1.00 23.58 ? 35  LYS A N   1 
ATOM   226  C  CA  . LYS A 1 40  ? 1.912   7.646   6.529   1.00 25.02 ? 35  LYS A CA  1 
ATOM   227  C  C   . LYS A 1 40  ? 2.672   6.543   7.273   1.00 24.73 ? 35  LYS A C   1 
ATOM   228  O  O   . LYS A 1 40  ? 2.782   5.438   6.784   1.00 24.43 ? 35  LYS A O   1 
ATOM   229  C  CB  . LYS A 1 40  ? 2.858   8.444   5.630   1.00 26.01 ? 35  LYS A CB  1 
ATOM   230  C  CG  . LYS A 1 40  ? 3.970   9.181   6.374   1.00 26.83 ? 35  LYS A CG  1 
ATOM   231  C  CD  . LYS A 1 40  ? 4.862   9.928   5.405   1.00 24.94 ? 35  LYS A CD  1 
ATOM   232  C  CE  . LYS A 1 40  ? 5.956   10.739  6.115   1.00 26.73 ? 35  LYS A CE  1 
ATOM   233  N  NZ  . LYS A 1 40  ? 5.415   11.819  6.988   1.00 26.58 ? 35  LYS A NZ  1 
ATOM   234  N  N   . GLU A 1 41  ? 3.175   6.838   8.467   1.00 29.06 ? 36  GLU A N   1 
ATOM   235  C  CA  . GLU A 1 41  ? 3.911   5.835   9.244   1.00 27.47 ? 36  GLU A CA  1 
ATOM   236  C  C   . GLU A 1 41  ? 3.044   4.646   9.637   1.00 26.21 ? 36  GLU A C   1 
ATOM   237  O  O   . GLU A 1 41  ? 3.563   3.609   10.027  1.00 26.33 ? 36  GLU A O   1 
ATOM   238  C  CB  . GLU A 1 41  ? 4.515   6.447   10.522  1.00 29.14 ? 36  GLU A CB  1 
ATOM   239  C  CG  . GLU A 1 41  ? 5.599   7.495   10.296  1.00 26.97 ? 36  GLU A CG  1 
ATOM   240  C  CD  . GLU A 1 41  ? 5.033   8.833   9.836   1.00 30.79 ? 36  GLU A CD  1 
ATOM   241  O  OE1 . GLU A 1 41  ? 3.813   9.057   10.033  1.00 23.39 ? 36  GLU A OE1 1 
ATOM   242  O  OE2 . GLU A 1 41  ? 5.814   9.651   9.281   1.00 29.01 ? 36  GLU A OE2 1 
ATOM   243  N  N   . ASN A 1 42  ? 1.726   4.791   9.559   1.00 26.25 ? 37  ASN A N   1 
ATOM   244  C  CA  . ASN A 1 42  ? 0.854   3.715   10.002  1.00 23.99 ? 37  ASN A CA  1 
ATOM   245  C  C   . ASN A 1 42  ? 0.683   2.625   8.941   1.00 26.93 ? 37  ASN A C   1 
ATOM   246  O  O   . ASN A 1 42  ? 0.127   1.569   9.220   1.00 27.76 ? 37  ASN A O   1 
ATOM   247  C  CB  . ASN A 1 42  ? -0.517  4.263   10.406  1.00 29.66 ? 37  ASN A CB  1 
ATOM   248  C  CG  . ASN A 1 42  ? -0.461  5.136   11.646  1.00 25.88 ? 37  ASN A CG  1 
ATOM   249  O  OD1 . ASN A 1 42  ? 0.420   4.986   12.482  1.00 31.29 ? 37  ASN A OD1 1 
ATOM   250  N  ND2 . ASN A 1 42  ? -1.403  6.050   11.767  1.00 23.65 ? 37  ASN A ND2 1 
ATOM   251  N  N   . ALA A 1 43  ? 1.145   2.879   7.723   1.00 22.61 ? 38  ALA A N   1 
ATOM   252  C  CA  . ALA A 1 43  ? 1.074   1.872   6.672   1.00 24.07 ? 38  ALA A CA  1 
ATOM   253  C  C   . ALA A 1 43  ? 2.118   0.754   6.840   1.00 26.49 ? 38  ALA A C   1 
ATOM   254  O  O   . ALA A 1 43  ? 1.978   -0.326  6.270   1.00 25.91 ? 38  ALA A O   1 
ATOM   255  C  CB  . ALA A 1 43  ? 1.243   2.524   5.326   1.00 23.95 ? 38  ALA A CB  1 
ATOM   256  N  N   . VAL A 1 44  ? 3.174   1.016   7.604   1.00 26.45 ? 39  VAL A N   1 
ATOM   257  C  CA  . VAL A 1 44  ? 4.263   0.052   7.738   1.00 24.66 ? 39  VAL A CA  1 
ATOM   258  C  C   . VAL A 1 44  ? 4.767   -0.116  9.172   1.00 26.46 ? 39  VAL A C   1 
ATOM   259  O  O   . VAL A 1 44  ? 5.953   -0.327  9.389   1.00 23.66 ? 39  VAL A O   1 
ATOM   260  C  CB  . VAL A 1 44  ? 5.441   0.450   6.862   1.00 27.04 ? 39  VAL A CB  1 
ATOM   261  C  CG1 . VAL A 1 44  ? 5.021   0.428   5.400   1.00 29.29 ? 39  VAL A CG1 1 
ATOM   262  C  CG2 . VAL A 1 44  ? 5.962   1.828   7.273   1.00 22.45 ? 39  VAL A CG2 1 
ATOM   263  N  N   . ASP A 1 45  ? 3.855   -0.034  10.137  1.00 28.03 ? 40  ASP A N   1 
ATOM   264  C  CA  . ASP A 1 45  ? 4.184   -0.189  11.547  1.00 22.32 ? 40  ASP A CA  1 
ATOM   265  C  C   . ASP A 1 45  ? 3.851   -1.586  12.057  1.00 23.38 ? 40  ASP A C   1 
ATOM   266  O  O   . ASP A 1 45  ? 3.840   -1.825  13.254  1.00 26.48 ? 40  ASP A O   1 
ATOM   267  C  CB  . ASP A 1 45  ? 3.446   0.859   12.374  1.00 18.42 ? 40  ASP A CB  1 
ATOM   268  C  CG  . ASP A 1 45  ? 1.954   0.728   12.281  1.00 27.05 ? 40  ASP A CG  1 
ATOM   269  O  OD1 . ASP A 1 45  ? 1.476   0.036   11.361  1.00 32.62 ? 40  ASP A OD1 1 
ATOM   270  O  OD2 . ASP A 1 45  ? 1.249   1.315   13.129  1.00 27.20 ? 40  ASP A OD2 1 
ATOM   271  N  N   . GLY A 1 46  ? 3.574   -2.498  11.139  1.00 24.16 ? 41  GLY A N   1 
ATOM   272  C  CA  . GLY A 1 46  ? 3.196   -3.856  11.488  1.00 30.87 ? 41  GLY A CA  1 
ATOM   273  C  C   . GLY A 1 46  ? 1.912   -4.000  12.293  1.00 29.11 ? 41  GLY A C   1 
ATOM   274  O  O   . GLY A 1 46  ? 1.726   -4.983  12.995  1.00 30.91 ? 41  GLY A O   1 
ATOM   275  N  N   . ASP A 1 47  ? 1.004   -3.042  12.172  1.00 31.50 ? 42  ASP A N   1 
ATOM   276  C  CA  . ASP A 1 47  ? -0.156  -2.997  13.046  1.00 27.07 ? 42  ASP A CA  1 
ATOM   277  C  C   . ASP A 1 47  ? -1.480  -2.864  12.271  1.00 31.32 ? 42  ASP A C   1 
ATOM   278  O  O   . ASP A 1 47  ? -1.753  -1.829  11.663  1.00 31.75 ? 42  ASP A O   1 
ATOM   279  C  CB  . ASP A 1 47  ? 0.020   -1.833  14.031  1.00 27.79 ? 42  ASP A CB  1 
ATOM   280  C  CG  . ASP A 1 47  ? -0.965  -1.876  15.187  1.00 27.19 ? 42  ASP A CG  1 
ATOM   281  O  OD1 . ASP A 1 47  ? -1.963  -2.621  15.110  1.00 22.41 ? 42  ASP A OD1 1 
ATOM   282  O  OD2 . ASP A 1 47  ? -0.739  -1.144  16.173  1.00 25.30 ? 42  ASP A OD2 1 
ATOM   283  N  N   . GLU A 1 48  ? -2.307  -3.905  12.321  1.00 29.42 ? 43  GLU A N   1 
ATOM   284  C  CA  . GLU A 1 48  ? -3.620  -3.898  11.668  1.00 30.30 ? 43  GLU A CA  1 
ATOM   285  C  C   . GLU A 1 48  ? -4.545  -2.773  12.134  1.00 27.14 ? 43  GLU A C   1 
ATOM   286  O  O   . GLU A 1 48  ? -5.511  -2.430  11.451  1.00 23.99 ? 43  GLU A O   1 
ATOM   287  C  CB  . GLU A 1 48  ? -4.356  -5.233  11.900  1.00 31.39 ? 43  GLU A CB  1 
ATOM   288  C  CG  . GLU A 1 48  ? -3.493  -6.401  12.358  1.00 44.68 ? 43  GLU A CG  1 
ATOM   289  C  CD  . GLU A 1 48  ? -3.137  -6.340  13.837  1.00 39.19 ? 43  GLU A CD  1 
ATOM   290  O  OE1 . GLU A 1 48  ? -4.025  -6.588  14.690  1.00 30.37 ? 43  GLU A OE1 1 
ATOM   291  O  OE2 . GLU A 1 48  ? -1.956  -6.052  14.137  1.00 36.33 ? 43  GLU A OE2 1 
ATOM   292  N  N   . ASN A 1 49  ? -4.282  -2.232  13.316  1.00 28.47 ? 44  ASN A N   1 
ATOM   293  C  CA  . ASN A 1 49  ? -5.230  -1.323  13.949  1.00 28.00 ? 44  ASN A CA  1 
ATOM   294  C  C   . ASN A 1 49  ? -4.886  0.141   13.725  1.00 25.62 ? 44  ASN A C   1 
ATOM   295  O  O   . ASN A 1 49  ? -5.572  1.030   14.210  1.00 27.80 ? 44  ASN A O   1 
ATOM   296  C  CB  . ASN A 1 49  ? -5.331  -1.627  15.444  1.00 25.99 ? 44  ASN A CB  1 
ATOM   297  C  CG  . ASN A 1 49  ? -6.128  -2.889  15.723  1.00 30.57 ? 44  ASN A CG  1 
ATOM   298  O  OD1 . ASN A 1 49  ? -7.196  -3.080  15.152  1.00 31.39 ? 44  ASN A OD1 1 
ATOM   299  N  ND2 . ASN A 1 49  ? -5.601  -3.768  16.577  1.00 27.01 ? 44  ASN A ND2 1 
ATOM   300  N  N   . THR A 1 50  ? -3.815  0.389   12.990  1.00 27.95 ? 45  THR A N   1 
ATOM   301  C  CA  . THR A 1 50  ? -3.506  1.744   12.562  1.00 26.17 ? 45  THR A CA  1 
ATOM   302  C  C   . THR A 1 50  ? -3.598  1.832   11.041  1.00 27.83 ? 45  THR A C   1 
ATOM   303  O  O   . THR A 1 50  ? -3.303  0.871   10.325  1.00 28.08 ? 45  THR A O   1 
ATOM   304  C  CB  . THR A 1 50  ? -2.101  2.187   13.028  1.00 31.10 ? 45  THR A CB  1 
ATOM   305  O  OG1 . THR A 1 50  ? -1.097  1.364   12.413  1.00 31.73 ? 45  THR A OG1 1 
ATOM   306  C  CG2 . THR A 1 50  ? -1.977  2.073   14.545  1.00 27.32 ? 45  THR A CG2 1 
ATOM   307  N  N   . ILE A 1 51  ? -4.011  2.986   10.543  1.00 27.98 ? 46  ILE A N   1 
ATOM   308  C  CA  . ILE A 1 51  ? -4.012  3.190   9.109   1.00 28.01 ? 46  ILE A CA  1 
ATOM   309  C  C   . ILE A 1 51  ? -3.347  4.489   8.694   1.00 27.23 ? 46  ILE A C   1 
ATOM   310  O  O   . ILE A 1 51  ? -3.251  5.441   9.467   1.00 26.62 ? 46  ILE A O   1 
ATOM   311  C  CB  . ILE A 1 51  ? -5.444  3.192   8.535   1.00 28.74 ? 46  ILE A CB  1 
ATOM   312  C  CG1 . ILE A 1 51  ? -6.176  4.475   8.948   1.00 26.74 ? 46  ILE A CG1 1 
ATOM   313  C  CG2 . ILE A 1 51  ? -6.190  1.927   8.960   1.00 24.41 ? 46  ILE A CG2 1 
ATOM   314  C  CD1 . ILE A 1 51  ? -7.629  4.500   8.546   1.00 20.58 ? 46  ILE A CD1 1 
ATOM   315  N  N   . TRP A 1 52  ? -2.874  4.495   7.456   1.00 27.71 ? 47  TRP A N   1 
ATOM   316  C  CA  . TRP A 1 52  ? -2.676  5.731   6.722   1.00 26.74 ? 47  TRP A CA  1 
ATOM   317  C  C   . TRP A 1 52  ? -3.947  6.060   5.954   1.00 23.03 ? 47  TRP A C   1 
ATOM   318  O  O   . TRP A 1 52  ? -4.526  5.201   5.303   1.00 26.17 ? 47  TRP A O   1 
ATOM   319  C  CB  . TRP A 1 52  ? -1.509  5.610   5.756   1.00 26.49 ? 47  TRP A CB  1 
ATOM   320  C  CG  . TRP A 1 52  ? -1.468  6.713   4.757   1.00 26.07 ? 47  TRP A CG  1 
ATOM   321  C  CD1 . TRP A 1 52  ? -1.330  8.047   5.016   1.00 25.18 ? 47  TRP A CD1 1 
ATOM   322  C  CD2 . TRP A 1 52  ? -1.534  6.585   3.334   1.00 24.51 ? 47  TRP A CD2 1 
ATOM   323  N  NE1 . TRP A 1 52  ? -1.313  8.758   3.842   1.00 26.66 ? 47  TRP A NE1 1 
ATOM   324  C  CE2 . TRP A 1 52  ? -1.437  7.883   2.794   1.00 26.20 ? 47  TRP A CE2 1 
ATOM   325  C  CE3 . TRP A 1 52  ? -1.659  5.500   2.462   1.00 26.02 ? 47  TRP A CE3 1 
ATOM   326  C  CZ2 . TRP A 1 52  ? -1.471  8.125   1.416   1.00 24.33 ? 47  TRP A CZ2 1 
ATOM   327  C  CZ3 . TRP A 1 52  ? -1.700  5.745   1.091   1.00 26.54 ? 47  TRP A CZ3 1 
ATOM   328  C  CH2 . TRP A 1 52  ? -1.606  7.047   0.587   1.00 24.94 ? 47  TRP A CH2 1 
ATOM   329  N  N   . HIS A 1 53  ? -4.386  7.302   6.045   1.00 27.24 ? 48  HIS A N   1 
ATOM   330  C  CA  . HIS A 1 53  ? -5.546  7.774   5.298   1.00 25.11 ? 48  HIS A CA  1 
ATOM   331  C  C   . HIS A 1 53  ? -5.115  9.081   4.654   1.00 24.34 ? 48  HIS A C   1 
ATOM   332  O  O   . HIS A 1 53  ? -4.393  9.866   5.279   1.00 24.73 ? 48  HIS A O   1 
ATOM   333  C  CB  . HIS A 1 53  ? -6.753  7.966   6.224   1.00 24.57 ? 48  HIS A CB  1 
ATOM   334  C  CG  . HIS A 1 53  ? -8.076  8.002   5.521   1.00 26.28 ? 48  HIS A CG  1 
ATOM   335  N  ND1 . HIS A 1 53  ? -8.412  8.982   4.612   1.00 28.22 ? 48  HIS A ND1 1 
ATOM   336  C  CD2 . HIS A 1 53  ? -9.158  7.196   5.619   1.00 26.36 ? 48  HIS A CD2 1 
ATOM   337  C  CE1 . HIS A 1 53  ? -9.639  8.769   4.170   1.00 27.78 ? 48  HIS A CE1 1 
ATOM   338  N  NE2 . HIS A 1 53  ? -10.113 7.690   4.764   1.00 26.04 ? 48  HIS A NE2 1 
ATOM   339  N  N   . SER A 1 54  ? -5.515  9.304   3.408   1.00 25.21 ? 49  SER A N   1 
ATOM   340  C  CA  . SER A 1 54  ? -5.166  10.542  2.713   1.00 24.20 ? 49  SER A CA  1 
ATOM   341  C  C   . SER A 1 54  ? -6.246  11.594  2.949   1.00 26.36 ? 49  SER A C   1 
ATOM   342  O  O   . SER A 1 54  ? -7.326  11.287  3.470   1.00 26.45 ? 49  SER A O   1 
ATOM   343  C  CB  . SER A 1 54  ? -4.964  10.293  1.218   1.00 19.43 ? 49  SER A CB  1 
ATOM   344  O  OG  . SER A 1 54  ? -6.165  9.831   0.620   1.00 27.06 ? 49  SER A OG  1 
ATOM   345  N  N   . ALA A 1 55  ? -5.959  12.838  2.577   1.00 24.57 ? 50  ALA A N   1 
ATOM   346  C  CA  . ALA A 1 55  ? -6.884  13.933  2.863   1.00 26.04 ? 50  ALA A CA  1 
ATOM   347  C  C   . ALA A 1 55  ? -8.185  13.762  2.080   1.00 29.69 ? 50  ALA A C   1 
ATOM   348  O  O   . ALA A 1 55  ? -8.208  13.153  1.006   1.00 26.91 ? 50  ALA A O   1 
ATOM   349  C  CB  . ALA A 1 55  ? -6.241  15.280  2.552   1.00 20.57 ? 50  ALA A CB  1 
ATOM   350  N  N   . TYR A 1 56  ? -9.274  14.289  2.631   1.00 32.10 ? 51  TYR A N   1 
ATOM   351  C  CA  . TYR A 1 56  ? -10.563 14.218  1.958   1.00 28.27 ? 51  TYR A CA  1 
ATOM   352  C  C   . TYR A 1 56  ? -11.280 15.553  2.020   1.00 28.66 ? 51  TYR A C   1 
ATOM   353  O  O   . TYR A 1 56  ? -12.499 15.609  2.163   1.00 31.58 ? 51  TYR A O   1 
ATOM   354  C  CB  . TYR A 1 56  ? -11.435 13.108  2.563   1.00 29.44 ? 51  TYR A CB  1 
ATOM   355  C  CG  . TYR A 1 56  ? -11.486 13.096  4.078   1.00 28.12 ? 51  TYR A CG  1 
ATOM   356  C  CD1 . TYR A 1 56  ? -12.430 13.847  4.774   1.00 30.12 ? 51  TYR A CD1 1 
ATOM   357  C  CD2 . TYR A 1 56  ? -10.601 12.332  4.807   1.00 26.17 ? 51  TYR A CD2 1 
ATOM   358  C  CE1 . TYR A 1 56  ? -12.479 13.837  6.151   1.00 29.14 ? 51  TYR A CE1 1 
ATOM   359  C  CE2 . TYR A 1 56  ? -10.642 12.312  6.182   1.00 32.75 ? 51  TYR A CE2 1 
ATOM   360  C  CZ  . TYR A 1 56  ? -11.578 13.065  6.858   1.00 33.46 ? 51  TYR A CZ  1 
ATOM   361  O  OH  . TYR A 1 56  ? -11.603 13.032  8.242   1.00 30.04 ? 51  TYR A OH  1 
ATOM   362  N  N   . GLN A 1 57  ? -10.520 16.633  1.905   1.00 30.53 ? 52  GLN A N   1 
ATOM   363  C  CA  . GLN A 1 57  ? -11.119 17.953  1.749   1.00 31.53 ? 52  GLN A CA  1 
ATOM   364  C  C   . GLN A 1 57  ? -11.724 18.078  0.345   1.00 33.51 ? 52  GLN A C   1 
ATOM   365  O  O   . GLN A 1 57  ? -11.659 17.134  -0.449  1.00 30.71 ? 52  GLN A O   1 
ATOM   366  C  CB  . GLN A 1 57  ? -10.086 19.046  2.007   1.00 28.26 ? 52  GLN A CB  1 
ATOM   367  C  CG  . GLN A 1 57  ? -9.389  18.937  3.370   1.00 31.24 ? 52  GLN A CG  1 
ATOM   368  C  CD  . GLN A 1 57  ? -10.360 18.683  4.517   1.00 38.34 ? 52  GLN A CD  1 
ATOM   369  O  OE1 . GLN A 1 57  ? -11.461 19.226  4.547   1.00 42.40 ? 52  GLN A OE1 1 
ATOM   370  N  NE2 . GLN A 1 57  ? -9.949  17.844  5.468   1.00 37.87 ? 52  GLN A NE2 1 
ATOM   371  N  N   . ALA A 1 58  ? -12.321 19.227  0.034   1.00 30.99 ? 53  ALA A N   1 
ATOM   372  C  CA  . ALA A 1 58  ? -13.062 19.353  -1.220  1.00 30.38 ? 53  ALA A CA  1 
ATOM   373  C  C   . ALA A 1 58  ? -12.172 19.166  -2.447  1.00 30.19 ? 53  ALA A C   1 
ATOM   374  O  O   . ALA A 1 58  ? -12.555 18.484  -3.383  1.00 33.56 ? 53  ALA A O   1 
ATOM   375  C  CB  . ALA A 1 58  ? -13.772 20.691  -1.287  1.00 35.43 ? 53  ALA A CB  1 
ATOM   376  N  N   . ALA A 1 59  ? -10.980 19.749  -2.443  1.00 36.68 ? 54  ALA A N   1 
ATOM   377  C  CA  . ALA A 1 59  ? -10.095 19.660  -3.616  1.00 33.25 ? 54  ALA A CA  1 
ATOM   378  C  C   . ALA A 1 59  ? -9.245  18.383  -3.666  1.00 34.16 ? 54  ALA A C   1 
ATOM   379  O  O   . ALA A 1 59  ? -8.444  18.212  -4.581  1.00 43.78 ? 54  ALA A O   1 
ATOM   380  C  CB  . ALA A 1 59  ? -9.179  20.875  -3.671  1.00 32.14 ? 54  ALA A CB  1 
ATOM   381  N  N   . ASP A 1 60  ? -9.404  17.499  -2.690  1.00 32.18 ? 55  ASP A N   1 
ATOM   382  C  CA  . ASP A 1 60  ? -8.611  16.276  -2.639  1.00 28.31 ? 55  ASP A CA  1 
ATOM   383  C  C   . ASP A 1 60  ? -9.188  15.192  -3.543  1.00 31.68 ? 55  ASP A C   1 
ATOM   384  O  O   . ASP A 1 60  ? -10.371 14.847  -3.443  1.00 32.85 ? 55  ASP A O   1 
ATOM   385  C  CB  . ASP A 1 60  ? -8.517  15.765  -1.203  1.00 27.88 ? 55  ASP A CB  1 
ATOM   386  C  CG  . ASP A 1 60  ? -7.585  16.602  -0.356  1.00 31.62 ? 55  ASP A CG  1 
ATOM   387  O  OD1 . ASP A 1 60  ? -6.421  16.787  -0.764  1.00 36.56 ? 55  ASP A OD1 1 
ATOM   388  O  OD2 . ASP A 1 60  ? -8.008  17.087  0.711   1.00 32.83 ? 55  ASP A OD2 1 
ATOM   389  N  N   . LYS A 1 61  ? -8.355  14.669  -4.437  1.00 28.27 ? 56  LYS A N   1 
ATOM   390  C  CA  . LYS A 1 61  ? -8.770  13.587  -5.323  1.00 29.01 ? 56  LYS A CA  1 
ATOM   391  C  C   . LYS A 1 61  ? -7.639  12.574  -5.508  1.00 29.66 ? 56  LYS A C   1 
ATOM   392  O  O   . LYS A 1 61  ? -6.509  12.789  -5.061  1.00 27.01 ? 56  LYS A O   1 
ATOM   393  C  CB  . LYS A 1 61  ? -9.230  14.136  -6.686  1.00 27.85 ? 56  LYS A CB  1 
ATOM   394  C  CG  . LYS A 1 61  ? -8.237  15.048  -7.397  1.00 26.24 ? 56  LYS A CG  1 
ATOM   395  N  N   . LEU A 1 62  ? -7.955  11.456  -6.151  1.00 29.05 ? 57  LEU A N   1 
ATOM   396  C  CA  . LEU A 1 62  ? -6.928  10.495  -6.536  1.00 29.80 ? 57  LEU A CA  1 
ATOM   397  C  C   . LEU A 1 62  ? -6.212  10.998  -7.787  1.00 30.30 ? 57  LEU A C   1 
ATOM   398  O  O   . LEU A 1 62  ? -6.681  11.928  -8.451  1.00 36.19 ? 57  LEU A O   1 
ATOM   399  C  CB  . LEU A 1 62  ? -7.543  9.110   -6.778  1.00 25.50 ? 57  LEU A CB  1 
ATOM   400  C  CG  . LEU A 1 62  ? -8.205  8.444   -5.566  1.00 26.39 ? 57  LEU A CG  1 
ATOM   401  C  CD1 . LEU A 1 62  ? -8.676  7.024   -5.882  1.00 27.78 ? 57  LEU A CD1 1 
ATOM   402  C  CD2 . LEU A 1 62  ? -7.266  8.432   -4.370  1.00 25.47 ? 57  LEU A CD2 1 
ATOM   403  N  N   . PRO A 1 63  ? -5.060  10.403  -8.107  1.00 30.70 ? 58  PRO A N   1 
ATOM   404  C  CA  . PRO A 1 63  ? -4.436  9.367   -7.282  1.00 30.54 ? 58  PRO A CA  1 
ATOM   405  C  C   . PRO A 1 63  ? -3.678  9.962   -6.116  1.00 30.98 ? 58  PRO A C   1 
ATOM   406  O  O   . PRO A 1 63  ? -3.349  11.144  -6.157  1.00 29.82 ? 58  PRO A O   1 
ATOM   407  C  CB  . PRO A 1 63  ? -3.483  8.664   -8.252  1.00 29.52 ? 58  PRO A CB  1 
ATOM   408  C  CG  . PRO A 1 63  ? -3.169  9.691   -9.274  1.00 30.85 ? 58  PRO A CG  1 
ATOM   409  C  CD  . PRO A 1 63  ? -4.377  10.576  -9.399  1.00 25.28 ? 58  PRO A CD  1 
ATOM   410  N  N   . VAL A 1 64  ? -3.447  9.157   -5.081  1.00 26.33 ? 59  VAL A N   1 
ATOM   411  C  CA  . VAL A 1 64  ? -2.537  9.507   -4.002  1.00 23.13 ? 59  VAL A CA  1 
ATOM   412  C  C   . VAL A 1 64  ? -1.536  8.361   -3.928  1.00 24.96 ? 59  VAL A C   1 
ATOM   413  O  O   . VAL A 1 64  ? -1.796  7.276   -4.437  1.00 22.17 ? 59  VAL A O   1 
ATOM   414  C  CB  . VAL A 1 64  ? -3.251  9.700   -2.640  1.00 21.22 ? 59  VAL A CB  1 
ATOM   415  C  CG1 . VAL A 1 64  ? -4.148  10.919  -2.666  1.00 21.67 ? 59  VAL A CG1 1 
ATOM   416  C  CG2 . VAL A 1 64  ? -4.038  8.444   -2.247  1.00 19.02 ? 59  VAL A CG2 1 
ATOM   417  N  N   . SER A 1 65  ? -0.389  8.592   -3.309  1.00 25.43 ? 60  SER A N   1 
ATOM   418  C  CA  . SER A 1 65  ? 0.599   7.534   -3.198  1.00 24.17 ? 60  SER A CA  1 
ATOM   419  C  C   . SER A 1 65  ? 1.421   7.700   -1.935  1.00 25.90 ? 60  SER A C   1 
ATOM   420  O  O   . SER A 1 65  ? 1.402   8.761   -1.308  1.00 28.24 ? 60  SER A O   1 
ATOM   421  C  CB  . SER A 1 65  ? 1.504   7.518   -4.427  1.00 25.33 ? 60  SER A CB  1 
ATOM   422  O  OG  . SER A 1 65  ? 2.316   8.671   -4.448  1.00 30.98 ? 60  SER A OG  1 
ATOM   423  N  N   . ILE A 1 66  ? 2.130   6.640   -1.563  1.00 26.70 ? 61  ILE A N   1 
ATOM   424  C  CA  . ILE A 1 66  ? 2.947   6.629   -0.353  1.00 23.78 ? 61  ILE A CA  1 
ATOM   425  C  C   . ILE A 1 66  ? 4.302   5.973   -0.646  1.00 22.85 ? 61  ILE A C   1 
ATOM   426  O  O   . ILE A 1 66  ? 4.381   4.975   -1.369  1.00 23.16 ? 61  ILE A O   1 
ATOM   427  C  CB  . ILE A 1 66  ? 2.229   5.895   0.781   1.00 21.12 ? 61  ILE A CB  1 
ATOM   428  C  CG1 . ILE A 1 66  ? 3.107   5.828   2.032   1.00 25.48 ? 61  ILE A CG1 1 
ATOM   429  C  CG2 . ILE A 1 66  ? 1.847   4.510   0.342   1.00 18.84 ? 61  ILE A CG2 1 
ATOM   430  C  CD1 . ILE A 1 66  ? 2.346   5.369   3.288   1.00 19.28 ? 61  ILE A CD1 1 
ATOM   431  N  N   . THR A 1 67  ? 5.373   6.555   -0.126  1.00 19.55 ? 62  THR A N   1 
ATOM   432  C  CA  . THR A 1 67  ? 6.685   6.030   -0.437  1.00 22.02 ? 62  THR A CA  1 
ATOM   433  C  C   . THR A 1 67  ? 7.315   5.421   0.788   1.00 19.28 ? 62  THR A C   1 
ATOM   434  O  O   . THR A 1 67  ? 7.493   6.077   1.808   1.00 22.24 ? 62  THR A O   1 
ATOM   435  C  CB  . THR A 1 67  ? 7.617   7.103   -1.008  1.00 22.19 ? 62  THR A CB  1 
ATOM   436  O  OG1 . THR A 1 67  ? 7.111   7.542   -2.273  1.00 23.99 ? 62  THR A OG1 1 
ATOM   437  C  CG2 . THR A 1 67  ? 9.032   6.532   -1.191  1.00 17.35 ? 62  THR A CG2 1 
ATOM   438  N  N   . ILE A 1 68  ? 7.640   4.146   0.667   1.00 22.50 ? 63  ILE A N   1 
ATOM   439  C  CA  . ILE A 1 68  ? 8.241   3.392   1.751   1.00 23.80 ? 63  ILE A CA  1 
ATOM   440  C  C   . ILE A 1 68  ? 9.728   3.251   1.501   1.00 18.89 ? 63  ILE A C   1 
ATOM   441  O  O   . ILE A 1 68  ? 10.151  2.799   0.428   1.00 19.37 ? 63  ILE A O   1 
ATOM   442  C  CB  . ILE A 1 68  ? 7.605   1.983   1.889   1.00 22.72 ? 63  ILE A CB  1 
ATOM   443  C  CG1 . ILE A 1 68  ? 6.090   2.088   2.072   1.00 23.44 ? 63  ILE A CG1 1 
ATOM   444  C  CG2 . ILE A 1 68  ? 8.272   1.180   3.011   1.00 22.30 ? 63  ILE A CG2 1 
ATOM   445  C  CD1 . ILE A 1 68  ? 5.648   3.189   3.040   1.00 23.35 ? 63  ILE A CD1 1 
ATOM   446  N  N   . LYS A 1 69  ? 10.517  3.636   2.491   1.00 20.95 ? 64  LYS A N   1 
ATOM   447  C  CA  . LYS A 1 69  ? 11.961  3.408   2.444   1.00 24.84 ? 64  LYS A CA  1 
ATOM   448  C  C   . LYS A 1 69  ? 12.390  2.213   3.287   1.00 24.06 ? 64  LYS A C   1 
ATOM   449  O  O   . LYS A 1 69  ? 12.013  2.096   4.462   1.00 22.98 ? 64  LYS A O   1 
ATOM   450  C  CB  . LYS A 1 69  ? 12.717  4.642   2.916   1.00 25.20 ? 64  LYS A CB  1 
ATOM   451  C  CG  . LYS A 1 69  ? 14.173  4.375   3.253   1.00 25.15 ? 64  LYS A CG  1 
ATOM   452  C  CD  . LYS A 1 69  ? 14.861  5.679   3.577   1.00 27.68 ? 64  LYS A CD  1 
ATOM   453  C  CE  . LYS A 1 69  ? 16.325  5.499   3.904   1.00 26.40 ? 64  LYS A CE  1 
ATOM   454  N  NZ  . LYS A 1 69  ? 16.929  6.844   4.087   1.00 29.85 ? 64  LYS A NZ  1 
ATOM   455  N  N   . LEU A 1 70  ? 13.206  1.352   2.682   1.00 23.59 ? 65  LEU A N   1 
ATOM   456  C  CA  . LEU A 1 70  ? 13.740  0.161   3.336   1.00 23.20 ? 65  LEU A CA  1 
ATOM   457  C  C   . LEU A 1 70  ? 15.128  0.480   3.922   1.00 26.39 ? 65  LEU A C   1 
ATOM   458  O  O   . LEU A 1 70  ? 15.769  1.426   3.494   1.00 22.56 ? 65  LEU A O   1 
ATOM   459  C  CB  . LEU A 1 70  ? 13.798  -1.009  2.336   1.00 22.64 ? 65  LEU A CB  1 
ATOM   460  C  CG  . LEU A 1 70  ? 12.453  -1.549  1.822   1.00 26.68 ? 65  LEU A CG  1 
ATOM   461  C  CD1 . LEU A 1 70  ? 11.591  -0.435  1.287   1.00 27.38 ? 65  LEU A CD1 1 
ATOM   462  C  CD2 . LEU A 1 70  ? 12.623  -2.600  0.757   1.00 21.90 ? 65  LEU A CD2 1 
ATOM   463  N  N   . ASP A 1 71  ? 15.588  -0.296  4.902   1.00 31.02 ? 66  ASP A N   1 
ATOM   464  C  CA  . ASP A 1 71  ? 16.838  0.032   5.594   1.00 29.01 ? 66  ASP A CA  1 
ATOM   465  C  C   . ASP A 1 71  ? 18.062  -0.255  4.728   1.00 29.99 ? 66  ASP A C   1 
ATOM   466  O  O   . ASP A 1 71  ? 19.142  0.282   4.963   1.00 33.15 ? 66  ASP A O   1 
ATOM   467  C  CB  . ASP A 1 71  ? 16.949  -0.716  6.930   1.00 26.89 ? 66  ASP A CB  1 
ATOM   468  C  CG  . ASP A 1 71  ? 17.030  -2.222  6.760   1.00 36.91 ? 66  ASP A CG  1 
ATOM   469  O  OD1 . ASP A 1 71  ? 16.200  -2.784  6.011   1.00 38.76 ? 66  ASP A OD1 1 
ATOM   470  O  OD2 . ASP A 1 71  ? 17.918  -2.850  7.385   1.00 40.93 ? 66  ASP A OD2 1 
ATOM   471  N  N   . LYS A 1 72  ? 17.885  -1.100  3.728   1.00 27.52 ? 67  LYS A N   1 
ATOM   472  C  CA  . LYS A 1 72  ? 18.904  -1.300  2.707   1.00 26.67 ? 67  LYS A CA  1 
ATOM   473  C  C   . LYS A 1 72  ? 18.178  -1.611  1.422   1.00 25.97 ? 67  LYS A C   1 
ATOM   474  O  O   . LYS A 1 72  ? 16.954  -1.597  1.384   1.00 32.02 ? 67  LYS A O   1 
ATOM   475  C  CB  . LYS A 1 72  ? 19.854  -2.437  3.070   1.00 31.01 ? 67  LYS A CB  1 
ATOM   476  C  CG  . LYS A 1 72  ? 19.165  -3.785  3.219   1.00 32.47 ? 67  LYS A CG  1 
ATOM   477  C  CD  . LYS A 1 72  ? 20.146  -4.865  3.625   1.00 32.17 ? 67  LYS A CD  1 
ATOM   478  C  CE  . LYS A 1 72  ? 19.439  -6.185  3.815   1.00 36.17 ? 67  LYS A CE  1 
ATOM   479  N  N   . ALA A 1 73  ? 18.911  -1.900  0.367   1.00 23.04 ? 68  ALA A N   1 
ATOM   480  C  CA  . ALA A 1 73  ? 18.269  -2.273  -0.872  1.00 22.43 ? 68  ALA A CA  1 
ATOM   481  C  C   . ALA A 1 73  ? 17.935  -3.762  -0.864  1.00 25.95 ? 68  ALA A C   1 
ATOM   482  O  O   . ALA A 1 73  ? 18.794  -4.592  -0.583  1.00 26.12 ? 68  ALA A O   1 
ATOM   483  C  CB  . ALA A 1 73  ? 19.148  -1.921  -2.043  1.00 19.88 ? 68  ALA A CB  1 
ATOM   484  N  N   . TYR A 1 74  ? 16.684  -4.095  -1.169  1.00 23.02 ? 69  TYR A N   1 
ATOM   485  C  CA  . TYR A 1 74  ? 16.254  -5.490  -1.214  1.00 26.85 ? 69  TYR A CA  1 
ATOM   486  C  C   . TYR A 1 74  ? 15.819  -5.933  -2.607  1.00 25.30 ? 69  TYR A C   1 
ATOM   487  O  O   . TYR A 1 74  ? 15.399  -5.124  -3.447  1.00 23.93 ? 69  TYR A O   1 
ATOM   488  C  CB  . TYR A 1 74  ? 15.083  -5.734  -0.256  1.00 27.82 ? 69  TYR A CB  1 
ATOM   489  C  CG  . TYR A 1 74  ? 15.389  -5.620  1.213   1.00 29.77 ? 69  TYR A CG  1 
ATOM   490  C  CD1 . TYR A 1 74  ? 15.323  -4.394  1.859   1.00 30.69 ? 69  TYR A CD1 1 
ATOM   491  C  CD2 . TYR A 1 74  ? 15.700  -6.747  1.969   1.00 29.21 ? 69  TYR A CD2 1 
ATOM   492  C  CE1 . TYR A 1 74  ? 15.589  -4.282  3.214   1.00 30.60 ? 69  TYR A CE1 1 
ATOM   493  C  CE2 . TYR A 1 74  ? 15.962  -6.650  3.322   1.00 27.72 ? 69  TYR A CE2 1 
ATOM   494  C  CZ  . TYR A 1 74  ? 15.910  -5.414  3.942   1.00 33.88 ? 69  TYR A CZ  1 
ATOM   495  O  OH  . TYR A 1 74  ? 16.165  -5.300  5.292   1.00 31.76 ? 69  TYR A OH  1 
ATOM   496  N  N   . ASP A 1 75  ? 15.899  -7.236  -2.837  1.00 24.96 ? 70  ASP A N   1 
ATOM   497  C  CA  . ASP A 1 75  ? 15.262  -7.822  -4.005  1.00 21.48 ? 70  ASP A CA  1 
ATOM   498  C  C   . ASP A 1 75  ? 13.832  -8.127  -3.653  1.00 18.75 ? 70  ASP A C   1 
ATOM   499  O  O   . ASP A 1 75  ? 13.557  -9.159  -3.060  1.00 23.78 ? 70  ASP A O   1 
ATOM   500  C  CB  . ASP A 1 75  ? 15.955  -9.111  -4.453  1.00 19.31 ? 70  ASP A CB  1 
ATOM   501  C  CG  . ASP A 1 75  ? 17.420  -8.922  -4.779  1.00 21.59 ? 70  ASP A CG  1 
ATOM   502  O  OD1 . ASP A 1 75  ? 17.895  -7.768  -4.942  1.00 16.24 ? 70  ASP A OD1 1 
ATOM   503  O  OD2 . ASP A 1 75  ? 18.092  -9.973  -4.891  1.00 23.38 ? 70  ASP A OD2 1 
ATOM   504  N  N   . LEU A 1 76  ? 12.917  -7.244  -4.013  1.00 23.03 ? 71  LEU A N   1 
ATOM   505  C  CA  . LEU A 1 76  ? 11.508  -7.467  -3.720  1.00 20.15 ? 71  LEU A CA  1 
ATOM   506  C  C   . LEU A 1 76  ? 10.781  -8.248  -4.826  1.00 27.43 ? 71  LEU A C   1 
ATOM   507  O  O   . LEU A 1 76  ? 11.070  -8.069  -6.015  1.00 26.06 ? 71  LEU A O   1 
ATOM   508  C  CB  . LEU A 1 76  ? 10.823  -6.131  -3.504  1.00 20.77 ? 71  LEU A CB  1 
ATOM   509  C  CG  . LEU A 1 76  ? 11.498  -5.161  -2.529  1.00 23.39 ? 71  LEU A CG  1 
ATOM   510  C  CD1 . LEU A 1 76  ? 10.705  -3.868  -2.492  1.00 19.09 ? 71  LEU A CD1 1 
ATOM   511  C  CD2 . LEU A 1 76  ? 11.620  -5.776  -1.138  1.00 23.23 ? 71  LEU A CD2 1 
ATOM   512  N  N   . ASN A 1 77  ? 9.832   -9.105  -4.441  1.00 23.82 ? 72  ASN A N   1 
ATOM   513  C  CA  . ASN A 1 77  ? 8.931   -9.711  -5.428  1.00 24.90 ? 72  ASN A CA  1 
ATOM   514  C  C   . ASN A 1 77  ? 7.484   -9.824  -4.957  1.00 26.19 ? 72  ASN A C   1 
ATOM   515  O  O   . ASN A 1 77  ? 6.701   -10.561 -5.541  1.00 27.52 ? 72  ASN A O   1 
ATOM   516  C  CB  . ASN A 1 77  ? 9.429   -11.094 -5.834  1.00 27.74 ? 72  ASN A CB  1 
ATOM   517  C  CG  . ASN A 1 77  ? 9.624   -12.011 -4.647  1.00 31.34 ? 72  ASN A CG  1 
ATOM   518  O  OD1 . ASN A 1 77  ? 9.120   -11.756 -3.553  1.00 31.22 ? 72  ASN A OD1 1 
ATOM   519  N  ND2 . ASN A 1 77  ? 10.359  -13.087 -4.860  1.00 31.22 ? 72  ASN A ND2 1 
ATOM   520  N  N   . GLN A 1 78  ? 7.129   -9.092  -3.906  1.00 28.60 ? 73  GLN A N   1 
ATOM   521  C  CA  . GLN A 1 78  ? 5.754   -9.079  -3.424  1.00 21.62 ? 73  GLN A CA  1 
ATOM   522  C  C   . GLN A 1 78  ? 5.564   -8.116  -2.290  1.00 21.52 ? 73  GLN A C   1 
ATOM   523  O  O   . GLN A 1 78  ? 6.430   -7.988  -1.424  1.00 24.03 ? 73  GLN A O   1 
ATOM   524  C  CB  . GLN A 1 78  ? 5.332   -10.475 -2.958  1.00 27.27 ? 73  GLN A CB  1 
ATOM   525  C  CG  . GLN A 1 78  ? 3.982   -10.510 -2.276  1.00 26.56 ? 73  GLN A CG  1 
ATOM   526  C  CD  . GLN A 1 78  ? 3.475   -11.922 -2.034  1.00 33.72 ? 73  GLN A CD  1 
ATOM   527  O  OE1 . GLN A 1 78  ? 3.894   -12.872 -2.698  1.00 36.15 ? 73  GLN A OE1 1 
ATOM   528  N  NE2 . GLN A 1 78  ? 2.569   -12.067 -1.075  1.00 33.08 ? 73  GLN A NE2 1 
ATOM   529  N  N   . ILE A 1 79  ? 4.418   -7.449  -2.283  1.00 21.83 ? 74  ILE A N   1 
ATOM   530  C  CA  . ILE A 1 79  ? 3.944   -6.778  -1.083  1.00 18.37 ? 74  ILE A CA  1 
ATOM   531  C  C   . ILE A 1 79  ? 2.511   -7.222  -0.837  1.00 24.43 ? 74  ILE A C   1 
ATOM   532  O  O   . ILE A 1 79  ? 1.808   -7.596  -1.780  1.00 29.82 ? 74  ILE A O   1 
ATOM   533  C  CB  . ILE A 1 79  ? 4.018   -5.242  -1.189  1.00 19.76 ? 74  ILE A CB  1 
ATOM   534  C  CG1 . ILE A 1 79  ? 2.959   -4.705  -2.158  1.00 28.16 ? 74  ILE A CG1 1 
ATOM   535  C  CG2 . ILE A 1 79  ? 5.405   -4.793  -1.614  1.00 16.91 ? 74  ILE A CG2 1 
ATOM   536  C  CD1 . ILE A 1 79  ? 2.876   -3.188  -2.173  1.00 24.67 ? 74  ILE A CD1 1 
ATOM   537  N  N   . ASP A 1 80  ? 2.088   -7.225  0.424   1.00 23.54 ? 75  ASP A N   1 
ATOM   538  C  CA  . ASP A 1 80  ? 0.688   -7.456  0.758   1.00 19.60 ? 75  ASP A CA  1 
ATOM   539  C  C   . ASP A 1 80  ? 0.037   -6.154  1.177   1.00 24.45 ? 75  ASP A C   1 
ATOM   540  O  O   . ASP A 1 80  ? 0.600   -5.356  1.937   1.00 24.75 ? 75  ASP A O   1 
ATOM   541  C  CB  . ASP A 1 80  ? 0.521   -8.475  1.881   1.00 23.73 ? 75  ASP A CB  1 
ATOM   542  C  CG  . ASP A 1 80  ? 0.998   -9.844  1.491   1.00 31.57 ? 75  ASP A CG  1 
ATOM   543  O  OD1 . ASP A 1 80  ? 1.299   -10.031 0.297   1.00 32.33 ? 75  ASP A OD1 1 
ATOM   544  O  OD2 . ASP A 1 80  ? 1.067   -10.736 2.367   1.00 38.20 ? 75  ASP A OD2 1 
ATOM   545  N  N   . TYR A 1 81  ? -1.169  -5.957  0.674   1.00 19.81 ? 76  TYR A N   1 
ATOM   546  C  CA  . TYR A 1 81  ? -1.963  -4.813  1.021   1.00 21.26 ? 76  TYR A CA  1 
ATOM   547  C  C   . TYR A 1 81  ? -3.054  -5.225  1.999   1.00 22.97 ? 76  TYR A C   1 
ATOM   548  O  O   . TYR A 1 81  ? -3.909  -6.061  1.680   1.00 19.97 ? 76  TYR A O   1 
ATOM   549  C  CB  . TYR A 1 81  ? -2.569  -4.186  -0.236  1.00 18.87 ? 76  TYR A CB  1 
ATOM   550  C  CG  . TYR A 1 81  ? -3.621  -3.151  0.069   1.00 20.38 ? 76  TYR A CG  1 
ATOM   551  C  CD1 . TYR A 1 81  ? -3.267  -1.859  0.407   1.00 16.81 ? 76  TYR A CD1 1 
ATOM   552  C  CD2 . TYR A 1 81  ? -4.974  -3.471  0.027   1.00 23.52 ? 76  TYR A CD2 1 
ATOM   553  C  CE1 . TYR A 1 81  ? -4.217  -0.912  0.686   1.00 18.31 ? 76  TYR A CE1 1 
ATOM   554  C  CE2 . TYR A 1 81  ? -5.943  -2.520  0.304   1.00 20.75 ? 76  TYR A CE2 1 
ATOM   555  C  CZ  . TYR A 1 81  ? -5.551  -1.241  0.635   1.00 21.14 ? 76  TYR A CZ  1 
ATOM   556  O  OH  . TYR A 1 81  ? -6.491  -0.286  0.921   1.00 23.71 ? 76  TYR A OH  1 
ATOM   557  N  N   . LEU A 1 82  ? -3.013  -4.641  3.190   1.00 22.71 ? 77  LEU A N   1 
ATOM   558  C  CA  . LEU A 1 82  ? -4.017  -4.922  4.205   1.00 21.80 ? 77  LEU A CA  1 
ATOM   559  C  C   . LEU A 1 82  ? -4.996  -3.779  4.337   1.00 27.45 ? 77  LEU A C   1 
ATOM   560  O  O   . LEU A 1 82  ? -4.648  -2.705  4.850   1.00 28.13 ? 77  LEU A O   1 
ATOM   561  C  CB  . LEU A 1 82  ? -3.370  -5.188  5.551   1.00 27.17 ? 77  LEU A CB  1 
ATOM   562  C  CG  . LEU A 1 82  ? -4.362  -5.567  6.642   1.00 27.58 ? 77  LEU A CG  1 
ATOM   563  C  CD1 . LEU A 1 82  ? -5.075  -6.882  6.316   1.00 24.50 ? 77  LEU A CD1 1 
ATOM   564  C  CD2 . LEU A 1 82  ? -3.625  -5.651  7.957   1.00 31.01 ? 77  LEU A CD2 1 
ATOM   565  N  N   . PRO A 1 83  ? -6.232  -4.003  3.881   1.00 22.78 ? 78  PRO A N   1 
ATOM   566  C  CA  . PRO A 1 83  ? -7.214  -2.923  3.917   1.00 22.45 ? 78  PRO A CA  1 
ATOM   567  C  C   . PRO A 1 83  ? -7.607  -2.544  5.347   1.00 29.23 ? 78  PRO A C   1 
ATOM   568  O  O   . PRO A 1 83  ? -7.506  -3.351  6.278   1.00 24.55 ? 78  PRO A O   1 
ATOM   569  C  CB  . PRO A 1 83  ? -8.410  -3.500  3.141   1.00 25.82 ? 78  PRO A CB  1 
ATOM   570  C  CG  . PRO A 1 83  ? -8.236  -4.968  3.152   1.00 23.99 ? 78  PRO A CG  1 
ATOM   571  C  CD  . PRO A 1 83  ? -6.780  -5.262  3.340   1.00 22.81 ? 78  PRO A CD  1 
ATOM   572  N  N   . ARG A 1 84  ? -8.026  -1.293  5.504   1.00 30.60 ? 79  ARG A N   1 
ATOM   573  C  CA  . ARG A 1 84  ? -8.609  -0.803  6.743   1.00 28.42 ? 79  ARG A CA  1 
ATOM   574  C  C   . ARG A 1 84  ? -9.620  -1.808  7.285   1.00 29.72 ? 79  ARG A C   1 
ATOM   575  O  O   . ARG A 1 84  ? -10.561 -2.182  6.594   1.00 31.75 ? 79  ARG A O   1 
ATOM   576  C  CB  . ARG A 1 84  ? -9.280  0.537   6.500   1.00 25.90 ? 79  ARG A CB  1 
ATOM   577  C  CG  . ARG A 1 84  ? -9.740  1.259   7.741   1.00 28.06 ? 79  ARG A CG  1 
ATOM   578  C  CD  . ARG A 1 84  ? -10.608 2.427   7.324   1.00 30.20 ? 79  ARG A CD  1 
ATOM   579  N  NE  . ARG A 1 84  ? -10.765 3.422   8.377   1.00 39.77 ? 79  ARG A NE  1 
ATOM   580  C  CZ  . ARG A 1 84  ? -11.186 4.664   8.155   1.00 36.79 ? 79  ARG A CZ  1 
ATOM   581  N  NH1 . ARG A 1 84  ? -11.482 5.051   6.920   1.00 32.99 ? 79  ARG A NH1 1 
ATOM   582  N  NH2 . ARG A 1 84  ? -11.303 5.514   9.160   1.00 27.51 ? 79  ARG A NH2 1 
ATOM   583  N  N   . GLN A 1 85  ? -9.422  -2.234  8.526   1.00 30.16 ? 80  GLN A N   1 
ATOM   584  C  CA  . GLN A 1 85  ? -10.233 -3.295  9.130   1.00 29.65 ? 80  GLN A CA  1 
ATOM   585  C  C   . GLN A 1 85  ? -11.629 -2.859  9.597   1.00 28.90 ? 80  GLN A C   1 
ATOM   586  O  O   . GLN A 1 85  ? -12.568 -3.637  9.532   1.00 32.35 ? 80  GLN A O   1 
ATOM   587  C  CB  . GLN A 1 85  ? -9.474  -3.901  10.318  1.00 32.15 ? 80  GLN A CB  1 
ATOM   588  C  CG  . GLN A 1 85  ? -8.159  -4.548  9.935   1.00 31.39 ? 80  GLN A CG  1 
ATOM   589  C  CD  . GLN A 1 85  ? -8.362  -5.747  9.037   1.00 38.26 ? 80  GLN A CD  1 
ATOM   590  O  OE1 . GLN A 1 85  ? -8.855  -6.783  9.482   1.00 41.78 ? 80  GLN A OE1 1 
ATOM   591  N  NE2 . GLN A 1 85  ? -8.003  -5.608  7.760   1.00 32.78 ? 80  GLN A NE2 1 
ATOM   592  N  N   . ASN A 1 86  ? -11.772 -1.629  10.078  1.00 27.40 ? 81  ASN A N   1 
ATOM   593  C  CA  . ASN A 1 86  ? -13.044 -1.210  10.658  1.00 33.31 ? 81  ASN A CA  1 
ATOM   594  C  C   . ASN A 1 86  ? -13.984 -0.483  9.704   1.00 32.33 ? 81  ASN A C   1 
ATOM   595  O  O   . ASN A 1 86  ? -15.099 -0.133  10.084  1.00 29.63 ? 81  ASN A O   1 
ATOM   596  C  CB  . ASN A 1 86  ? -12.809 -0.324  11.897  1.00 41.87 ? 81  ASN A CB  1 
ATOM   597  C  CG  . ASN A 1 86  ? -11.850 0.840   11.643  1.00 45.70 ? 81  ASN A CG  1 
ATOM   598  O  OD1 . ASN A 1 86  ? -11.321 1.019   10.543  1.00 45.23 ? 81  ASN A OD1 1 
ATOM   599  N  ND2 . ASN A 1 86  ? -11.631 1.640   12.676  1.00 39.10 ? 81  ASN A ND2 1 
ATOM   600  N  N   . SER A 1 87  ? -13.546 -0.276  8.468   1.00 33.46 ? 82  SER A N   1 
ATOM   601  C  CA  . SER A 1 87  ? -14.281 0.560   7.525   1.00 30.99 ? 82  SER A CA  1 
ATOM   602  C  C   . SER A 1 87  ? -13.761 0.371   6.114   1.00 27.44 ? 82  SER A C   1 
ATOM   603  O  O   . SER A 1 87  ? -12.572 0.122   5.918   1.00 31.19 ? 82  SER A O   1 
ATOM   604  C  CB  . SER A 1 87  ? -14.166 2.036   7.927   1.00 37.49 ? 82  SER A CB  1 
ATOM   605  O  OG  . SER A 1 87  ? -14.642 2.899   6.907   1.00 30.44 ? 82  SER A OG  1 
ATOM   606  N  N   . ARG A 1 88  ? -14.643 0.509   5.130   1.00 26.56 ? 83  ARG A N   1 
ATOM   607  C  CA  . ARG A 1 88  ? -14.242 0.393   3.731   1.00 30.40 ? 83  ARG A CA  1 
ATOM   608  C  C   . ARG A 1 88  ? -13.719 1.710   3.160   1.00 28.12 ? 83  ARG A C   1 
ATOM   609  O  O   . ARG A 1 88  ? -13.246 1.756   2.035   1.00 32.55 ? 83  ARG A O   1 
ATOM   610  C  CB  . ARG A 1 88  ? -15.412 -0.110  2.878   1.00 30.91 ? 83  ARG A CB  1 
ATOM   611  C  CG  . ARG A 1 88  ? -16.685 0.714   2.992   1.00 26.81 ? 83  ARG A CG  1 
ATOM   612  C  CD  . ARG A 1 88  ? -16.671 1.933   2.095   1.00 30.49 ? 83  ARG A CD  1 
ATOM   613  N  NE  . ARG A 1 88  ? -17.843 2.775   2.321   1.00 38.40 ? 83  ARG A NE  1 
ATOM   614  C  CZ  . ARG A 1 88  ? -18.909 2.820   1.524   1.00 42.82 ? 83  ARG A CZ  1 
ATOM   615  N  NH1 . ARG A 1 88  ? -18.954 2.087   0.424   1.00 39.24 ? 83  ARG A NH1 1 
ATOM   616  N  NH2 . ARG A 1 88  ? -19.932 3.613   1.821   1.00 44.74 ? 83  ARG A NH2 1 
ATOM   617  N  N   . ASN A 1 89  ? -13.798 2.782   3.935   1.00 29.76 ? 84  ASN A N   1 
ATOM   618  C  CA  . ASN A 1 89  ? -13.345 4.081   3.455   1.00 32.45 ? 84  ASN A CA  1 
ATOM   619  C  C   . ASN A 1 89  ? -11.847 4.121   3.161   1.00 30.87 ? 84  ASN A C   1 
ATOM   620  O  O   . ASN A 1 89  ? -11.011 4.029   4.066   1.00 33.09 ? 84  ASN A O   1 
ATOM   621  C  CB  . ASN A 1 89  ? -13.724 5.174   4.455   1.00 33.55 ? 84  ASN A CB  1 
ATOM   622  C  CG  . ASN A 1 89  ? -15.117 5.722   4.204   1.00 33.26 ? 84  ASN A CG  1 
ATOM   623  O  OD1 . ASN A 1 89  ? -15.900 5.124   3.461   1.00 35.98 ? 84  ASN A OD1 1 
ATOM   624  N  ND2 . ASN A 1 89  ? -15.428 6.868   4.805   1.00 33.66 ? 84  ASN A ND2 1 
ATOM   625  N  N   . GLY A 1 90  ? -11.531 4.255   1.877   1.00 27.41 ? 85  GLY A N   1 
ATOM   626  C  CA  . GLY A 1 90  ? -10.164 4.291   1.413   1.00 25.84 ? 85  GLY A CA  1 
ATOM   627  C  C   . GLY A 1 90  ? -9.694  2.935   0.911   1.00 30.77 ? 85  GLY A C   1 
ATOM   628  O  O   . GLY A 1 90  ? -8.520  2.783   0.569   1.00 30.07 ? 85  GLY A O   1 
ATOM   629  N  N   . HIS A 1 91  ? -10.584 1.942   0.876   1.00 27.48 ? 86  HIS A N   1 
ATOM   630  C  CA  . HIS A 1 91  ? -10.226 0.631   0.331   1.00 26.26 ? 86  HIS A CA  1 
ATOM   631  C  C   . HIS A 1 91  ? -9.750  0.730   -1.120  1.00 26.18 ? 86  HIS A C   1 
ATOM   632  O  O   . HIS A 1 91  ? -10.515 1.134   -2.000  1.00 30.08 ? 86  HIS A O   1 
ATOM   633  C  CB  . HIS A 1 91  ? -11.406 -0.337  0.420   1.00 26.19 ? 86  HIS A CB  1 
ATOM   634  C  CG  . HIS A 1 91  ? -11.526 -1.033  1.744   1.00 29.58 ? 86  HIS A CG  1 
ATOM   635  N  ND1 . HIS A 1 91  ? -12.235 -2.202  1.907   1.00 25.40 ? 86  HIS A ND1 1 
ATOM   636  C  CD2 . HIS A 1 91  ? -11.037 -0.714  2.965   1.00 25.78 ? 86  HIS A CD2 1 
ATOM   637  C  CE1 . HIS A 1 91  ? -12.178 -2.573  3.174   1.00 27.41 ? 86  HIS A CE1 1 
ATOM   638  N  NE2 . HIS A 1 91  ? -11.461 -1.686  3.837   1.00 23.03 ? 86  HIS A NE2 1 
ATOM   639  N  N   . VAL A 1 92  ? -8.497  0.354   -1.369  1.00 24.81 ? 87  VAL A N   1 
ATOM   640  C  CA  . VAL A 1 92  ? -7.899  0.498   -2.700  1.00 26.17 ? 87  VAL A CA  1 
ATOM   641  C  C   . VAL A 1 92  ? -8.236  -0.669  -3.614  1.00 27.74 ? 87  VAL A C   1 
ATOM   642  O  O   . VAL A 1 92  ? -8.015  -1.833  -3.263  1.00 20.73 ? 87  VAL A O   1 
ATOM   643  C  CB  . VAL A 1 92  ? -6.363  0.626   -2.632  1.00 27.31 ? 87  VAL A CB  1 
ATOM   644  C  CG1 . VAL A 1 92  ? -5.783  0.728   -4.037  1.00 20.54 ? 87  VAL A CG1 1 
ATOM   645  C  CG2 . VAL A 1 92  ? -5.966  1.832   -1.794  1.00 24.67 ? 87  VAL A CG2 1 
ATOM   646  N  N   . THR A 1 93  ? -8.752  -0.350  -4.799  1.00 24.30 ? 88  THR A N   1 
ATOM   647  C  CA  . THR A 1 93  ? -9.196  -1.387  -5.724  1.00 25.21 ? 88  THR A CA  1 
ATOM   648  C  C   . THR A 1 93  ? -8.355  -1.418  -6.994  1.00 23.29 ? 88  THR A C   1 
ATOM   649  O  O   . THR A 1 93  ? -8.384  -2.393  -7.744  1.00 24.28 ? 88  THR A O   1 
ATOM   650  C  CB  . THR A 1 93  ? -10.669 -1.188  -6.104  1.00 27.43 ? 88  THR A CB  1 
ATOM   651  O  OG1 . THR A 1 93  ? -10.806 0.015   -6.875  1.00 25.31 ? 88  THR A OG1 1 
ATOM   652  C  CG2 . THR A 1 93  ? -11.514 -1.081  -4.853  1.00 22.07 ? 88  THR A CG2 1 
ATOM   653  N  N   . GLU A 1 94  ? -7.621  -0.336  -7.236  1.00 26.88 ? 89  GLU A N   1 
ATOM   654  C  CA  . GLU A 1 94  ? -6.677  -0.279  -8.349  1.00 23.50 ? 89  GLU A CA  1 
ATOM   655  C  C   . GLU A 1 94  ? -5.422  0.484   -7.939  1.00 22.39 ? 89  GLU A C   1 
ATOM   656  O  O   . GLU A 1 94  ? -5.506  1.545   -7.329  1.00 22.14 ? 89  GLU A O   1 
ATOM   657  C  CB  . GLU A 1 94  ? -7.325  0.364   -9.560  1.00 24.66 ? 89  GLU A CB  1 
ATOM   658  C  CG  . GLU A 1 94  ? -6.538  0.181   -10.826 1.00 25.58 ? 89  GLU A CG  1 
ATOM   659  C  CD  . GLU A 1 94  ? -7.296  0.693   -12.016 1.00 29.62 ? 89  GLU A CD  1 
ATOM   660  O  OE1 . GLU A 1 94  ? -8.402  0.172   -12.271 1.00 35.47 ? 89  GLU A OE1 1 
ATOM   661  O  OE2 . GLU A 1 94  ? -6.802  1.628   -12.676 1.00 29.65 ? 89  GLU A OE2 1 
ATOM   662  N  N   . TYR A 1 95  ? -4.260  -0.065  -8.271  1.00 22.93 ? 90  TYR A N   1 
ATOM   663  C  CA  . TYR A 1 95  ? -3.006  0.426   -7.720  1.00 21.18 ? 90  TYR A CA  1 
ATOM   664  C  C   . TYR A 1 95  ? -1.882  0.401   -8.750  1.00 25.10 ? 90  TYR A C   1 
ATOM   665  O  O   . TYR A 1 95  ? -1.973  -0.295  -9.770  1.00 20.90 ? 90  TYR A O   1 
ATOM   666  C  CB  . TYR A 1 95  ? -2.592  -0.421  -6.515  1.00 21.46 ? 90  TYR A CB  1 
ATOM   667  C  CG  . TYR A 1 95  ? -2.306  -1.843  -6.925  1.00 24.40 ? 90  TYR A CG  1 
ATOM   668  C  CD1 . TYR A 1 95  ? -1.059  -2.204  -7.441  1.00 22.79 ? 90  TYR A CD1 1 
ATOM   669  C  CD2 . TYR A 1 95  ? -3.292  -2.816  -6.850  1.00 22.66 ? 90  TYR A CD2 1 
ATOM   670  C  CE1 . TYR A 1 95  ? -0.803  -3.492  -7.849  1.00 20.38 ? 90  TYR A CE1 1 
ATOM   671  C  CE2 . TYR A 1 95  ? -3.040  -4.112  -7.248  1.00 21.03 ? 90  TYR A CE2 1 
ATOM   672  C  CZ  . TYR A 1 95  ? -1.793  -4.438  -7.747  1.00 22.37 ? 90  TYR A CZ  1 
ATOM   673  O  OH  . TYR A 1 95  ? -1.519  -5.708  -8.159  1.00 27.04 ? 90  TYR A OH  1 
ATOM   674  N  N   . LYS A 1 96  ? -0.811  1.139   -8.446  1.00 23.98 ? 91  LYS A N   1 
ATOM   675  C  CA  . LYS A 1 96  ? 0.444   1.061   -9.191  1.00 21.10 ? 91  LYS A CA  1 
ATOM   676  C  C   . LYS A 1 96  ? 1.661   0.915   -8.253  1.00 26.83 ? 91  LYS A C   1 
ATOM   677  O  O   . LYS A 1 96  ? 1.720   1.512   -7.163  1.00 20.80 ? 91  LYS A O   1 
ATOM   678  C  CB  . LYS A 1 96  ? 0.631   2.292   -10.071 1.00 21.59 ? 91  LYS A CB  1 
ATOM   679  C  CG  . LYS A 1 96  ? 2.007   2.364   -10.689 1.00 22.26 ? 91  LYS A CG  1 
ATOM   680  C  CD  . LYS A 1 96  ? 2.039   3.287   -11.879 1.00 22.92 ? 91  LYS A CD  1 
ATOM   681  C  CE  . LYS A 1 96  ? 2.322   4.694   -11.460 1.00 25.12 ? 91  LYS A CE  1 
ATOM   682  N  NZ  . LYS A 1 96  ? 2.017   5.634   -12.558 1.00 32.00 ? 91  LYS A NZ  1 
ATOM   683  N  N   . ILE A 1 97  ? 2.639   0.134   -8.699  1.00 23.73 ? 92  ILE A N   1 
ATOM   684  C  CA  . ILE A 1 97  ? 3.839   -0.116  -7.913  1.00 22.07 ? 92  ILE A CA  1 
ATOM   685  C  C   . ILE A 1 97  ? 5.075   0.298   -8.690  1.00 22.92 ? 92  ILE A C   1 
ATOM   686  O  O   . ILE A 1 97  ? 5.322   -0.195  -9.794  1.00 20.29 ? 92  ILE A O   1 
ATOM   687  C  CB  . ILE A 1 97  ? 3.959   -1.610  -7.503  1.00 19.05 ? 92  ILE A CB  1 
ATOM   688  C  CG1 . ILE A 1 97  ? 3.001   -1.922  -6.361  1.00 21.54 ? 92  ILE A CG1 1 
ATOM   689  C  CG2 . ILE A 1 97  ? 5.363   -1.949  -7.053  1.00 23.03 ? 92  ILE A CG2 1 
ATOM   690  C  CD1 . ILE A 1 97  ? 2.873   -3.378  -6.081  1.00 23.25 ? 92  ILE A CD1 1 
ATOM   691  N  N   . GLU A 1 98  ? 5.845   1.207   -8.094  1.00 24.44 ? 93  GLU A N   1 
ATOM   692  C  CA  . GLU A 1 98  ? 7.145   1.603   -8.617  1.00 22.38 ? 93  GLU A CA  1 
ATOM   693  C  C   . GLU A 1 98  ? 8.221   1.402   -7.566  1.00 24.31 ? 93  GLU A C   1 
ATOM   694  O  O   . GLU A 1 98  ? 7.952   1.411   -6.356  1.00 23.72 ? 93  GLU A O   1 
ATOM   695  C  CB  . GLU A 1 98  ? 7.137   3.062   -9.054  1.00 26.11 ? 93  GLU A CB  1 
ATOM   696  C  CG  . GLU A 1 98  ? 5.921   3.468   -9.875  1.00 27.10 ? 93  GLU A CG  1 
ATOM   697  C  CD  . GLU A 1 98  ? 5.680   4.964   -9.813  1.00 29.74 ? 93  GLU A CD  1 
ATOM   698  O  OE1 . GLU A 1 98  ? 4.915   5.403   -8.925  1.00 30.30 ? 93  GLU A OE1 1 
ATOM   699  O  OE2 . GLU A 1 98  ? 6.266   5.699   -10.638 1.00 23.69 ? 93  GLU A OE2 1 
ATOM   700  N  N   . THR A 1 99  ? 9.449   1.241   -8.034  1.00 24.98 ? 94  THR A N   1 
ATOM   701  C  CA  . THR A 1 99  ? 10.578  1.051   -7.149  1.00 22.44 ? 94  THR A CA  1 
ATOM   702  C  C   . THR A 1 99  ? 11.752  1.921   -7.575  1.00 25.65 ? 94  THR A C   1 
ATOM   703  O  O   . THR A 1 99  ? 11.847  2.326   -8.733  1.00 26.41 ? 94  THR A O   1 
ATOM   704  C  CB  . THR A 1 99  ? 11.002  -0.422  -7.126  1.00 23.05 ? 94  THR A CB  1 
ATOM   705  O  OG1 . THR A 1 99  ? 11.150  -0.900  -8.472  1.00 18.23 ? 94  THR A OG1 1 
ATOM   706  C  CG2 . THR A 1 99  ? 9.956   -1.259  -6.397  1.00 19.24 ? 94  THR A CG2 1 
ATOM   707  N  N   . SER A 1 100 ? 12.645  2.223   -6.644  1.00 25.16 ? 95  SER A N   1 
ATOM   708  C  CA  . SER A 1 100 ? 13.908  2.840   -7.034  1.00 25.54 ? 95  SER A CA  1 
ATOM   709  C  C   . SER A 1 100 ? 15.005  2.568   -6.018  1.00 25.79 ? 95  SER A C   1 
ATOM   710  O  O   . SER A 1 100 ? 14.745  2.130   -4.892  1.00 24.19 ? 95  SER A O   1 
ATOM   711  C  CB  . SER A 1 100 ? 13.744  4.343   -7.235  1.00 24.87 ? 95  SER A CB  1 
ATOM   712  O  OG  . SER A 1 100 ? 13.521  5.005   -6.010  1.00 25.64 ? 95  SER A OG  1 
ATOM   713  N  N   . LEU A 1 101 ? 16.237  2.814   -6.443  1.00 25.57 ? 96  LEU A N   1 
ATOM   714  C  CA  . LEU A 1 101 ? 17.393  2.673   -5.571  1.00 25.93 ? 96  LEU A CA  1 
ATOM   715  C  C   . LEU A 1 101 ? 17.706  3.998   -4.926  1.00 24.40 ? 96  LEU A C   1 
ATOM   716  O  O   . LEU A 1 101 ? 18.376  4.042   -3.898  1.00 29.70 ? 96  LEU A O   1 
ATOM   717  C  CB  . LEU A 1 101 ? 18.625  2.180   -6.345  1.00 25.03 ? 96  LEU A CB  1 
ATOM   718  C  CG  . LEU A 1 101 ? 18.521  0.867   -7.123  1.00 23.36 ? 96  LEU A CG  1 
ATOM   719  C  CD1 . LEU A 1 101 ? 19.797  0.635   -7.904  1.00 23.02 ? 96  LEU A CD1 1 
ATOM   720  C  CD2 . LEU A 1 101 ? 18.259  -0.300  -6.188  1.00 24.75 ? 96  LEU A CD2 1 
ATOM   721  N  N   . ASP A 1 102 ? 17.227  5.081   -5.534  1.00 27.47 ? 97  ASP A N   1 
ATOM   722  C  CA  . ASP A 1 102 ? 17.672  6.418   -5.147  1.00 24.92 ? 97  ASP A CA  1 
ATOM   723  C  C   . ASP A 1 102 ? 16.544  7.404   -4.835  1.00 23.62 ? 97  ASP A C   1 
ATOM   724  O  O   . ASP A 1 102 ? 16.800  8.552   -4.461  1.00 26.81 ? 97  ASP A O   1 
ATOM   725  C  CB  . ASP A 1 102 ? 18.543  6.997   -6.251  1.00 24.54 ? 97  ASP A CB  1 
ATOM   726  C  CG  . ASP A 1 102 ? 17.804  7.099   -7.548  1.00 27.63 ? 97  ASP A CG  1 
ATOM   727  O  OD1 . ASP A 1 102 ? 16.609  6.734   -7.564  1.00 31.03 ? 97  ASP A OD1 1 
ATOM   728  O  OD2 . ASP A 1 102 ? 18.398  7.561   -8.540  1.00 31.66 ? 97  ASP A OD2 1 
ATOM   729  N  N   . ASN A 1 103 ? 15.300  6.967   -4.990  1.00 25.85 ? 98  ASN A N   1 
ATOM   730  C  CA  . ASN A 1 103 ? 14.146  7.826   -4.709  1.00 26.77 ? 98  ASN A CA  1 
ATOM   731  C  C   . ASN A 1 103 ? 13.988  8.960   -5.719  1.00 23.61 ? 98  ASN A C   1 
ATOM   732  O  O   . ASN A 1 103 ? 13.239  9.886   -5.472  1.00 28.62 ? 98  ASN A O   1 
ATOM   733  C  CB  . ASN A 1 103 ? 14.242  8.412   -3.292  1.00 26.36 ? 98  ASN A CB  1 
ATOM   734  C  CG  . ASN A 1 103 ? 12.922  8.995   -2.791  1.00 24.13 ? 98  ASN A CG  1 
ATOM   735  O  OD1 . ASN A 1 103 ? 11.831  8.543   -3.167  1.00 24.32 ? 98  ASN A OD1 1 
ATOM   736  N  ND2 . ASN A 1 103 ? 13.020  10.003  -1.933  1.00 13.85 ? 98  ASN A ND2 1 
ATOM   737  N  N   . GLU A 1 104 ? 14.684  8.899   -6.852  1.00 27.61 ? 99  GLU A N   1 
ATOM   738  C  CA  . GLU A 1 104 ? 14.448  9.874   -7.931  1.00 30.64 ? 99  GLU A CA  1 
ATOM   739  C  C   . GLU A 1 104 ? 14.125  9.164   -9.236  1.00 31.15 ? 99  GLU A C   1 
ATOM   740  O  O   . GLU A 1 104 ? 13.216  9.560   -9.957  1.00 33.59 ? 99  GLU A O   1 
ATOM   741  C  CB  . GLU A 1 104 ? 15.649  10.804  -8.128  1.00 28.43 ? 99  GLU A CB  1 
ATOM   742  N  N   . ASN A 1 105 ? 14.859  8.101   -9.535  1.00 31.77 ? 100 ASN A N   1 
ATOM   743  C  CA  . ASN A 1 105 ? 14.600  7.336   -10.745 1.00 31.40 ? 100 ASN A CA  1 
ATOM   744  C  C   . ASN A 1 105 ? 13.768  6.100   -10.449 1.00 31.38 ? 100 ASN A C   1 
ATOM   745  O  O   . ASN A 1 105 ? 14.266  5.145   -9.866  1.00 34.33 ? 100 ASN A O   1 
ATOM   746  C  CB  . ASN A 1 105 ? 15.904  6.928   -11.423 1.00 26.56 ? 100 ASN A CB  1 
ATOM   747  C  CG  . ASN A 1 105 ? 16.837  8.097   -11.630 1.00 31.89 ? 100 ASN A CG  1 
ATOM   748  O  OD1 . ASN A 1 105 ? 16.583  8.971   -12.458 1.00 42.95 ? 100 ASN A OD1 1 
ATOM   749  N  ND2 . ASN A 1 105 ? 17.928  8.124   -10.870 1.00 35.07 ? 100 ASN A ND2 1 
ATOM   750  N  N   . TRP A 1 106 ? 12.511  6.119   -10.884 1.00 29.61 ? 101 TRP A N   1 
ATOM   751  C  CA  . TRP A 1 106 ? 11.589  5.023   -10.628 1.00 27.63 ? 101 TRP A CA  1 
ATOM   752  C  C   . TRP A 1 106 ? 11.462  4.083   -11.802 1.00 26.91 ? 101 TRP A C   1 
ATOM   753  O  O   . TRP A 1 106 ? 11.550  4.493   -12.955 1.00 25.18 ? 101 TRP A O   1 
ATOM   754  C  CB  . TRP A 1 106 ? 10.209  5.568   -10.255 1.00 24.87 ? 101 TRP A CB  1 
ATOM   755  C  CG  . TRP A 1 106 ? 10.280  6.426   -9.040  1.00 24.31 ? 101 TRP A CG  1 
ATOM   756  C  CD1 . TRP A 1 106 ? 10.473  7.768   -8.998  1.00 23.16 ? 101 TRP A CD1 1 
ATOM   757  C  CD2 . TRP A 1 106 ? 10.206  5.985   -7.684  1.00 24.42 ? 101 TRP A CD2 1 
ATOM   758  N  NE1 . TRP A 1 106 ? 10.502  8.199   -7.701  1.00 25.95 ? 101 TRP A NE1 1 
ATOM   759  C  CE2 . TRP A 1 106 ? 10.341  7.123   -6.870  1.00 24.03 ? 101 TRP A CE2 1 
ATOM   760  C  CE3 . TRP A 1 106 ? 10.032  4.738   -7.078  1.00 24.12 ? 101 TRP A CE3 1 
ATOM   761  C  CZ2 . TRP A 1 106 ? 10.305  7.055   -5.479  1.00 21.99 ? 101 TRP A CZ2 1 
ATOM   762  C  CZ3 . TRP A 1 106 ? 9.988   4.673   -5.692  1.00 22.42 ? 101 TRP A CZ3 1 
ATOM   763  C  CH2 . TRP A 1 106 ? 10.120  5.823   -4.912  1.00 19.85 ? 101 TRP A CH2 1 
ATOM   764  N  N   . THR A 1 107 ? 11.280  2.807   -11.480 1.00 23.36 ? 102 THR A N   1 
ATOM   765  C  CA  . THR A 1 107 ? 10.844  1.811   -12.441 1.00 26.19 ? 102 THR A CA  1 
ATOM   766  C  C   . THR A 1 107 ? 9.398   1.472   -12.149 1.00 27.82 ? 102 THR A C   1 
ATOM   767  O  O   . THR A 1 107 ? 9.030   1.315   -10.985 1.00 24.82 ? 102 THR A O   1 
ATOM   768  C  CB  . THR A 1 107 ? 11.658  0.511   -12.370 1.00 23.25 ? 102 THR A CB  1 
ATOM   769  O  OG1 . THR A 1 107 ? 13.052  0.816   -12.340 1.00 22.10 ? 102 THR A OG1 1 
ATOM   770  C  CG2 . THR A 1 107 ? 11.347  -0.353  -13.589 1.00 25.47 ? 102 THR A CG2 1 
ATOM   771  N  N   . GLU A 1 108 ? 8.575   1.367   -13.189 1.00 28.38 ? 103 GLU A N   1 
ATOM   772  C  CA  . GLU A 1 108 ? 7.199   0.939   -12.978 1.00 24.43 ? 103 GLU A CA  1 
ATOM   773  C  C   . GLU A 1 108 ? 7.184   -0.568  -12.952 1.00 22.97 ? 103 GLU A C   1 
ATOM   774  O  O   . GLU A 1 108 ? 7.509   -1.213  -13.952 1.00 27.60 ? 103 GLU A O   1 
ATOM   775  C  CB  . GLU A 1 108 ? 6.249   1.464   -14.050 1.00 24.13 ? 103 GLU A CB  1 
ATOM   776  C  CG  . GLU A 1 108 ? 4.788   1.126   -13.727 1.00 27.97 ? 103 GLU A CG  1 
ATOM   777  C  CD  . GLU A 1 108 ? 3.826   1.483   -14.846 1.00 33.76 ? 103 GLU A CD  1 
ATOM   778  O  OE1 . GLU A 1 108 ? 3.873   2.632   -15.340 1.00 36.36 ? 103 GLU A OE1 1 
ATOM   779  O  OE2 . GLU A 1 108 ? 3.018   0.608   -15.224 1.00 29.48 ? 103 GLU A OE2 1 
ATOM   780  N  N   . VAL A 1 109 ? 6.828   -1.132  -11.806 1.00 20.92 ? 104 VAL A N   1 
ATOM   781  C  CA  . VAL A 1 109 ? 6.884   -2.574  -11.646 1.00 25.78 ? 104 VAL A CA  1 
ATOM   782  C  C   . VAL A 1 109 ? 5.655   -3.211  -12.254 1.00 24.83 ? 104 VAL A C   1 
ATOM   783  O  O   . VAL A 1 109 ? 5.778   -4.146  -13.038 1.00 28.88 ? 104 VAL A O   1 
ATOM   784  C  CB  . VAL A 1 109 ? 7.002   -2.988  -10.163 1.00 29.68 ? 104 VAL A CB  1 
ATOM   785  C  CG1 . VAL A 1 109 ? 6.819   -4.496  -10.006 1.00 20.58 ? 104 VAL A CG1 1 
ATOM   786  C  CG2 . VAL A 1 109 ? 8.347   -2.538  -9.596  1.00 28.34 ? 104 VAL A CG2 1 
ATOM   787  N  N   . ARG A 1 110 ? 4.478   -2.702  -11.884 1.00 23.56 ? 105 ARG A N   1 
ATOM   788  C  CA  . ARG A 1 110 ? 3.203   -3.207  -12.387 1.00 17.50 ? 105 ARG A CA  1 
ATOM   789  C  C   . ARG A 1 110 ? 2.011   -2.323  -11.981 1.00 18.42 ? 105 ARG A C   1 
ATOM   790  O  O   . ARG A 1 110 ? 2.142   -1.405  -11.183 1.00 18.81 ? 105 ARG A O   1 
ATOM   791  C  CB  . ARG A 1 110 ? 2.968   -4.638  -11.891 1.00 23.78 ? 105 ARG A CB  1 
ATOM   792  C  CG  . ARG A 1 110 ? 2.812   -4.763  -10.370 1.00 24.43 ? 105 ARG A CG  1 
ATOM   793  C  CD  . ARG A 1 110 ? 2.273   -6.124  -9.977  1.00 24.75 ? 105 ARG A CD  1 
ATOM   794  N  NE  . ARG A 1 110 ? 0.936   -6.319  -10.535 1.00 31.08 ? 105 ARG A NE  1 
ATOM   795  C  CZ  . ARG A 1 110 ? 0.168   -7.381  -10.307 1.00 32.01 ? 105 ARG A CZ  1 
ATOM   796  N  NH1 . ARG A 1 110 ? 0.597   -8.367  -9.521  1.00 28.62 ? 105 ARG A NH1 1 
ATOM   797  N  NH2 . ARG A 1 110 ? -1.032  -7.452  -10.860 1.00 23.70 ? 105 ARG A NH2 1 
ATOM   798  N  N   . THR A 1 111 ? 0.849   -2.622  -12.545 1.00 21.02 ? 106 THR A N   1 
ATOM   799  C  CA  . THR A 1 111 ? -0.411  -2.039  -12.122 1.00 19.76 ? 106 THR A CA  1 
ATOM   800  C  C   . THR A 1 111 ? -1.308  -3.219  -11.778 1.00 21.59 ? 106 THR A C   1 
ATOM   801  O  O   . THR A 1 111 ? -0.928  -4.352  -12.036 1.00 31.07 ? 106 THR A O   1 
ATOM   802  C  CB  . THR A 1 111 ? -1.049  -1.155  -13.230 1.00 20.02 ? 106 THR A CB  1 
ATOM   803  O  OG1 . THR A 1 111 ? -1.062  -1.884  -14.462 1.00 23.75 ? 106 THR A OG1 1 
ATOM   804  C  CG2 . THR A 1 111 ? -0.254  0.120   -13.436 1.00 22.09 ? 106 THR A CG2 1 
ATOM   805  N  N   . GLY A 1 112 ? -2.479  -2.979  -11.194 1.00 20.57 ? 107 GLY A N   1 
ATOM   806  C  CA  . GLY A 1 112 ? -3.442  -4.051  -11.002 1.00 20.11 ? 107 GLY A CA  1 
ATOM   807  C  C   . GLY A 1 112 ? -4.663  -3.669  -10.187 1.00 24.14 ? 107 GLY A C   1 
ATOM   808  O  O   . GLY A 1 112 ? -4.760  -2.550  -9.697  1.00 28.68 ? 107 GLY A O   1 
ATOM   809  N  N   . ASN A 1 113 ? -5.595  -4.607  -10.028 1.00 26.74 ? 108 ASN A N   1 
ATOM   810  C  CA  . ASN A 1 113 ? -6.819  -4.373  -9.254  1.00 26.95 ? 108 ASN A CA  1 
ATOM   811  C  C   . ASN A 1 113 ? -6.990  -5.364  -8.119  1.00 27.42 ? 108 ASN A C   1 
ATOM   812  O  O   . ASN A 1 113 ? -6.442  -6.461  -8.156  1.00 26.09 ? 108 ASN A O   1 
ATOM   813  C  CB  . ASN A 1 113 ? -8.056  -4.442  -10.154 1.00 21.18 ? 108 ASN A CB  1 
ATOM   814  C  CG  . ASN A 1 113 ? -7.990  -3.465  -11.287 1.00 22.25 ? 108 ASN A CG  1 
ATOM   815  O  OD1 . ASN A 1 113 ? -7.287  -3.697  -12.268 1.00 26.29 ? 108 ASN A OD1 1 
ATOM   816  N  ND2 . ASN A 1 113 ? -8.705  -2.350  -11.160 1.00 22.29 ? 108 ASN A ND2 1 
ATOM   817  N  N   . LEU A 1 114 ? -7.774  -4.989  -7.117  1.00 25.04 ? 109 LEU A N   1 
ATOM   818  C  CA  . LEU A 1 114 ? -8.169  -5.946  -6.091  1.00 27.43 ? 109 LEU A CA  1 
ATOM   819  C  C   . LEU A 1 114 ? -9.681  -6.116  -6.167  1.00 29.17 ? 109 LEU A C   1 
ATOM   820  O  O   . LEU A 1 114 ? -10.405 -5.157  -6.397  1.00 32.87 ? 109 LEU A O   1 
ATOM   821  C  CB  . LEU A 1 114 ? -7.726  -5.484  -4.705  1.00 26.30 ? 109 LEU A CB  1 
ATOM   822  C  CG  . LEU A 1 114 ? -6.238  -5.166  -4.567  1.00 25.51 ? 109 LEU A CG  1 
ATOM   823  C  CD1 . LEU A 1 114 ? -5.957  -4.711  -3.159  1.00 23.11 ? 109 LEU A CD1 1 
ATOM   824  C  CD2 . LEU A 1 114 ? -5.374  -6.379  -4.931  1.00 25.39 ? 109 LEU A CD2 1 
ATOM   825  N  N   . GLU A 1 115 ? -10.162 -7.335  -5.985  1.00 30.76 ? 110 GLU A N   1 
ATOM   826  C  CA  . GLU A 1 115 ? -11.569 -7.602  -6.225  1.00 36.59 ? 110 GLU A CA  1 
ATOM   827  C  C   . GLU A 1 115 ? -12.429 -7.063  -5.092  1.00 40.31 ? 110 GLU A C   1 
ATOM   828  O  O   . GLU A 1 115 ? -12.089 -7.159  -3.901  1.00 33.51 ? 110 GLU A O   1 
ATOM   829  C  CB  . GLU A 1 115 ? -11.828 -9.106  -6.429  1.00 39.67 ? 110 GLU A CB  1 
ATOM   830  C  CG  . GLU A 1 115 ? -11.998 -9.925  -5.142  1.00 48.63 ? 110 GLU A CG  1 
ATOM   831  C  CD  . GLU A 1 115 ? -12.414 -11.379 -5.403  1.00 54.74 ? 110 GLU A CD  1 
ATOM   832  O  OE1 . GLU A 1 115 ? -11.520 -12.217 -5.670  1.00 45.98 ? 110 GLU A OE1 1 
ATOM   833  O  OE2 . GLU A 1 115 ? -13.634 -11.678 -5.335  1.00 46.04 ? 110 GLU A OE2 1 
ATOM   834  N  N   . VAL A 1 116 ? -13.546 -6.473  -5.496  1.00 37.82 ? 111 VAL A N   1 
ATOM   835  C  CA  . VAL A 1 116 ? -14.537 -5.963  -4.577  1.00 33.65 ? 111 VAL A CA  1 
ATOM   836  C  C   . VAL A 1 116 ? -15.451 -7.102  -4.146  1.00 35.53 ? 111 VAL A C   1 
ATOM   837  O  O   . VAL A 1 116 ? -15.495 -8.146  -4.803  1.00 39.09 ? 111 VAL A O   1 
ATOM   838  C  CB  . VAL A 1 116 ? -15.336 -4.845  -5.237  1.00 31.96 ? 111 VAL A CB  1 
ATOM   839  C  CG1 . VAL A 1 116 ? -16.229 -4.160  -4.231  1.00 36.60 ? 111 VAL A CG1 1 
ATOM   840  C  CG2 . VAL A 1 116 ? -14.369 -3.843  -5.856  1.00 37.06 ? 111 VAL A CG2 1 
ATOM   841  N  N   . ASN A 1 117 ? -16.176 -6.920  -3.045  1.00 35.83 ? 112 ASN A N   1 
ATOM   842  C  CA  . ASN A 1 117 ? -17.191 -7.906  -2.675  1.00 41.47 ? 112 ASN A CA  1 
ATOM   843  C  C   . ASN A 1 117 ? -18.398 -7.831  -3.615  1.00 40.85 ? 112 ASN A C   1 
ATOM   844  O  O   . ASN A 1 117 ? -18.423 -7.039  -4.563  1.00 38.68 ? 112 ASN A O   1 
ATOM   845  C  CB  . ASN A 1 117 ? -17.634 -7.745  -1.205  1.00 38.02 ? 112 ASN A CB  1 
ATOM   846  C  CG  . ASN A 1 117 ? -18.312 -6.409  -0.915  1.00 37.57 ? 112 ASN A CG  1 
ATOM   847  O  OD1 . ASN A 1 117 ? -18.768 -5.700  -1.817  1.00 41.85 ? 112 ASN A OD1 1 
ATOM   848  N  ND2 . ASN A 1 117 ? -18.383 -6.066  0.362   1.00 35.03 ? 112 ASN A ND2 1 
ATOM   849  N  N   . GLU A 1 118 ? -19.401 -8.655  -3.341  1.00 44.65 ? 113 GLU A N   1 
ATOM   850  C  CA  . GLU A 1 118 ? -20.581 -8.718  -4.188  1.00 43.51 ? 113 GLU A CA  1 
ATOM   851  C  C   . GLU A 1 118 ? -21.306 -7.375  -4.258  1.00 42.16 ? 113 GLU A C   1 
ATOM   852  O  O   . GLU A 1 118 ? -21.710 -6.935  -5.333  1.00 37.42 ? 113 GLU A O   1 
ATOM   853  C  CB  . GLU A 1 118 ? -21.522 -9.806  -3.680  1.00 47.09 ? 113 GLU A CB  1 
ATOM   854  C  CG  . GLU A 1 118 ? -21.741 -10.938 -4.665  1.00 53.28 ? 113 GLU A CG  1 
ATOM   855  C  CD  . GLU A 1 118 ? -23.112 -10.883 -5.318  1.00 60.87 ? 113 GLU A CD  1 
ATOM   856  O  OE1 . GLU A 1 118 ? -23.944 -10.052 -4.887  1.00 57.09 ? 113 GLU A OE1 1 
ATOM   857  O  OE2 . GLU A 1 118 ? -23.352 -11.672 -6.258  1.00 64.31 ? 113 GLU A OE2 1 
ATOM   858  N  N   . ALA A 1 119 ? -21.464 -6.726  -3.107  1.00 41.37 ? 114 ALA A N   1 
ATOM   859  C  CA  . ALA A 1 119 ? -22.176 -5.456  -3.052  1.00 40.45 ? 114 ALA A CA  1 
ATOM   860  C  C   . ALA A 1 119 ? -21.468 -4.392  -3.886  1.00 45.44 ? 114 ALA A C   1 
ATOM   861  O  O   . ALA A 1 119 ? -22.120 -3.565  -4.520  1.00 50.38 ? 114 ALA A O   1 
ATOM   862  C  CB  . ALA A 1 119 ? -22.329 -4.987  -1.606  1.00 34.37 ? 114 ALA A CB  1 
ATOM   863  N  N   . GLY A 1 120 ? -20.135 -4.429  -3.890  1.00 42.87 ? 115 GLY A N   1 
ATOM   864  C  CA  . GLY A 1 120 ? -19.338 -3.404  -4.541  1.00 32.84 ? 115 GLY A CA  1 
ATOM   865  C  C   . GLY A 1 120 ? -18.956 -2.298  -3.571  1.00 36.15 ? 115 GLY A C   1 
ATOM   866  O  O   . GLY A 1 120 ? -18.457 -1.255  -3.990  1.00 31.36 ? 115 GLY A O   1 
ATOM   867  N  N   . ASN A 1 121 ? -19.168 -2.537  -2.274  1.00 35.47 ? 116 ASN A N   1 
ATOM   868  C  CA  . ASN A 1 121 ? -18.966 -1.518  -1.236  1.00 37.48 ? 116 ASN A CA  1 
ATOM   869  C  C   . ASN A 1 121 ? -17.660 -1.666  -0.435  1.00 41.12 ? 116 ASN A C   1 
ATOM   870  O  O   . ASN A 1 121 ? -17.277 -0.758  0.304   1.00 35.83 ? 116 ASN A O   1 
ATOM   871  C  CB  . ASN A 1 121 ? -20.147 -1.527  -0.255  1.00 34.79 ? 116 ASN A CB  1 
ATOM   872  C  CG  . ASN A 1 121 ? -20.085 -2.697  0.728   1.00 39.91 ? 116 ASN A CG  1 
ATOM   873  O  OD1 . ASN A 1 121 ? -19.507 -3.745  0.435   1.00 39.56 ? 116 ASN A OD1 1 
ATOM   874  N  ND2 . ASN A 1 121 ? -20.676 -2.515  1.899   1.00 40.48 ? 116 ASN A ND2 1 
ATOM   875  N  N   . ALA A 1 122 ? -17.002 -2.819  -0.560  1.00 37.32 ? 117 ALA A N   1 
ATOM   876  C  CA  . ALA A 1 122 ? -15.759 -3.087  0.165   1.00 35.32 ? 117 ALA A CA  1 
ATOM   877  C  C   . ALA A 1 122 ? -14.926 -4.130  -0.570  1.00 36.69 ? 117 ALA A C   1 
ATOM   878  O  O   . ALA A 1 122 ? -15.439 -4.830  -1.448  1.00 36.70 ? 117 ALA A O   1 
ATOM   879  C  CB  . ALA A 1 122 ? -16.051 -3.555  1.581   1.00 31.71 ? 117 ALA A CB  1 
ATOM   880  N  N   . LEU A 1 123 ? -13.647 -4.235  -0.220  1.00 29.84 ? 118 LEU A N   1 
ATOM   881  C  CA  . LEU A 1 123 ? -12.800 -5.270  -0.803  1.00 34.72 ? 118 LEU A CA  1 
ATOM   882  C  C   . LEU A 1 123 ? -13.322 -6.672  -0.473  1.00 33.75 ? 118 LEU A C   1 
ATOM   883  O  O   . LEU A 1 123 ? -13.789 -6.917  0.637   1.00 35.53 ? 118 LEU A O   1 
ATOM   884  C  CB  . LEU A 1 123 ? -11.354 -5.115  -0.323  1.00 29.14 ? 118 LEU A CB  1 
ATOM   885  C  CG  . LEU A 1 123 ? -10.526 -4.071  -1.080  1.00 24.13 ? 118 LEU A CG  1 
ATOM   886  C  CD1 . LEU A 1 123 ? -9.052  -4.206  -0.743  1.00 28.37 ? 118 LEU A CD1 1 
ATOM   887  C  CD2 . LEU A 1 123 ? -10.737 -4.217  -2.564  1.00 26.09 ? 118 LEU A CD2 1 
ATOM   888  N  N   . ALA A 1 124 ? -13.243 -7.584  -1.441  1.00 36.45 ? 119 ALA A N   1 
ATOM   889  C  CA  . ALA A 1 124 ? -13.735 -8.959  -1.261  1.00 31.81 ? 119 ALA A CA  1 
ATOM   890  C  C   . ALA A 1 124 ? -12.881 -9.685  -0.259  1.00 32.13 ? 119 ALA A C   1 
ATOM   891  O  O   . ALA A 1 124 ? -13.360 -10.507 0.518   1.00 30.73 ? 119 ALA A O   1 
ATOM   892  C  CB  . ALA A 1 124 ? -13.735 -9.710  -2.568  1.00 29.53 ? 119 ALA A CB  1 
ATOM   893  N  N   . ASN A 1 125 ? -11.593 -9.373  -0.297  1.00 37.95 ? 120 ASN A N   1 
ATOM   894  C  CA  . ASN A 1 125 ? -10.633 -9.929  0.633   1.00 29.55 ? 120 ASN A CA  1 
ATOM   895  C  C   . ASN A 1 125 ? -10.251 -8.856  1.631   1.00 34.17 ? 120 ASN A C   1 
ATOM   896  O  O   . ASN A 1 125 ? -9.690  -7.833  1.253   1.00 31.78 ? 120 ASN A O   1 
ATOM   897  C  CB  . ASN A 1 125 ? -9.414  -10.444 -0.119  1.00 25.64 ? 120 ASN A CB  1 
ATOM   898  C  CG  . ASN A 1 125 ? -8.365  -11.011 0.802   1.00 32.11 ? 120 ASN A CG  1 
ATOM   899  O  OD1 . ASN A 1 125 ? -8.645  -11.305 1.965   1.00 27.64 ? 120 ASN A OD1 1 
ATOM   900  N  ND2 . ASN A 1 125 ? -7.139  -11.163 0.288   1.00 29.35 ? 120 ASN A ND2 1 
ATOM   901  N  N   . ARG A 1 126 ? -10.560 -9.081  2.900   1.00 37.67 ? 121 ARG A N   1 
ATOM   902  C  CA  . ARG A 1 126 ? -10.391 -8.035  3.904   1.00 34.97 ? 121 ARG A CA  1 
ATOM   903  C  C   . ARG A 1 126 ? -9.116  -8.260  4.700   1.00 29.44 ? 121 ARG A C   1 
ATOM   904  O  O   . ARG A 1 126 ? -8.773  -7.488  5.600   1.00 32.23 ? 121 ARG A O   1 
ATOM   905  C  CB  . ARG A 1 126 ? -11.616 -7.982  4.819   1.00 36.98 ? 121 ARG A CB  1 
ATOM   906  C  CG  . ARG A 1 126 ? -12.935 -7.763  4.067   1.00 41.07 ? 121 ARG A CG  1 
ATOM   907  C  CD  . ARG A 1 126 ? -13.151 -6.293  3.765   1.00 36.03 ? 121 ARG A CD  1 
ATOM   908  N  NE  . ARG A 1 126 ? -12.951 -5.505  4.976   1.00 41.23 ? 121 ARG A NE  1 
ATOM   909  C  CZ  . ARG A 1 126 ? -13.817 -4.617  5.453   1.00 36.91 ? 121 ARG A CZ  1 
ATOM   910  N  NH1 . ARG A 1 126 ? -14.953 -4.375  4.805   1.00 38.98 ? 121 ARG A NH1 1 
ATOM   911  N  NH2 . ARG A 1 126 ? -13.535 -3.965  6.573   1.00 27.71 ? 121 ARG A NH2 1 
ATOM   912  N  N   . GLY A 1 127 ? -8.405  -9.323  4.357   1.00 29.72 ? 122 GLY A N   1 
ATOM   913  C  CA  . GLY A 1 127 ? -7.089  -9.561  4.927   1.00 25.35 ? 122 GLY A CA  1 
ATOM   914  C  C   . GLY A 1 127 ? -5.998  -9.193  3.943   1.00 22.73 ? 122 GLY A C   1 
ATOM   915  O  O   . GLY A 1 127 ? -6.202  -8.419  3.015   1.00 29.44 ? 122 GLY A O   1 
ATOM   916  N  N   . TYR A 1 128 ? -4.828  -9.769  4.134   1.00 26.50 ? 123 TYR A N   1 
ATOM   917  C  CA  . TYR A 1 128 ? -3.696  -9.486  3.274   1.00 24.17 ? 123 TYR A CA  1 
ATOM   918  C  C   . TYR A 1 128 ? -3.927  -9.833  1.802   1.00 25.25 ? 123 TYR A C   1 
ATOM   919  O  O   . TYR A 1 128 ? -3.949  -10.989 1.434   1.00 26.26 ? 123 TYR A O   1 
ATOM   920  C  CB  . TYR A 1 128 ? -2.476  -10.229 3.806   1.00 21.87 ? 123 TYR A CB  1 
ATOM   921  C  CG  . TYR A 1 128 ? -2.010  -9.662  5.116   1.00 28.52 ? 123 TYR A CG  1 
ATOM   922  C  CD1 . TYR A 1 128 ? -1.463  -8.389  5.179   1.00 33.91 ? 123 TYR A CD1 1 
ATOM   923  C  CD2 . TYR A 1 128 ? -2.126  -10.381 6.295   1.00 35.40 ? 123 TYR A CD2 1 
ATOM   924  C  CE1 . TYR A 1 128 ? -1.031  -7.854  6.372   1.00 33.68 ? 123 TYR A CE1 1 
ATOM   925  C  CE2 . TYR A 1 128 ? -1.696  -9.850  7.503   1.00 30.60 ? 123 TYR A CE2 1 
ATOM   926  C  CZ  . TYR A 1 128 ? -1.149  -8.588  7.529   1.00 34.13 ? 123 TYR A CZ  1 
ATOM   927  O  OH  . TYR A 1 128 ? -0.717  -8.039  8.713   1.00 41.80 ? 123 TYR A OH  1 
ATOM   928  N  N   . ASN A 1 129 ? -4.089  -8.819  0.960   1.00 28.27 ? 124 ASN A N   1 
ATOM   929  C  CA  . ASN A 1 129 ? -4.178  -9.036  -0.484  1.00 25.56 ? 124 ASN A CA  1 
ATOM   930  C  C   . ASN A 1 129 ? -2.793  -9.073  -1.120  1.00 24.06 ? 124 ASN A C   1 
ATOM   931  O  O   . ASN A 1 129 ? -2.196  -8.029  -1.329  1.00 29.29 ? 124 ASN A O   1 
ATOM   932  C  CB  . ASN A 1 129 ? -5.012  -7.932  -1.148  1.00 22.49 ? 124 ASN A CB  1 
ATOM   933  C  CG  . ASN A 1 129 ? -6.434  -7.860  -0.614  1.00 28.06 ? 124 ASN A CG  1 
ATOM   934  O  OD1 . ASN A 1 129 ? -7.394  -7.968  -1.377  1.00 34.91 ? 124 ASN A OD1 1 
ATOM   935  N  ND2 . ASN A 1 129 ? -6.579  -7.677  0.695   1.00 24.24 ? 124 ASN A ND2 1 
ATOM   936  N  N   . PRO A 1 130 ? -2.269  -10.268 -1.433  1.00 26.93 ? 125 PRO A N   1 
ATOM   937  C  CA  . PRO A 1 130 ? -0.912  -10.363 -1.994  1.00 25.63 ? 125 PRO A CA  1 
ATOM   938  C  C   . PRO A 1 130 ? -0.758  -9.770  -3.398  1.00 27.93 ? 125 PRO A C   1 
ATOM   939  O  O   . PRO A 1 130 ? -1.598  -10.009 -4.260  1.00 29.07 ? 125 PRO A O   1 
ATOM   940  C  CB  . PRO A 1 130 ? -0.653  -11.874 -2.015  1.00 31.03 ? 125 PRO A CB  1 
ATOM   941  C  CG  . PRO A 1 130 ? -1.988  -12.493 -1.996  1.00 27.75 ? 125 PRO A CG  1 
ATOM   942  C  CD  . PRO A 1 130 ? -2.857  -11.595 -1.193  1.00 27.92 ? 125 PRO A CD  1 
ATOM   943  N  N   . ILE A 1 131 ? 0.316   -9.010  -3.622  1.00 29.44 ? 126 ILE A N   1 
ATOM   944  C  CA  . ILE A 1 131 ? 0.604   -8.449  -4.943  1.00 22.74 ? 126 ILE A CA  1 
ATOM   945  C  C   . ILE A 1 131 ? 2.010   -8.786  -5.377  1.00 24.06 ? 126 ILE A C   1 
ATOM   946  O  O   . ILE A 1 131 ? 2.954   -8.103  -5.004  1.00 29.40 ? 126 ILE A O   1 
ATOM   947  C  CB  . ILE A 1 131 ? 0.439   -6.925  -4.961  1.00 24.00 ? 126 ILE A CB  1 
ATOM   948  C  CG1 . ILE A 1 131 ? -1.026  -6.555  -4.735  1.00 24.78 ? 126 ILE A CG1 1 
ATOM   949  C  CG2 . ILE A 1 131 ? 0.933   -6.349  -6.277  1.00 21.62 ? 126 ILE A CG2 1 
ATOM   950  C  CD1 . ILE A 1 131 ? -1.225  -5.122  -4.335  1.00 22.40 ? 126 ILE A CD1 1 
ATOM   951  N  N   . ARG A 1 132 ? 2.160   -9.831  -6.177  1.00 29.10 ? 127 ARG A N   1 
ATOM   952  C  CA  . ARG A 1 132 ? 3.496   -10.240 -6.587  1.00 30.72 ? 127 ARG A CA  1 
ATOM   953  C  C   . ARG A 1 132 ? 3.912   -9.594  -7.888  1.00 29.34 ? 127 ARG A C   1 
ATOM   954  O  O   . ARG A 1 132 ? 3.070   -9.208  -8.699  1.00 29.51 ? 127 ARG A O   1 
ATOM   955  C  CB  . ARG A 1 132 ? 3.585   -11.749 -6.742  1.00 33.41 ? 127 ARG A CB  1 
ATOM   956  C  CG  . ARG A 1 132 ? 2.675   -12.305 -7.816  1.00 38.44 ? 127 ARG A CG  1 
ATOM   957  C  CD  . ARG A 1 132 ? 2.997   -13.772 -8.113  1.00 51.47 ? 127 ARG A CD  1 
ATOM   958  N  NE  . ARG A 1 132 ? 3.853   -13.908 -9.290  1.00 64.79 ? 127 ARG A NE  1 
ATOM   959  C  CZ  . ARG A 1 132 ? 3.397   -14.106 -10.524 1.00 57.29 ? 127 ARG A CZ  1 
ATOM   960  N  NH1 . ARG A 1 132 ? 2.093   -14.203 -10.742 1.00 48.77 ? 127 ARG A NH1 1 
ATOM   961  N  NH2 . ARG A 1 132 ? 4.244   -14.209 -11.539 1.00 58.09 ? 127 ARG A NH2 1 
ATOM   962  N  N   . PHE A 1 133 ? 5.228   -9.506  -8.073  1.00 28.41 ? 128 PHE A N   1 
ATOM   963  C  CA  . PHE A 1 133 ? 5.833   -8.911  -9.256  1.00 26.45 ? 128 PHE A CA  1 
ATOM   964  C  C   . PHE A 1 133 ? 7.196   -9.551  -9.454  1.00 26.52 ? 128 PHE A C   1 
ATOM   965  O  O   . PHE A 1 133 ? 7.677   -10.263 -8.571  1.00 22.63 ? 128 PHE A O   1 
ATOM   966  C  CB  . PHE A 1 133 ? 5.943   -7.378  -9.123  1.00 27.15 ? 128 PHE A CB  1 
ATOM   967  C  CG  . PHE A 1 133 ? 6.332   -6.898  -7.738  1.00 21.90 ? 128 PHE A CG  1 
ATOM   968  C  CD1 . PHE A 1 133 ? 7.665   -6.664  -7.415  1.00 22.38 ? 128 PHE A CD1 1 
ATOM   969  C  CD2 . PHE A 1 133 ? 5.363   -6.664  -6.772  1.00 20.24 ? 128 PHE A CD2 1 
ATOM   970  C  CE1 . PHE A 1 133 ? 8.029   -6.215  -6.146  1.00 15.52 ? 128 PHE A CE1 1 
ATOM   971  C  CE2 . PHE A 1 133 ? 5.715   -6.214  -5.504  1.00 21.37 ? 128 PHE A CE2 1 
ATOM   972  C  CZ  . PHE A 1 133 ? 7.050   -5.991  -5.190  1.00 17.35 ? 128 PHE A CZ  1 
ATOM   973  N  N   . ASN A 1 134 ? 7.808   -9.308  -10.613 1.00 28.53 ? 129 ASN A N   1 
ATOM   974  C  CA  . ASN A 1 134 ? 9.098   -9.909  -10.930 1.00 23.30 ? 129 ASN A CA  1 
ATOM   975  C  C   . ASN A 1 134 ? 10.196  -9.293  -10.088 1.00 24.71 ? 129 ASN A C   1 
ATOM   976  O  O   . ASN A 1 134 ? 10.266  -8.071  -9.934  1.00 23.16 ? 129 ASN A O   1 
ATOM   977  C  CB  . ASN A 1 134 ? 9.420   -9.763  -12.417 1.00 26.22 ? 129 ASN A CB  1 
ATOM   978  C  CG  . ASN A 1 134 ? 8.504   -10.604 -13.308 1.00 29.43 ? 129 ASN A CG  1 
ATOM   979  O  OD1 . ASN A 1 134 ? 7.745   -11.446 -12.834 1.00 31.40 ? 129 ASN A OD1 1 
ATOM   980  N  ND2 . ASN A 1 134 ? 8.589   -10.379 -14.608 1.00 31.74 ? 129 ASN A ND2 1 
ATOM   981  N  N   . THR A 1 135 ? 11.049  -10.152 -9.540  1.00 23.95 ? 130 THR A N   1 
ATOM   982  C  CA  . THR A 1 135 ? 12.054  -9.742  -8.563  1.00 25.79 ? 130 THR A CA  1 
ATOM   983  C  C   . THR A 1 135 ? 12.883  -8.532  -9.017  1.00 26.73 ? 130 THR A C   1 
ATOM   984  O  O   . THR A 1 135 ? 13.659  -8.588  -9.976  1.00 26.09 ? 130 THR A O   1 
ATOM   985  C  CB  . THR A 1 135 ? 13.009  -10.903 -8.235  1.00 25.00 ? 130 THR A CB  1 
ATOM   986  O  OG1 . THR A 1 135 ? 12.245  -12.043 -7.845  1.00 27.93 ? 130 THR A OG1 1 
ATOM   987  C  CG2 . THR A 1 135 ? 13.970  -10.508 -7.108  1.00 22.06 ? 130 THR A CG2 1 
ATOM   988  N  N   . ILE A 1 136 ? 12.715  -7.433  -8.309  1.00 24.54 ? 131 ILE A N   1 
ATOM   989  C  CA  . ILE A 1 136 ? 13.424  -6.223  -8.648  1.00 23.05 ? 131 ILE A CA  1 
ATOM   990  C  C   . ILE A 1 136 ? 14.148  -5.726  -7.410  1.00 23.72 ? 131 ILE A C   1 
ATOM   991  O  O   . ILE A 1 136 ? 13.689  -5.920  -6.290  1.00 24.13 ? 131 ILE A O   1 
ATOM   992  C  CB  . ILE A 1 136 ? 12.466  -5.157  -9.204  1.00 21.82 ? 131 ILE A CB  1 
ATOM   993  C  CG1 . ILE A 1 136 ? 13.245  -3.921  -9.686  1.00 24.17 ? 131 ILE A CG1 1 
ATOM   994  C  CG2 . ILE A 1 136 ? 11.369  -4.838  -8.181  1.00 16.26 ? 131 ILE A CG2 1 
ATOM   995  C  CD1 . ILE A 1 136 ? 12.421  -2.928  -10.503 1.00 16.14 ? 131 ILE A CD1 1 
ATOM   996  N  N   . ASN A 1 137 ? 15.304  -5.113  -7.616  1.00 25.80 ? 132 ASN A N   1 
ATOM   997  C  CA  . ASN A 1 137 ? 16.087  -4.605  -6.507  1.00 23.95 ? 132 ASN A CA  1 
ATOM   998  C  C   . ASN A 1 137 ? 15.715  -3.149  -6.204  1.00 22.92 ? 132 ASN A C   1 
ATOM   999  O  O   . ASN A 1 137 ? 15.598  -2.334  -7.116  1.00 22.19 ? 132 ASN A O   1 
ATOM   1000 C  CB  . ASN A 1 137 ? 17.570  -4.744  -6.823  1.00 20.70 ? 132 ASN A CB  1 
ATOM   1001 C  CG  . ASN A 1 137 ? 18.426  -4.401  -5.656  1.00 20.51 ? 132 ASN A CG  1 
ATOM   1002 O  OD1 . ASN A 1 137 ? 19.082  -3.362  -5.641  1.00 23.31 ? 132 ASN A OD1 1 
ATOM   1003 N  ND2 . ASN A 1 137 ? 18.398  -5.251  -4.640  1.00 20.37 ? 132 ASN A ND2 1 
ATOM   1004 N  N   . ALA A 1 138 ? 15.519  -2.832  -4.928  1.00 22.04 ? 133 ALA A N   1 
ATOM   1005 C  CA  . ALA A 1 138 ? 14.944  -1.543  -4.540  1.00 18.76 ? 133 ALA A CA  1 
ATOM   1006 C  C   . ALA A 1 138 ? 15.262  -1.180  -3.092  1.00 19.77 ? 133 ALA A C   1 
ATOM   1007 O  O   . ALA A 1 138 ? 15.414  -2.060  -2.249  1.00 21.06 ? 133 ALA A O   1 
ATOM   1008 C  CB  . ALA A 1 138 ? 13.419  -1.563  -4.751  1.00 20.93 ? 133 ALA A CB  1 
ATOM   1009 N  N   . GLN A 1 139 ? 15.368  0.118   -2.814  1.00 24.91 ? 134 GLN A N   1 
ATOM   1010 C  CA  . GLN A 1 139 ? 15.417  0.621   -1.439  1.00 20.93 ? 134 GLN A CA  1 
ATOM   1011 C  C   . GLN A 1 139 ? 14.210  1.530   -1.182  1.00 19.57 ? 134 GLN A C   1 
ATOM   1012 O  O   . GLN A 1 139 ? 13.978  1.979   -0.065  1.00 19.87 ? 134 GLN A O   1 
ATOM   1013 C  CB  . GLN A 1 139 ? 16.727  1.365   -1.163  1.00 19.70 ? 134 GLN A CB  1 
ATOM   1014 C  CG  . GLN A 1 139 ? 16.898  1.808   0.292   1.00 23.39 ? 134 GLN A CG  1 
ATOM   1015 C  CD  . GLN A 1 139 ? 18.338  2.174   0.645   1.00 24.15 ? 134 GLN A CD  1 
ATOM   1016 O  OE1 . GLN A 1 139 ? 19.219  2.187   -0.215  1.00 22.63 ? 134 GLN A OE1 1 
ATOM   1017 N  NE2 . GLN A 1 139 ? 18.579  2.463   1.919   1.00 23.71 ? 134 GLN A NE2 1 
ATOM   1018 N  N   . TYR A 1 140 ? 13.440  1.783   -2.237  1.00 21.94 ? 135 TYR A N   1 
ATOM   1019 C  CA  . TYR A 1 140 ? 12.229  2.605   -2.162  1.00 19.35 ? 135 TYR A CA  1 
ATOM   1020 C  C   . TYR A 1 140 ? 11.093  2.016   -2.995  1.00 19.23 ? 135 TYR A C   1 
ATOM   1021 O  O   . TYR A 1 140 ? 11.288  1.569   -4.128  1.00 21.09 ? 135 TYR A O   1 
ATOM   1022 C  CB  . TYR A 1 140 ? 12.511  4.026   -2.641  1.00 21.40 ? 135 TYR A CB  1 
ATOM   1023 C  CG  . TYR A 1 140 ? 13.639  4.726   -1.913  1.00 23.59 ? 135 TYR A CG  1 
ATOM   1024 C  CD1 . TYR A 1 140 ? 14.962  4.587   -2.333  1.00 24.21 ? 135 TYR A CD1 1 
ATOM   1025 C  CD2 . TYR A 1 140 ? 13.381  5.543   -0.824  1.00 21.56 ? 135 TYR A CD2 1 
ATOM   1026 C  CE1 . TYR A 1 140 ? 15.991  5.232   -1.672  1.00 21.27 ? 135 TYR A CE1 1 
ATOM   1027 C  CE2 . TYR A 1 140 ? 14.403  6.195   -0.164  1.00 24.13 ? 135 TYR A CE2 1 
ATOM   1028 C  CZ  . TYR A 1 140 ? 15.704  6.033   -0.589  1.00 22.56 ? 135 TYR A CZ  1 
ATOM   1029 O  OH  . TYR A 1 140 ? 16.714  6.688   0.083   1.00 32.90 ? 135 TYR A OH  1 
ATOM   1030 N  N   . LEU A 1 141 ? 9.896   2.027   -2.430  1.00 22.44 ? 136 LEU A N   1 
ATOM   1031 C  CA  . LEU A 1 141 ? 8.716   1.601   -3.163  1.00 19.81 ? 136 LEU A CA  1 
ATOM   1032 C  C   . LEU A 1 141 ? 7.629   2.664   -3.051  1.00 23.63 ? 136 LEU A C   1 
ATOM   1033 O  O   . LEU A 1 141 ? 7.265   3.094   -1.953  1.00 25.24 ? 136 LEU A O   1 
ATOM   1034 C  CB  . LEU A 1 141 ? 8.206   0.252   -2.644  1.00 19.87 ? 136 LEU A CB  1 
ATOM   1035 C  CG  . LEU A 1 141 ? 7.109   -0.382  -3.497  1.00 18.85 ? 136 LEU A CG  1 
ATOM   1036 C  CD1 . LEU A 1 141 ? 7.317   -1.874  -3.633  1.00 21.29 ? 136 LEU A CD1 1 
ATOM   1037 C  CD2 . LEU A 1 141 ? 5.747   -0.095  -2.913  1.00 23.54 ? 136 LEU A CD2 1 
ATOM   1038 N  N   . ARG A 1 142 ? 7.139   3.116   -4.195  1.00 23.43 ? 137 ARG A N   1 
ATOM   1039 C  CA  . ARG A 1 142 ? 5.990   3.997   -4.205  1.00 22.02 ? 137 ARG A CA  1 
ATOM   1040 C  C   . ARG A 1 142 ? 4.730   3.197   -4.566  1.00 28.88 ? 137 ARG A C   1 
ATOM   1041 O  O   . ARG A 1 142 ? 4.638   2.604   -5.653  1.00 20.97 ? 137 ARG A O   1 
ATOM   1042 C  CB  . ARG A 1 142 ? 6.191   5.145   -5.183  1.00 22.85 ? 137 ARG A CB  1 
ATOM   1043 C  CG  . ARG A 1 142 ? 5.069   6.163   -5.162  1.00 26.18 ? 137 ARG A CG  1 
ATOM   1044 C  CD  . ARG A 1 142 ? 5.584   7.482   -5.678  1.00 26.69 ? 137 ARG A CD  1 
ATOM   1045 N  NE  . ARG A 1 142 ? 5.994   7.372   -7.068  1.00 27.26 ? 137 ARG A NE  1 
ATOM   1046 C  CZ  . ARG A 1 142 ? 6.827   8.215   -7.675  1.00 30.88 ? 137 ARG A CZ  1 
ATOM   1047 N  NH1 . ARG A 1 142 ? 7.358   9.225   -7.000  1.00 26.68 ? 137 ARG A NH1 1 
ATOM   1048 N  NH2 . ARG A 1 142 ? 7.134   8.041   -8.959  1.00 29.47 ? 137 ARG A NH2 1 
ATOM   1049 N  N   . PHE A 1 143 ? 3.783   3.175   -3.629  1.00 21.33 ? 138 PHE A N   1 
ATOM   1050 C  CA  . PHE A 1 143 ? 2.493   2.553   -3.823  1.00 22.43 ? 138 PHE A CA  1 
ATOM   1051 C  C   . PHE A 1 143 ? 1.455   3.621   -4.160  1.00 22.80 ? 138 PHE A C   1 
ATOM   1052 O  O   . PHE A 1 143 ? 1.274   4.573   -3.407  1.00 21.87 ? 138 PHE A O   1 
ATOM   1053 C  CB  . PHE A 1 143 ? 2.088   1.795   -2.565  1.00 23.63 ? 138 PHE A CB  1 
ATOM   1054 C  CG  . PHE A 1 143 ? 0.771   1.104   -2.672  1.00 22.21 ? 138 PHE A CG  1 
ATOM   1055 C  CD1 . PHE A 1 143 ? 0.682   -0.160  -3.225  1.00 20.83 ? 138 PHE A CD1 1 
ATOM   1056 C  CD2 . PHE A 1 143 ? -0.378  1.714   -2.214  1.00 21.23 ? 138 PHE A CD2 1 
ATOM   1057 C  CE1 . PHE A 1 143 ? -0.537  -0.795  -3.318  1.00 24.69 ? 138 PHE A CE1 1 
ATOM   1058 C  CE2 . PHE A 1 143 ? -1.586  1.083   -2.306  1.00 20.94 ? 138 PHE A CE2 1 
ATOM   1059 C  CZ  . PHE A 1 143 ? -1.672  -0.169  -2.854  1.00 21.21 ? 138 PHE A CZ  1 
ATOM   1060 N  N   . THR A 1 144 ? 0.786   3.472   -5.295  1.00 21.56 ? 139 THR A N   1 
ATOM   1061 C  CA  . THR A 1 144 ? -0.154  4.488   -5.756  1.00 19.88 ? 139 THR A CA  1 
ATOM   1062 C  C   . THR A 1 144 ? -1.551  3.913   -5.848  1.00 20.15 ? 139 THR A C   1 
ATOM   1063 O  O   . THR A 1 144 ? -1.780  2.901   -6.511  1.00 19.64 ? 139 THR A O   1 
ATOM   1064 C  CB  . THR A 1 144 ? 0.254   5.066   -7.135  1.00 25.13 ? 139 THR A CB  1 
ATOM   1065 O  OG1 . THR A 1 144 ? 1.476   5.803   -7.003  1.00 27.61 ? 139 THR A OG1 1 
ATOM   1066 C  CG2 . THR A 1 144 ? -0.829  6.003   -7.676  1.00 20.19 ? 139 THR A CG2 1 
ATOM   1067 N  N   . ALA A 1 145 ? -2.472  4.560   -5.145  1.00 20.87 ? 140 ALA A N   1 
ATOM   1068 C  CA  . ALA A 1 145 ? -3.888  4.246   -5.223  1.00 23.50 ? 140 ALA A CA  1 
ATOM   1069 C  C   . ALA A 1 145 ? -4.500  4.943   -6.427  1.00 22.31 ? 140 ALA A C   1 
ATOM   1070 O  O   . ALA A 1 145 ? -4.571  6.169   -6.461  1.00 21.64 ? 140 ALA A O   1 
ATOM   1071 C  CB  . ALA A 1 145 ? -4.596  4.669   -3.942  1.00 23.79 ? 140 ALA A CB  1 
ATOM   1072 N  N   . LEU A 1 146 ? -4.930  4.160   -7.417  1.00 27.80 ? 141 LEU A N   1 
ATOM   1073 C  CA  . LEU A 1 146 ? -5.554  4.699   -8.637  1.00 26.21 ? 141 LEU A CA  1 
ATOM   1074 C  C   . LEU A 1 146 ? -7.099  4.729   -8.573  1.00 27.64 ? 141 LEU A C   1 
ATOM   1075 O  O   . LEU A 1 146 ? -7.722  5.712   -8.981  1.00 27.40 ? 141 LEU A O   1 
ATOM   1076 C  CB  . LEU A 1 146 ? -5.080  3.898   -9.861  1.00 21.61 ? 141 LEU A CB  1 
ATOM   1077 C  CG  . LEU A 1 146 ? -3.583  4.033   -10.194 1.00 23.91 ? 141 LEU A CG  1 
ATOM   1078 C  CD1 . LEU A 1 146 ? -3.129  3.051   -11.268 1.00 21.51 ? 141 LEU A CD1 1 
ATOM   1079 C  CD2 . LEU A 1 146 ? -3.265  5.438   -10.626 1.00 20.28 ? 141 LEU A CD2 1 
ATOM   1080 N  N   . LYS A 1 147 ? -7.711  3.651   -8.081  1.00 29.44 ? 142 LYS A N   1 
ATOM   1081 C  CA  . LYS A 1 147 ? -9.144  3.644   -7.777  1.00 29.61 ? 142 LYS A CA  1 
ATOM   1082 C  C   . LYS A 1 147 ? -9.356  3.253   -6.318  1.00 26.49 ? 142 LYS A C   1 
ATOM   1083 O  O   . LYS A 1 147 ? -8.592  2.450   -5.787  1.00 28.83 ? 142 LYS A O   1 
ATOM   1084 C  CB  . LYS A 1 147 ? -9.897  2.683   -8.700  1.00 29.10 ? 142 LYS A CB  1 
ATOM   1085 C  CG  . LYS A 1 147 ? -10.049 3.159   -10.145 1.00 26.57 ? 142 LYS A CG  1 
ATOM   1086 C  CD  . LYS A 1 147 ? -10.706 2.065   -10.968 1.00 32.59 ? 142 LYS A CD  1 
ATOM   1087 C  CE  . LYS A 1 147 ? -11.628 2.647   -12.028 1.00 40.27 ? 142 LYS A CE  1 
ATOM   1088 N  N   . THR A 1 148 ? -10.372 3.817   -5.665  1.00 23.76 ? 143 THR A N   1 
ATOM   1089 C  CA  . THR A 1 148 ? -10.671 3.440   -4.281  1.00 26.23 ? 143 THR A CA  1 
ATOM   1090 C  C   . THR A 1 148 ? -12.160 3.468   -3.942  1.00 25.61 ? 143 THR A C   1 
ATOM   1091 O  O   . THR A 1 148 ? -12.946 4.108   -4.630  1.00 25.89 ? 143 THR A O   1 
ATOM   1092 C  CB  . THR A 1 148 ? -9.967  4.359   -3.272  1.00 26.25 ? 143 THR A CB  1 
ATOM   1093 O  OG1 . THR A 1 148 ? -10.620 5.634   -3.265  1.00 29.60 ? 143 THR A OG1 1 
ATOM   1094 C  CG2 . THR A 1 148 ? -8.496  4.529   -3.620  1.00 25.96 ? 143 THR A CG2 1 
ATOM   1095 N  N   . LEU A 1 149 ? -12.520 2.789   -2.852  1.00 28.84 ? 144 LEU A N   1 
ATOM   1096 C  CA  . LEU A 1 149 ? -13.877 2.812   -2.298  1.00 30.51 ? 144 LEU A CA  1 
ATOM   1097 C  C   . LEU A 1 149 ? -14.017 3.785   -1.133  1.00 32.28 ? 144 LEU A C   1 
ATOM   1098 O  O   . LEU A 1 149 ? -13.045 4.089   -0.439  1.00 35.05 ? 144 LEU A O   1 
ATOM   1099 C  CB  . LEU A 1 149 ? -14.291 1.430   -1.795  1.00 23.61 ? 144 LEU A CB  1 
ATOM   1100 C  CG  . LEU A 1 149 ? -14.264 0.251   -2.749  1.00 26.82 ? 144 LEU A CG  1 
ATOM   1101 C  CD1 . LEU A 1 149 ? -14.653 -0.988  -1.977  1.00 29.19 ? 144 LEU A CD1 1 
ATOM   1102 C  CD2 . LEU A 1 149 ? -15.218 0.491   -3.871  1.00 21.63 ? 144 LEU A CD2 1 
ATOM   1103 N  N   . GLY A 1 150 ? -15.243 4.234   -0.895  1.00 32.93 ? 145 GLY A N   1 
ATOM   1104 C  CA  . GLY A 1 150 ? -15.568 4.981   0.307   1.00 38.71 ? 145 GLY A CA  1 
ATOM   1105 C  C   . GLY A 1 150 ? -16.955 5.570   0.170   1.00 35.00 ? 145 GLY A C   1 
ATOM   1106 O  O   . GLY A 1 150 ? -17.575 5.434   -0.881  1.00 34.48 ? 145 GLY A O   1 
ATOM   1107 N  N   . ASP A 1 151 ? -17.442 6.224   1.217   1.00 33.74 ? 146 ASP A N   1 
ATOM   1108 C  CA  . ASP A 1 151 ? -18.709 6.947   1.127   1.00 34.00 ? 146 ASP A CA  1 
ATOM   1109 C  C   . ASP A 1 151 ? -18.719 7.811   -0.119  1.00 34.00 ? 146 ASP A C   1 
ATOM   1110 O  O   . ASP A 1 151 ? -19.762 8.020   -0.726  1.00 38.81 ? 146 ASP A O   1 
ATOM   1111 C  CB  . ASP A 1 151 ? -18.934 7.800   2.367   1.00 33.64 ? 146 ASP A CB  1 
ATOM   1112 C  CG  . ASP A 1 151 ? -18.900 6.984   3.633   1.00 36.37 ? 146 ASP A CG  1 
ATOM   1113 O  OD1 . ASP A 1 151 ? -19.397 5.834   3.610   1.00 40.09 ? 146 ASP A OD1 1 
ATOM   1114 O  OD2 . ASP A 1 151 ? -18.375 7.485   4.642   1.00 27.57 ? 146 ASP A OD2 1 
ATOM   1115 N  N   . THR A 1 152 ? -17.547 8.310   -0.492  1.00 33.33 ? 147 THR A N   1 
ATOM   1116 C  CA  . THR A 1 152 ? -17.336 8.871   -1.818  1.00 33.96 ? 147 THR A CA  1 
ATOM   1117 C  C   . THR A 1 152 ? -16.251 8.030   -2.450  1.00 30.08 ? 147 THR A C   1 
ATOM   1118 O  O   . THR A 1 152 ? -15.180 7.875   -1.876  1.00 31.94 ? 147 THR A O   1 
ATOM   1119 C  CB  . THR A 1 152 ? -16.913 10.352  -1.777  1.00 30.74 ? 147 THR A CB  1 
ATOM   1120 O  OG1 . THR A 1 152 ? -17.747 11.065  -0.854  1.00 33.62 ? 147 THR A OG1 1 
ATOM   1121 C  CG2 . THR A 1 152 ? -17.024 10.975  -3.157  1.00 24.63 ? 147 THR A CG2 1 
ATOM   1122 N  N   . ASN A 1 153 ? -16.524 7.452   -3.609  1.00 29.37 ? 148 ASN A N   1 
ATOM   1123 C  CA  . ASN A 1 153 ? -15.533 6.581   -4.226  1.00 27.88 ? 148 ASN A CA  1 
ATOM   1124 C  C   . ASN A 1 153 ? -14.492 7.377   -4.978  1.00 26.96 ? 148 ASN A C   1 
ATOM   1125 O  O   . ASN A 1 153 ? -14.753 8.490   -5.423  1.00 28.68 ? 148 ASN A O   1 
ATOM   1126 C  CB  . ASN A 1 153 ? -16.191 5.571   -5.161  1.00 21.19 ? 148 ASN A CB  1 
ATOM   1127 C  CG  . ASN A 1 153 ? -17.020 4.549   -4.420  1.00 25.25 ? 148 ASN A CG  1 
ATOM   1128 O  OD1 . ASN A 1 153 ? -16.624 4.052   -3.365  1.00 29.05 ? 148 ASN A OD1 1 
ATOM   1129 N  ND2 . ASN A 1 153 ? -18.193 4.240   -4.959  1.00 28.68 ? 148 ASN A ND2 1 
ATOM   1130 N  N   . ASN A 1 154 ? -13.300 6.810   -5.095  1.00 27.43 ? 149 ASN A N   1 
ATOM   1131 C  CA  . ASN A 1 154 ? -12.253 7.428   -5.890  1.00 29.03 ? 149 ASN A CA  1 
ATOM   1132 C  C   . ASN A 1 154 ? -11.877 8.842   -5.469  1.00 28.69 ? 149 ASN A C   1 
ATOM   1133 O  O   . ASN A 1 154 ? -11.579 9.671   -6.320  1.00 35.37 ? 149 ASN A O   1 
ATOM   1134 C  CB  . ASN A 1 154 ? -12.667 7.437   -7.353  1.00 21.08 ? 149 ASN A CB  1 
ATOM   1135 C  CG  . ASN A 1 154 ? -12.719 6.045   -7.937  1.00 29.56 ? 149 ASN A CG  1 
ATOM   1136 O  OD1 . ASN A 1 154 ? -11.813 5.236   -7.714  1.00 26.15 ? 149 ASN A OD1 1 
ATOM   1137 N  ND2 . ASN A 1 154 ? -13.790 5.747   -8.673  1.00 23.13 ? 149 ASN A ND2 1 
ATOM   1138 N  N   . LYS A 1 155 ? -11.878 9.113   -4.168  1.00 24.59 ? 150 LYS A N   1 
ATOM   1139 C  CA  . LYS A 1 155 ? -11.436 10.404  -3.667  1.00 25.76 ? 150 LYS A CA  1 
ATOM   1140 C  C   . LYS A 1 155 ? -10.262 10.252  -2.698  1.00 30.53 ? 150 LYS A C   1 
ATOM   1141 O  O   . LYS A 1 155 ? -9.279  10.984  -2.783  1.00 26.33 ? 150 LYS A O   1 
ATOM   1142 C  CB  . LYS A 1 155 ? -12.586 11.147  -2.989  1.00 25.83 ? 150 LYS A CB  1 
ATOM   1143 C  CG  . LYS A 1 155 ? -12.209 12.507  -2.388  1.00 21.89 ? 150 LYS A CG  1 
ATOM   1144 C  CD  . LYS A 1 155 ? -13.450 13.160  -1.793  1.00 25.86 ? 150 LYS A CD  1 
ATOM   1145 C  CE  . LYS A 1 155 ? -13.177 14.545  -1.223  1.00 24.40 ? 150 LYS A CE  1 
ATOM   1146 N  NZ  . LYS A 1 155 ? -13.037 15.583  -2.276  1.00 29.90 ? 150 LYS A NZ  1 
ATOM   1147 N  N   . TYR A 1 156 ? -10.358 9.294   -1.784  1.00 27.18 ? 151 TYR A N   1 
ATOM   1148 C  CA  . TYR A 1 156 ? -9.317  9.129   -0.788  1.00 28.32 ? 151 TYR A CA  1 
ATOM   1149 C  C   . TYR A 1 156 ? -8.898  7.671   -0.633  1.00 27.30 ? 151 TYR A C   1 
ATOM   1150 O  O   . TYR A 1 156 ? -9.670  6.757   -0.918  1.00 27.99 ? 151 TYR A O   1 
ATOM   1151 C  CB  . TYR A 1 156 ? -9.779  9.708   0.556   1.00 25.75 ? 151 TYR A CB  1 
ATOM   1152 C  CG  . TYR A 1 156 ? -11.209 9.413   0.900   1.00 25.80 ? 151 TYR A CG  1 
ATOM   1153 C  CD1 . TYR A 1 156 ? -11.592 8.167   1.385   1.00 27.74 ? 151 TYR A CD1 1 
ATOM   1154 C  CD2 . TYR A 1 156 ? -12.185 10.379  0.741   1.00 28.38 ? 151 TYR A CD2 1 
ATOM   1155 C  CE1 . TYR A 1 156 ? -12.918 7.892   1.699   1.00 28.63 ? 151 TYR A CE1 1 
ATOM   1156 C  CE2 . TYR A 1 156 ? -13.507 10.117  1.055   1.00 31.22 ? 151 TYR A CE2 1 
ATOM   1157 C  CZ  . TYR A 1 156 ? -13.868 8.876   1.534   1.00 31.82 ? 151 TYR A CZ  1 
ATOM   1158 O  OH  . TYR A 1 156 ? -15.185 8.638   1.840   1.00 35.37 ? 151 TYR A OH  1 
ATOM   1159 N  N   . ALA A 1 157 ? -7.660  7.464   -0.188  1.00 28.38 ? 152 ALA A N   1 
ATOM   1160 C  CA  . ALA A 1 157 ? -7.141  6.118   0.031   1.00 25.04 ? 152 ALA A CA  1 
ATOM   1161 C  C   . ALA A 1 157 ? -6.676  5.908   1.463   1.00 28.96 ? 152 ALA A C   1 
ATOM   1162 O  O   . ALA A 1 157 ? -6.218  6.841   2.147   1.00 25.61 ? 152 ALA A O   1 
ATOM   1163 C  CB  . ALA A 1 157 ? -6.004  5.830   -0.920  1.00 22.61 ? 152 ALA A CB  1 
ATOM   1164 N  N   . SER A 1 158 ? -6.788  4.664   1.910   1.00 28.98 ? 153 SER A N   1 
ATOM   1165 C  CA  . SER A 1 158 ? -6.173  4.255   3.161   1.00 26.51 ? 153 SER A CA  1 
ATOM   1166 C  C   . SER A 1 158 ? -5.473  2.908   2.987   1.00 25.23 ? 153 SER A C   1 
ATOM   1167 O  O   . SER A 1 158 ? -5.711  2.184   2.021   1.00 23.88 ? 153 SER A O   1 
ATOM   1168 C  CB  . SER A 1 158 ? -7.213  4.201   4.290   1.00 24.39 ? 153 SER A CB  1 
ATOM   1169 O  OG  . SER A 1 158 ? -8.321  3.380   3.962   1.00 27.16 ? 153 SER A OG  1 
ATOM   1170 N  N   . ALA A 1 159 ? -4.570  2.609   3.910   1.00 25.06 ? 154 ALA A N   1 
ATOM   1171 C  CA  . ALA A 1 159 ? -3.939  1.296   3.988   1.00 28.96 ? 154 ALA A CA  1 
ATOM   1172 C  C   . ALA A 1 159 ? -3.633  1.014   5.447   1.00 28.02 ? 154 ALA A C   1 
ATOM   1173 O  O   . ALA A 1 159 ? -3.092  1.877   6.158   1.00 29.12 ? 154 ALA A O   1 
ATOM   1174 C  CB  . ALA A 1 159 ? -2.662  1.230   3.145   1.00 23.25 ? 154 ALA A CB  1 
ATOM   1175 N  N   . ALA A 1 160 ? -3.990  -0.180  5.891   1.00 20.55 ? 155 ALA A N   1 
ATOM   1176 C  CA  . ALA A 1 160 ? -3.688  -0.591  7.252   1.00 27.62 ? 155 ALA A CA  1 
ATOM   1177 C  C   . ALA A 1 160 ? -2.247  -1.081  7.318   1.00 25.68 ? 155 ALA A C   1 
ATOM   1178 O  O   . ALA A 1 160 ? -1.516  -0.741  8.235   1.00 30.01 ? 155 ALA A O   1 
ATOM   1179 C  CB  . ALA A 1 160 ? -4.670  -1.677  7.730   1.00 22.80 ? 155 ALA A CB  1 
ATOM   1180 N  N   . GLU A 1 161 ? -1.840  -1.869  6.331   1.00 22.45 ? 156 GLU A N   1 
ATOM   1181 C  CA  . GLU A 1 161 ? -0.473  -2.360  6.270   1.00 23.81 ? 156 GLU A CA  1 
ATOM   1182 C  C   . GLU A 1 161 ? 0.029   -2.553  4.854   1.00 24.47 ? 156 GLU A C   1 
ATOM   1183 O  O   . GLU A 1 161 ? -0.722  -2.891  3.935   1.00 22.43 ? 156 GLU A O   1 
ATOM   1184 C  CB  . GLU A 1 161 ? -0.331  -3.698  6.988   1.00 27.34 ? 156 GLU A CB  1 
ATOM   1185 C  CG  . GLU A 1 161 ? -0.214  -3.648  8.490   1.00 30.20 ? 156 GLU A CG  1 
ATOM   1186 C  CD  . GLU A 1 161 ? 0.400   -4.943  9.042   1.00 38.65 ? 156 GLU A CD  1 
ATOM   1187 O  OE1 . GLU A 1 161 ? -0.353  -5.891  9.371   1.00 32.54 ? 156 GLU A OE1 1 
ATOM   1188 O  OE2 . GLU A 1 161 ? 1.645   -5.022  9.124   1.00 40.66 ? 156 GLU A OE2 1 
ATOM   1189 N  N   . LEU A 1 162 ? 1.327   -2.354  4.698   1.00 26.21 ? 157 LEU A N   1 
ATOM   1190 C  CA  . LEU A 1 162 ? 2.040   -2.876  3.547   1.00 26.73 ? 157 LEU A CA  1 
ATOM   1191 C  C   . LEU A 1 162 ? 3.117   -3.815  4.065   1.00 22.63 ? 157 LEU A C   1 
ATOM   1192 O  O   . LEU A 1 162 ? 4.014   -3.399  4.805   1.00 21.04 ? 157 LEU A O   1 
ATOM   1193 C  CB  . LEU A 1 162 ? 2.657   -1.759  2.706   1.00 21.56 ? 157 LEU A CB  1 
ATOM   1194 C  CG  . LEU A 1 162 ? 1.644   -0.771  2.167   1.00 21.61 ? 157 LEU A CG  1 
ATOM   1195 C  CD1 . LEU A 1 162 ? 2.357   0.418   1.572   1.00 23.65 ? 157 LEU A CD1 1 
ATOM   1196 C  CD2 . LEU A 1 162 ? 0.752   -1.471  1.145   1.00 24.43 ? 157 LEU A CD2 1 
ATOM   1197 N  N   . VAL A 1 163 ? 3.014   -5.080  3.671   1.00 23.39 ? 158 VAL A N   1 
ATOM   1198 C  CA  . VAL A 1 163 ? 4.012   -6.094  4.004   1.00 24.31 ? 158 VAL A CA  1 
ATOM   1199 C  C   . VAL A 1 163 ? 4.959   -6.337  2.817   1.00 18.29 ? 158 VAL A C   1 
ATOM   1200 O  O   . VAL A 1 163 ? 4.505   -6.601  1.722   1.00 23.74 ? 158 VAL A O   1 
ATOM   1201 C  CB  . VAL A 1 163 ? 3.305   -7.401  4.424   1.00 30.88 ? 158 VAL A CB  1 
ATOM   1202 C  CG1 . VAL A 1 163 ? 4.306   -8.512  4.725   1.00 28.20 ? 158 VAL A CG1 1 
ATOM   1203 C  CG2 . VAL A 1 163 ? 2.387   -7.132  5.628   1.00 25.94 ? 158 VAL A CG2 1 
ATOM   1204 N  N   . PHE A 1 164 ? 6.264   -6.220  3.027   1.00 20.41 ? 159 PHE A N   1 
ATOM   1205 C  CA  . PHE A 1 164 ? 7.251   -6.384  1.950   1.00 20.89 ? 159 PHE A CA  1 
ATOM   1206 C  C   . PHE A 1 164 ? 7.903   -7.754  2.018   1.00 22.75 ? 159 PHE A C   1 
ATOM   1207 O  O   . PHE A 1 164 ? 8.154   -8.258  3.109   1.00 28.57 ? 159 PHE A O   1 
ATOM   1208 C  CB  . PHE A 1 164 ? 8.350   -5.303  2.030   1.00 20.79 ? 159 PHE A CB  1 
ATOM   1209 C  CG  . PHE A 1 164 ? 7.876   -3.918  1.692   1.00 20.07 ? 159 PHE A CG  1 
ATOM   1210 C  CD1 . PHE A 1 164 ? 6.953   -3.271  2.495   1.00 21.97 ? 159 PHE A CD1 1 
ATOM   1211 C  CD2 . PHE A 1 164 ? 8.355   -3.262  0.566   1.00 25.28 ? 159 PHE A CD2 1 
ATOM   1212 C  CE1 . PHE A 1 164 ? 6.494   -1.999  2.179   1.00 26.02 ? 159 PHE A CE1 1 
ATOM   1213 C  CE2 . PHE A 1 164 ? 7.906   -1.989  0.242   1.00 26.12 ? 159 PHE A CE2 1 
ATOM   1214 C  CZ  . PHE A 1 164 ? 6.974   -1.354  1.058   1.00 24.46 ? 159 PHE A CZ  1 
ATOM   1215 N  N   . TYR A 1 165 ? 8.197   -8.347  0.865   1.00 24.38 ? 160 TYR A N   1 
ATOM   1216 C  CA  . TYR A 1 165 ? 8.980   -9.591  0.811   1.00 28.38 ? 160 TYR A CA  1 
ATOM   1217 C  C   . TYR A 1 165 ? 10.205  -9.439  -0.095  1.00 25.39 ? 160 TYR A C   1 
ATOM   1218 O  O   . TYR A 1 165 ? 10.088  -8.936  -1.205  1.00 27.17 ? 160 TYR A O   1 
ATOM   1219 C  CB  . TYR A 1 165 ? 8.132   -10.762 0.302   1.00 30.61 ? 160 TYR A CB  1 
ATOM   1220 C  CG  . TYR A 1 165 ? 6.866   -11.056 1.071   1.00 30.56 ? 160 TYR A CG  1 
ATOM   1221 C  CD1 . TYR A 1 165 ? 5.753   -10.238 0.955   1.00 30.13 ? 160 TYR A CD1 1 
ATOM   1222 C  CD2 . TYR A 1 165 ? 6.774   -12.168 1.892   1.00 36.98 ? 160 TYR A CD2 1 
ATOM   1223 C  CE1 . TYR A 1 165 ? 4.587   -10.509 1.651   1.00 27.12 ? 160 TYR A CE1 1 
ATOM   1224 C  CE2 . TYR A 1 165 ? 5.608   -12.449 2.597   1.00 37.77 ? 160 TYR A CE2 1 
ATOM   1225 C  CZ  . TYR A 1 165 ? 4.516   -11.618 2.466   1.00 32.54 ? 160 TYR A CZ  1 
ATOM   1226 O  OH  . TYR A 1 165 ? 3.348   -11.900 3.150   1.00 34.10 ? 160 TYR A OH  1 
ATOM   1227 N  N   . GLY A 1 166 ? 11.365  -9.902  0.359   1.00 27.52 ? 161 GLY A N   1 
ATOM   1228 C  CA  . GLY A 1 166 ? 12.599  -9.707  -0.391  1.00 26.71 ? 161 GLY A CA  1 
ATOM   1229 C  C   . GLY A 1 166 ? 13.852  -10.151 0.348   1.00 29.41 ? 161 GLY A C   1 
ATOM   1230 O  O   . GLY A 1 166 ? 13.821  -10.395 1.555   1.00 34.40 ? 161 GLY A O   1 
ATOM   1231 N  N   . LYS A 1 167 ? 14.958  -10.263 -0.374  1.00 23.90 ? 162 LYS A N   1 
ATOM   1232 C  CA  . LYS A 1 167 ? 16.175  -10.829 0.196   1.00 25.98 ? 162 LYS A CA  1 
ATOM   1233 C  C   . LYS A 1 167 ? 17.269  -9.775  0.369   1.00 27.66 ? 162 LYS A C   1 
ATOM   1234 O  O   . LYS A 1 167 ? 17.289  -8.781  -0.361  1.00 31.92 ? 162 LYS A O   1 
ATOM   1235 C  CB  . LYS A 1 167 ? 16.676  -11.971 -0.680  1.00 22.10 ? 162 LYS A CB  1 
HETATM 1236 C  C1  . NGA B 2 .   ? -14.766 9.567   8.071   1.00 39.13 ? 201 NGA A C1  1 
HETATM 1237 C  C2  . NGA B 2 .   ? -13.580 8.669   8.417   1.00 44.26 ? 201 NGA A C2  1 
HETATM 1238 C  C3  . NGA B 2 .   ? -12.317 9.221   7.761   1.00 39.19 ? 201 NGA A C3  1 
HETATM 1239 C  C4  . NGA B 2 .   ? -12.562 9.430   6.271   1.00 33.38 ? 201 NGA A C4  1 
HETATM 1240 C  C5  . NGA B 2 .   ? -13.776 10.328  6.092   1.00 31.65 ? 201 NGA A C5  1 
HETATM 1241 C  C6  . NGA B 2 .   ? -14.064 10.649  4.626   1.00 35.39 ? 201 NGA A C6  1 
HETATM 1242 C  C7  . NGA B 2 .   ? -13.818 7.437   10.528  1.00 47.40 ? 201 NGA A C7  1 
HETATM 1243 C  C8  . NGA B 2 .   ? -13.654 7.487   12.022  1.00 42.79 ? 201 NGA A C8  1 
HETATM 1244 N  N2  . NGA B 2 .   ? -13.401 8.518   9.858   1.00 45.73 ? 201 NGA A N2  1 
HETATM 1245 O  O1  . NGA B 2 .   ? -15.966 9.004   8.548   1.00 43.50 ? 201 NGA A O1  1 
HETATM 1246 O  O3  . NGA B 2 .   ? -11.213 8.364   7.982   1.00 42.57 ? 201 NGA A O3  1 
HETATM 1247 O  O4  . NGA B 2 .   ? -12.805 8.188   5.648   1.00 35.78 ? 201 NGA A O4  1 
HETATM 1248 O  O5  . NGA B 2 .   ? -14.876 9.675   6.670   1.00 42.69 ? 201 NGA A O5  1 
HETATM 1249 O  O6  . NGA B 2 .   ? -15.443 10.486  4.355   1.00 46.15 ? 201 NGA A O6  1 
HETATM 1250 O  O7  . NGA B 2 .   ? -14.322 6.440   9.996   1.00 47.63 ? 201 NGA A O7  1 
HETATM 1251 H  H1  . NGA B 2 .   ? -14.621 10.555  8.507   1.00 46.95 ? 201 NGA A H1  1 
HETATM 1252 H  H2  . NGA B 2 .   ? -13.758 7.685   7.986   1.00 53.11 ? 201 NGA A H2  1 
HETATM 1253 H  H3  . NGA B 2 .   ? -12.107 10.201  8.191   1.00 47.03 ? 201 NGA A H3  1 
HETATM 1254 H  H4  . NGA B 2 .   ? -11.671 9.886   5.837   1.00 40.06 ? 201 NGA A H4  1 
HETATM 1255 H  H5  . NGA B 2 .   ? -13.591 11.264  6.618   1.00 37.99 ? 201 NGA A H5  1 
HETATM 1256 H  H61 . NGA B 2 .   ? -13.471 9.994   3.987   1.00 42.47 ? 201 NGA A H61 1 
HETATM 1257 H  H62 . NGA B 2 .   ? -13.771 11.677  4.415   1.00 42.47 ? 201 NGA A H62 1 
HETATM 1258 H  H81 . NGA B 2 .   ? -13.009 6.669   12.343  1.00 51.34 ? 201 NGA A H81 1 
HETATM 1259 H  H82 . NGA B 2 .   ? -14.629 7.390   12.498  1.00 51.34 ? 201 NGA A H82 1 
HETATM 1260 H  H83 . NGA B 2 .   ? -13.203 8.438   12.306  1.00 51.34 ? 201 NGA A H83 1 
HETATM 1261 H  HN2 . NGA B 2 .   ? -12.942 9.266   10.357  1.00 54.88 ? 201 NGA A HN2 1 
HETATM 1262 H  HO1 . NGA B 2 .   ? -15.772 8.157   9.001   1.00 52.20 ? 201 NGA A HO1 1 
HETATM 1263 H  HO3 . NGA B 2 .   ? -11.500 7.593   8.514   1.00 51.08 ? 201 NGA A HO3 1 
HETATM 1264 H  HO4 . NGA B 2 .   ? -12.760 7.473   6.318   1.00 42.93 ? 201 NGA A HO4 1 
HETATM 1265 H  HO6 . NGA B 2 .   ? -15.904 10.202  5.172   1.00 55.38 ? 201 NGA A HO6 1 
HETATM 1266 CA CA  . CA  C 3 .   ? -0.875  0.000   10.451  1.00 39.15 ? 202 CA  A CA  1 
HETATM 1267 O  O   . HOH D 4 .   ? -4.674  -7.261  -8.387  1.00 29.26 ? 301 HOH A O   1 
HETATM 1268 O  O   . HOH D 4 .   ? -2.712  -7.638  -8.433  1.00 34.96 ? 302 HOH A O   1 
HETATM 1269 O  O   . HOH D 4 .   ? 16.620  -1.952  -9.421  1.00 19.21 ? 303 HOH A O   1 
HETATM 1270 O  O   . HOH D 4 .   ? -6.248  -5.763  -13.429 1.00 25.02 ? 304 HOH A O   1 
HETATM 1271 O  O   . HOH D 4 .   ? 16.537  3.901   -9.442  1.00 30.25 ? 305 HOH A O   1 
HETATM 1272 O  O   . HOH D 4 .   ? -1.095  12.072  -7.215  1.00 50.17 ? 306 HOH A O   1 
HETATM 1273 O  O   . HOH D 4 .   ? -2.576  13.646  -6.957  1.00 50.57 ? 307 HOH A O   1 
HETATM 1274 O  O   . HOH D 4 .   ? 6.322   -8.239  -12.682 1.00 27.10 ? 308 HOH A O   1 
HETATM 1275 O  O   . HOH D 4 .   ? 16.184  8.776   1.831   1.00 23.21 ? 309 HOH A O   1 
HETATM 1276 O  O   . HOH D 4 .   ? 7.362   -6.336  -13.798 1.00 20.97 ? 310 HOH A O   1 
HETATM 1277 O  O   . HOH D 4 .   ? 3.137   -13.872 -5.212  1.00 46.59 ? 311 HOH A O   1 
HETATM 1278 O  O   . HOH D 4 .   ? -16.337 -11.019 -4.791  1.00 41.82 ? 312 HOH A O   1 
HETATM 1279 O  O   . HOH D 4 .   ? 10.891  11.191  -6.481  1.00 26.80 ? 313 HOH A O   1 
HETATM 1280 O  O   . HOH D 4 .   ? 14.128  -11.475 4.231   1.00 29.95 ? 314 HOH A O   1 
HETATM 1281 O  O   . HOH D 4 .   ? 9.864   1.976   -15.875 1.00 24.19 ? 315 HOH A O   1 
HETATM 1282 O  O   . HOH D 4 .   ? 3.028   -0.265  16.254  1.00 38.78 ? 316 HOH A O   1 
HETATM 1283 O  O   . HOH D 4 .   ? -11.906 -11.922 4.643   1.00 34.21 ? 317 HOH A O   1 
HETATM 1284 O  O   . HOH D 4 .   ? -0.371  -23.881 -4.019  1.00 45.87 ? 318 HOH A O   1 
HETATM 1285 O  O   . HOH D 4 .   ? -1.944  16.682  -4.676  1.00 51.90 ? 319 HOH A O   1 
HETATM 1286 O  O   . HOH D 4 .   ? 1.012   -23.766 -2.447  1.00 49.41 ? 320 HOH A O   1 
HETATM 1287 O  O   . HOH D 4 .   ? 0.048   -13.130 2.152   1.00 37.17 ? 321 HOH A O   1 
HETATM 1288 O  O   . HOH D 4 .   ? 6.899   -5.984  5.719   1.00 21.84 ? 322 HOH A O   1 
HETATM 1289 O  O   . HOH D 4 .   ? 9.002   6.464   10.695  1.00 32.59 ? 323 HOH A O   1 
HETATM 1290 O  O   . HOH D 4 .   ? 8.112   6.068   13.358  1.00 41.13 ? 324 HOH A O   1 
HETATM 1291 O  O   . HOH D 4 .   ? 6.029   3.232   10.872  1.00 24.53 ? 325 HOH A O   1 
HETATM 1292 O  O   . HOH D 4 .   ? 15.634  6.038   10.223  1.00 34.73 ? 326 HOH A O   1 
HETATM 1293 O  O   . HOH D 4 .   ? -1.851  16.627  4.045   1.00 20.87 ? 327 HOH A O   1 
HETATM 1294 O  O   . HOH D 4 .   ? -6.864  16.346  8.380   1.00 30.70 ? 328 HOH A O   1 
HETATM 1295 O  O   . HOH D 4 .   ? -8.678  15.668  5.668   1.00 26.22 ? 329 HOH A O   1 
HETATM 1296 O  O   . HOH D 4 .   ? -7.191  11.911  -1.210  1.00 18.44 ? 330 HOH A O   1 
HETATM 1297 O  O   . HOH D 4 .   ? -14.645 14.664  -4.782  1.00 36.09 ? 331 HOH A O   1 
HETATM 1298 O  O   . HOH D 4 .   ? -17.695 -1.028  6.491   1.00 27.51 ? 332 HOH A O   1 
HETATM 1299 O  O   . HOH D 4 .   ? -10.231 -8.295  -2.264  1.00 35.45 ? 333 HOH A O   1 
HETATM 1300 O  O   . HOH D 4 .   ? -16.591 11.319  1.909   1.00 31.58 ? 334 HOH A O   1 
HETATM 1301 O  O   . HOH D 4 .   ? -18.618 10.879  9.180   1.00 38.37 ? 335 HOH A O   1 
HETATM 1302 O  O   . HOH D 4 .   ? 15.868  8.847   12.327  1.00 43.82 ? 336 HOH A O   1 
HETATM 1303 O  O   . HOH D 4 .   ? 19.828  4.181   10.060  1.00 44.65 ? 337 HOH A O   1 
HETATM 1304 O  O   . HOH D 4 .   ? -3.450  17.988  0.730   1.00 38.83 ? 338 HOH A O   1 
HETATM 1305 O  O   . HOH D 4 .   ? -19.852 -5.083  3.588   1.00 46.17 ? 339 HOH A O   1 
HETATM 1306 O  O   . HOH D 4 .   ? -21.175 -7.976  -0.090  1.00 45.66 ? 340 HOH A O   1 
HETATM 1307 O  O   . HOH D 4 .   ? -8.108  0.487   3.389   1.00 28.87 ? 341 HOH A O   1 
HETATM 1308 O  O   . HOH D 4 .   ? -7.393  -0.967  9.631   1.00 26.85 ? 342 HOH A O   1 
HETATM 1309 O  O   . HOH D 4 .   ? 3.439   3.961   -7.751  1.00 28.81 ? 343 HOH A O   1 
HETATM 1310 O  O   . HOH D 4 .   ? 0.073   17.811  2.439   1.00 42.22 ? 344 HOH A O   1 
HETATM 1311 O  O   . HOH D 4 .   ? -2.778  2.940   -0.402  1.00 56.75 ? 345 HOH A O   1 
HETATM 1312 O  O   . HOH D 4 .   ? -17.833 1.361   6.548   1.00 35.24 ? 346 HOH A O   1 
HETATM 1313 O  O   . HOH D 4 .   ? -9.037  9.673   8.369   1.00 32.40 ? 347 HOH A O   1 
HETATM 1314 O  O   . HOH D 4 .   ? -12.426 7.725   -1.730  1.00 27.14 ? 348 HOH A O   1 
HETATM 1315 O  O   . HOH D 4 .   ? -5.300  13.811  -1.477  1.00 28.00 ? 349 HOH A O   1 
HETATM 1316 O  O   . HOH D 4 .   ? 7.772   5.032   9.105   1.00 30.90 ? 350 HOH A O   1 
HETATM 1317 O  O   . HOH D 4 .   ? 2.111   -2.232  9.216   1.00 32.90 ? 351 HOH A O   1 
HETATM 1318 O  O   . HOH D 4 .   ? -11.217 -0.892  -9.405  1.00 31.57 ? 352 HOH A O   1 
# 
loop_
_pdbx_poly_seq_scheme.asym_id 
_pdbx_poly_seq_scheme.entity_id 
_pdbx_poly_seq_scheme.seq_id 
_pdbx_poly_seq_scheme.mon_id 
_pdbx_poly_seq_scheme.ndb_seq_num 
_pdbx_poly_seq_scheme.pdb_seq_num 
_pdbx_poly_seq_scheme.auth_seq_num 
_pdbx_poly_seq_scheme.pdb_mon_id 
_pdbx_poly_seq_scheme.auth_mon_id 
_pdbx_poly_seq_scheme.pdb_strand_id 
_pdbx_poly_seq_scheme.pdb_ins_code 
_pdbx_poly_seq_scheme.hetero 
A 1 1   MET 1   -4  ?   ?   ?   A . n 
A 1 2   HIS 2   -3  ?   ?   ?   A . n 
A 1 3   HIS 3   -2  ?   ?   ?   A . n 
A 1 4   HIS 4   -1  ?   ?   ?   A . n 
A 1 5   HIS 5   0   ?   ?   ?   A . n 
A 1 6   HIS 6   1   ?   ?   ?   A . n 
A 1 7   HIS 7   2   ?   ?   ?   A . n 
A 1 8   ILE 8   3   ?   ?   ?   A . n 
A 1 9   THR 9   4   ?   ?   ?   A . n 
A 1 10  SER 10  5   ?   ?   ?   A . n 
A 1 11  LEU 11  6   6   LEU LEU A . n 
A 1 12  TYR 12  7   7   TYR TYR A . n 
A 1 13  LYS 13  8   8   LYS LYS A . n 
A 1 14  LYS 14  9   9   LYS LYS A . n 
A 1 15  ALA 15  10  10  ALA ALA A . n 
A 1 16  GLY 16  11  11  GLY GLY A . n 
A 1 17  SER 17  12  12  SER SER A . n 
A 1 18  GLU 18  13  13  GLU GLU A . n 
A 1 19  PHE 19  14  14  PHE PHE A . n 
A 1 20  ALA 20  15  15  ALA ALA A . n 
A 1 21  LEU 21  16  16  LEU LEU A . n 
A 1 22  ASP 22  17  17  ASP ASP A . n 
A 1 23  SER 23  18  18  SER SER A . n 
A 1 24  SER 24  19  19  SER SER A . n 
A 1 25  LYS 25  20  20  LYS LYS A . n 
A 1 26  LEU 26  21  21  LEU LEU A . n 
A 1 27  GLU 27  22  22  GLU GLU A . n 
A 1 28  ALA 28  23  23  ALA ALA A . n 
A 1 29  ILE 29  24  24  ILE ILE A . n 
A 1 30  TYR 30  25  25  TYR TYR A . n 
A 1 31  ALA 31  26  26  ALA ALA A . n 
A 1 32  THR 32  27  27  THR THR A . n 
A 1 33  SER 33  28  28  SER SER A . n 
A 1 34  GLU 34  29  29  GLU GLU A . n 
A 1 35  ALA 35  30  30  ALA ALA A . n 
A 1 36  ASP 36  31  31  ASP ASP A . n 
A 1 37  ARG 37  32  32  ARG ARG A . n 
A 1 38  ASP 38  33  33  ASP ASP A . n 
A 1 39  TYR 39  34  34  TYR TYR A . n 
A 1 40  LYS 40  35  35  LYS LYS A . n 
A 1 41  GLU 41  36  36  GLU GLU A . n 
A 1 42  ASN 42  37  37  ASN ASN A . n 
A 1 43  ALA 43  38  38  ALA ALA A . n 
A 1 44  VAL 44  39  39  VAL VAL A . n 
A 1 45  ASP 45  40  40  ASP ASP A . n 
A 1 46  GLY 46  41  41  GLY GLY A . n 
A 1 47  ASP 47  42  42  ASP ASP A . n 
A 1 48  GLU 48  43  43  GLU GLU A . n 
A 1 49  ASN 49  44  44  ASN ASN A . n 
A 1 50  THR 50  45  45  THR THR A . n 
A 1 51  ILE 51  46  46  ILE ILE A . n 
A 1 52  TRP 52  47  47  TRP TRP A . n 
A 1 53  HIS 53  48  48  HIS HIS A . n 
A 1 54  SER 54  49  49  SER SER A . n 
A 1 55  ALA 55  50  50  ALA ALA A . n 
A 1 56  TYR 56  51  51  TYR TYR A . n 
A 1 57  GLN 57  52  52  GLN GLN A . n 
A 1 58  ALA 58  53  53  ALA ALA A . n 
A 1 59  ALA 59  54  54  ALA ALA A . n 
A 1 60  ASP 60  55  55  ASP ASP A . n 
A 1 61  LYS 61  56  56  LYS LYS A . n 
A 1 62  LEU 62  57  57  LEU LEU A . n 
A 1 63  PRO 63  58  58  PRO PRO A . n 
A 1 64  VAL 64  59  59  VAL VAL A . n 
A 1 65  SER 65  60  60  SER SER A . n 
A 1 66  ILE 66  61  61  ILE ILE A . n 
A 1 67  THR 67  62  62  THR THR A . n 
A 1 68  ILE 68  63  63  ILE ILE A . n 
A 1 69  LYS 69  64  64  LYS LYS A . n 
A 1 70  LEU 70  65  65  LEU LEU A . n 
A 1 71  ASP 71  66  66  ASP ASP A . n 
A 1 72  LYS 72  67  67  LYS LYS A . n 
A 1 73  ALA 73  68  68  ALA ALA A . n 
A 1 74  TYR 74  69  69  TYR TYR A . n 
A 1 75  ASP 75  70  70  ASP ASP A . n 
A 1 76  LEU 76  71  71  LEU LEU A . n 
A 1 77  ASN 77  72  72  ASN ASN A . n 
A 1 78  GLN 78  73  73  GLN GLN A . n 
A 1 79  ILE 79  74  74  ILE ILE A . n 
A 1 80  ASP 80  75  75  ASP ASP A . n 
A 1 81  TYR 81  76  76  TYR TYR A . n 
A 1 82  LEU 82  77  77  LEU LEU A . n 
A 1 83  PRO 83  78  78  PRO PRO A . n 
A 1 84  ARG 84  79  79  ARG ARG A . n 
A 1 85  GLN 85  80  80  GLN GLN A . n 
A 1 86  ASN 86  81  81  ASN ASN A . n 
A 1 87  SER 87  82  82  SER SER A . n 
A 1 88  ARG 88  83  83  ARG ARG A . n 
A 1 89  ASN 89  84  84  ASN ASN A . n 
A 1 90  GLY 90  85  85  GLY GLY A . n 
A 1 91  HIS 91  86  86  HIS HIS A . n 
A 1 92  VAL 92  87  87  VAL VAL A . n 
A 1 93  THR 93  88  88  THR THR A . n 
A 1 94  GLU 94  89  89  GLU GLU A . n 
A 1 95  TYR 95  90  90  TYR TYR A . n 
A 1 96  LYS 96  91  91  LYS LYS A . n 
A 1 97  ILE 97  92  92  ILE ILE A . n 
A 1 98  GLU 98  93  93  GLU GLU A . n 
A 1 99  THR 99  94  94  THR THR A . n 
A 1 100 SER 100 95  95  SER SER A . n 
A 1 101 LEU 101 96  96  LEU LEU A . n 
A 1 102 ASP 102 97  97  ASP ASP A . n 
A 1 103 ASN 103 98  98  ASN ASN A . n 
A 1 104 GLU 104 99  99  GLU GLU A . n 
A 1 105 ASN 105 100 100 ASN ASN A . n 
A 1 106 TRP 106 101 101 TRP TRP A . n 
A 1 107 THR 107 102 102 THR THR A . n 
A 1 108 GLU 108 103 103 GLU GLU A . n 
A 1 109 VAL 109 104 104 VAL VAL A . n 
A 1 110 ARG 110 105 105 ARG ARG A . n 
A 1 111 THR 111 106 106 THR THR A . n 
A 1 112 GLY 112 107 107 GLY GLY A . n 
A 1 113 ASN 113 108 108 ASN ASN A . n 
A 1 114 LEU 114 109 109 LEU LEU A . n 
A 1 115 GLU 115 110 110 GLU GLU A . n 
A 1 116 VAL 116 111 111 VAL VAL A . n 
A 1 117 ASN 117 112 112 ASN ASN A . n 
A 1 118 GLU 118 113 113 GLU GLU A . n 
A 1 119 ALA 119 114 114 ALA ALA A . n 
A 1 120 GLY 120 115 115 GLY GLY A . n 
A 1 121 ASN 121 116 116 ASN ASN A . n 
A 1 122 ALA 122 117 117 ALA ALA A . n 
A 1 123 LEU 123 118 118 LEU LEU A . n 
A 1 124 ALA 124 119 119 ALA ALA A . n 
A 1 125 ASN 125 120 120 ASN ASN A . n 
A 1 126 ARG 126 121 121 ARG ARG A . n 
A 1 127 GLY 127 122 122 GLY GLY A . n 
A 1 128 TYR 128 123 123 TYR TYR A . n 
A 1 129 ASN 129 124 124 ASN ASN A . n 
A 1 130 PRO 130 125 125 PRO PRO A . n 
A 1 131 ILE 131 126 126 ILE ILE A . n 
A 1 132 ARG 132 127 127 ARG ARG A . n 
A 1 133 PHE 133 128 128 PHE PHE A . n 
A 1 134 ASN 134 129 129 ASN ASN A . n 
A 1 135 THR 135 130 130 THR THR A . n 
A 1 136 ILE 136 131 131 ILE ILE A . n 
A 1 137 ASN 137 132 132 ASN ASN A . n 
A 1 138 ALA 138 133 133 ALA ALA A . n 
A 1 139 GLN 139 134 134 GLN GLN A . n 
A 1 140 TYR 140 135 135 TYR TYR A . n 
A 1 141 LEU 141 136 136 LEU LEU A . n 
A 1 142 ARG 142 137 137 ARG ARG A . n 
A 1 143 PHE 143 138 138 PHE PHE A . n 
A 1 144 THR 144 139 139 THR THR A . n 
A 1 145 ALA 145 140 140 ALA ALA A . n 
A 1 146 LEU 146 141 141 LEU LEU A . n 
A 1 147 LYS 147 142 142 LYS LYS A . n 
A 1 148 THR 148 143 143 THR THR A . n 
A 1 149 LEU 149 144 144 LEU LEU A . n 
A 1 150 GLY 150 145 145 GLY GLY A . n 
A 1 151 ASP 151 146 146 ASP ASP A . n 
A 1 152 THR 152 147 147 THR THR A . n 
A 1 153 ASN 153 148 148 ASN ASN A . n 
A 1 154 ASN 154 149 149 ASN ASN A . n 
A 1 155 LYS 155 150 150 LYS LYS A . n 
A 1 156 TYR 156 151 151 TYR TYR A . n 
A 1 157 ALA 157 152 152 ALA ALA A . n 
A 1 158 SER 158 153 153 SER SER A . n 
A 1 159 ALA 159 154 154 ALA ALA A . n 
A 1 160 ALA 160 155 155 ALA ALA A . n 
A 1 161 GLU 161 156 156 GLU GLU A . n 
A 1 162 LEU 162 157 157 LEU LEU A . n 
A 1 163 VAL 163 158 158 VAL VAL A . n 
A 1 164 PHE 164 159 159 PHE PHE A . n 
A 1 165 TYR 165 160 160 TYR TYR A . n 
A 1 166 GLY 166 161 161 GLY GLY A . n 
A 1 167 LYS 167 162 162 LYS LYS A . n 
# 
loop_
_pdbx_nonpoly_scheme.asym_id 
_pdbx_nonpoly_scheme.entity_id 
_pdbx_nonpoly_scheme.mon_id 
_pdbx_nonpoly_scheme.ndb_seq_num 
_pdbx_nonpoly_scheme.pdb_seq_num 
_pdbx_nonpoly_scheme.auth_seq_num 
_pdbx_nonpoly_scheme.pdb_mon_id 
_pdbx_nonpoly_scheme.auth_mon_id 
_pdbx_nonpoly_scheme.pdb_strand_id 
_pdbx_nonpoly_scheme.pdb_ins_code 
B 2 NGA 1  201 1  NGA NGA A . 
C 3 CA  1  202 1  CA  CA  A . 
D 4 HOH 1  301 42 HOH HOH A . 
D 4 HOH 2  302 46 HOH HOH A . 
D 4 HOH 3  303 21 HOH HOH A . 
D 4 HOH 4  304 47 HOH HOH A . 
D 4 HOH 5  305 20 HOH HOH A . 
D 4 HOH 6  306 41 HOH HOH A . 
D 4 HOH 7  307 48 HOH HOH A . 
D 4 HOH 8  308 29 HOH HOH A . 
D 4 HOH 9  309 10 HOH HOH A . 
D 4 HOH 10 310 45 HOH HOH A . 
D 4 HOH 11 311 44 HOH HOH A . 
D 4 HOH 12 312 52 HOH HOH A . 
D 4 HOH 13 313 17 HOH HOH A . 
D 4 HOH 14 314 5  HOH HOH A . 
D 4 HOH 15 315 30 HOH HOH A . 
D 4 HOH 16 316 43 HOH HOH A . 
D 4 HOH 17 317 1  HOH HOH A . 
D 4 HOH 18 318 19 HOH HOH A . 
D 4 HOH 19 319 24 HOH HOH A . 
D 4 HOH 20 320 2  HOH HOH A . 
D 4 HOH 21 321 3  HOH HOH A . 
D 4 HOH 22 322 4  HOH HOH A . 
D 4 HOH 23 323 6  HOH HOH A . 
D 4 HOH 24 324 7  HOH HOH A . 
D 4 HOH 25 325 8  HOH HOH A . 
D 4 HOH 26 326 9  HOH HOH A . 
D 4 HOH 27 327 11 HOH HOH A . 
D 4 HOH 28 328 12 HOH HOH A . 
D 4 HOH 29 329 13 HOH HOH A . 
D 4 HOH 30 330 14 HOH HOH A . 
D 4 HOH 31 331 15 HOH HOH A . 
D 4 HOH 32 332 16 HOH HOH A . 
D 4 HOH 33 333 18 HOH HOH A . 
D 4 HOH 34 334 22 HOH HOH A . 
D 4 HOH 35 335 23 HOH HOH A . 
D 4 HOH 36 336 25 HOH HOH A . 
D 4 HOH 37 337 26 HOH HOH A . 
D 4 HOH 38 338 27 HOH HOH A . 
D 4 HOH 39 339 28 HOH HOH A . 
D 4 HOH 40 340 31 HOH HOH A . 
D 4 HOH 41 341 32 HOH HOH A . 
D 4 HOH 42 342 33 HOH HOH A . 
D 4 HOH 43 343 34 HOH HOH A . 
D 4 HOH 44 344 35 HOH HOH A . 
D 4 HOH 45 345 36 HOH HOH A . 
D 4 HOH 46 346 37 HOH HOH A . 
D 4 HOH 47 347 38 HOH HOH A . 
D 4 HOH 48 348 39 HOH HOH A . 
D 4 HOH 49 349 40 HOH HOH A . 
D 4 HOH 50 350 49 HOH HOH A . 
D 4 HOH 51 351 50 HOH HOH A . 
D 4 HOH 52 352 51 HOH HOH A . 
# 
_pdbx_struct_assembly.id                   1 
_pdbx_struct_assembly.details              author_and_software_defined_assembly 
_pdbx_struct_assembly.method_details       PISA 
_pdbx_struct_assembly.oligomeric_details   monomeric 
_pdbx_struct_assembly.oligomeric_count     1 
# 
_pdbx_struct_assembly_gen.assembly_id       1 
_pdbx_struct_assembly_gen.oper_expression   1 
_pdbx_struct_assembly_gen.asym_id_list      A,B,C,D 
# 
loop_
_pdbx_struct_assembly_prop.biol_id 
_pdbx_struct_assembly_prop.type 
_pdbx_struct_assembly_prop.value 
_pdbx_struct_assembly_prop.details 
1 'ABSA (A^2)' 340  ? 
1 MORE         3    ? 
1 'SSA (A^2)'  7480 ? 
# 
_pdbx_struct_oper_list.id                   1 
_pdbx_struct_oper_list.type                 'identity operation' 
_pdbx_struct_oper_list.name                 1_555 
_pdbx_struct_oper_list.symmetry_operation   x,y,z 
_pdbx_struct_oper_list.matrix[1][1]         1.0000000000 
_pdbx_struct_oper_list.matrix[1][2]         0.0000000000 
_pdbx_struct_oper_list.matrix[1][3]         0.0000000000 
_pdbx_struct_oper_list.vector[1]            0.0000000000 
_pdbx_struct_oper_list.matrix[2][1]         0.0000000000 
_pdbx_struct_oper_list.matrix[2][2]         1.0000000000 
_pdbx_struct_oper_list.matrix[2][3]         0.0000000000 
_pdbx_struct_oper_list.vector[2]            0.0000000000 
_pdbx_struct_oper_list.matrix[3][1]         0.0000000000 
_pdbx_struct_oper_list.matrix[3][2]         0.0000000000 
_pdbx_struct_oper_list.matrix[3][3]         1.0000000000 
_pdbx_struct_oper_list.vector[3]            0.0000000000 
# 
loop_
_pdbx_struct_conn_angle.id 
_pdbx_struct_conn_angle.ptnr1_label_atom_id 
_pdbx_struct_conn_angle.ptnr1_label_alt_id 
_pdbx_struct_conn_angle.ptnr1_label_asym_id 
_pdbx_struct_conn_angle.ptnr1_label_comp_id 
_pdbx_struct_conn_angle.ptnr1_label_seq_id 
_pdbx_struct_conn_angle.ptnr1_auth_atom_id 
_pdbx_struct_conn_angle.ptnr1_auth_asym_id 
_pdbx_struct_conn_angle.ptnr1_auth_comp_id 
_pdbx_struct_conn_angle.ptnr1_auth_seq_id 
_pdbx_struct_conn_angle.ptnr1_PDB_ins_code 
_pdbx_struct_conn_angle.ptnr1_symmetry 
_pdbx_struct_conn_angle.ptnr2_label_atom_id 
_pdbx_struct_conn_angle.ptnr2_label_alt_id 
_pdbx_struct_conn_angle.ptnr2_label_asym_id 
_pdbx_struct_conn_angle.ptnr2_label_comp_id 
_pdbx_struct_conn_angle.ptnr2_label_seq_id 
_pdbx_struct_conn_angle.ptnr2_auth_atom_id 
_pdbx_struct_conn_angle.ptnr2_auth_asym_id 
_pdbx_struct_conn_angle.ptnr2_auth_comp_id 
_pdbx_struct_conn_angle.ptnr2_auth_seq_id 
_pdbx_struct_conn_angle.ptnr2_PDB_ins_code 
_pdbx_struct_conn_angle.ptnr2_symmetry 
_pdbx_struct_conn_angle.ptnr3_label_atom_id 
_pdbx_struct_conn_angle.ptnr3_label_alt_id 
_pdbx_struct_conn_angle.ptnr3_label_asym_id 
_pdbx_struct_conn_angle.ptnr3_label_comp_id 
_pdbx_struct_conn_angle.ptnr3_label_seq_id 
_pdbx_struct_conn_angle.ptnr3_auth_atom_id 
_pdbx_struct_conn_angle.ptnr3_auth_asym_id 
_pdbx_struct_conn_angle.ptnr3_auth_comp_id 
_pdbx_struct_conn_angle.ptnr3_auth_seq_id 
_pdbx_struct_conn_angle.ptnr3_PDB_ins_code 
_pdbx_struct_conn_angle.ptnr3_symmetry 
_pdbx_struct_conn_angle.value 
_pdbx_struct_conn_angle.value_esd 
1  O   ? A ASN 42 ? A ASN 37 ? 1_555 CA ? C CA . ? A CA 202 ? 1_555 OD1 ? A ASP 45  ? A ASP 40  ? 1_555 76.7  ? 
2  O   ? A ASN 42 ? A ASN 37 ? 1_555 CA ? C CA . ? A CA 202 ? 1_555 O   ? A ASP 47  ? A ASP 42  ? 1_555 173.6 ? 
3  OD1 ? A ASP 45 ? A ASP 40 ? 1_555 CA ? C CA . ? A CA 202 ? 1_555 O   ? A ASP 47  ? A ASP 42  ? 1_555 99.9  ? 
4  O   ? A ASN 42 ? A ASN 37 ? 1_555 CA ? C CA . ? A CA 202 ? 1_555 O   ? A THR 50  ? A THR 45  ? 1_555 99.1  ? 
5  OD1 ? A ASP 45 ? A ASP 40 ? 1_555 CA ? C CA . ? A CA 202 ? 1_555 O   ? A THR 50  ? A THR 45  ? 1_555 152.8 ? 
6  O   ? A ASP 47 ? A ASP 42 ? 1_555 CA ? C CA . ? A CA 202 ? 1_555 O   ? A THR 50  ? A THR 45  ? 1_555 86.4  ? 
7  O   ? A ASN 42 ? A ASN 37 ? 1_555 CA ? C CA . ? A CA 202 ? 1_555 OG1 ? A THR 50  ? A THR 45  ? 1_555 95.3  ? 
8  OD1 ? A ASP 45 ? A ASP 40 ? 1_555 CA ? C CA . ? A CA 202 ? 1_555 OG1 ? A THR 50  ? A THR 45  ? 1_555 77.5  ? 
9  O   ? A ASP 47 ? A ASP 42 ? 1_555 CA ? C CA . ? A CA 202 ? 1_555 OG1 ? A THR 50  ? A THR 45  ? 1_555 89.2  ? 
10 O   ? A THR 50 ? A THR 45 ? 1_555 CA ? C CA . ? A CA 202 ? 1_555 OG1 ? A THR 50  ? A THR 45  ? 1_555 76.2  ? 
11 O   ? A ASN 42 ? A ASN 37 ? 1_555 CA ? C CA . ? A CA 202 ? 1_555 O   ? A ALA 160 ? A ALA 155 ? 1_555 80.2  ? 
12 OD1 ? A ASP 45 ? A ASP 40 ? 1_555 CA ? C CA . ? A CA 202 ? 1_555 O   ? A ALA 160 ? A ALA 155 ? 1_555 125.6 ? 
13 O   ? A ASP 47 ? A ASP 42 ? 1_555 CA ? C CA . ? A CA 202 ? 1_555 O   ? A ALA 160 ? A ALA 155 ? 1_555 97.7  ? 
14 O   ? A THR 50 ? A THR 45 ? 1_555 CA ? C CA . ? A CA 202 ? 1_555 O   ? A ALA 160 ? A ALA 155 ? 1_555 79.0  ? 
15 OG1 ? A THR 50 ? A THR 45 ? 1_555 CA ? C CA . ? A CA 202 ? 1_555 O   ? A ALA 160 ? A ALA 155 ? 1_555 153.8 ? 
# 
loop_
_pdbx_audit_revision_history.ordinal 
_pdbx_audit_revision_history.data_content_type 
_pdbx_audit_revision_history.major_revision 
_pdbx_audit_revision_history.minor_revision 
_pdbx_audit_revision_history.revision_date 
1 'Structure model' 1 0 2015-10-07 
2 'Structure model' 1 1 2017-03-08 
3 'Structure model' 1 2 2020-01-08 
4 'Structure model' 1 3 2020-07-29 
5 'Structure model' 1 4 2023-09-27 
# 
loop_
_pdbx_audit_revision_details.ordinal 
_pdbx_audit_revision_details.revision_ordinal 
_pdbx_audit_revision_details.data_content_type 
_pdbx_audit_revision_details.provider 
_pdbx_audit_revision_details.type 
_pdbx_audit_revision_details.description 
_pdbx_audit_revision_details.details 
1 1 'Structure model' repository 'Initial release' ?                          ? 
2 4 'Structure model' repository Remediation       'Carbohydrate remediation' ? 
# 
loop_
_pdbx_audit_revision_group.ordinal 
_pdbx_audit_revision_group.revision_ordinal 
_pdbx_audit_revision_group.data_content_type 
_pdbx_audit_revision_group.group 
1 2 'Structure model' 'Database references'        
2 3 'Structure model' 'Author supporting evidence' 
3 4 'Structure model' 'Data collection'            
4 4 'Structure model' 'Derived calculations'       
5 4 'Structure model' 'Structure summary'          
6 5 'Structure model' 'Data collection'            
7 5 'Structure model' 'Database references'        
8 5 'Structure model' 'Refinement description'     
9 5 'Structure model' 'Structure summary'          
# 
loop_
_pdbx_audit_revision_category.ordinal 
_pdbx_audit_revision_category.revision_ordinal 
_pdbx_audit_revision_category.data_content_type 
_pdbx_audit_revision_category.category 
1  3 'Structure model' pdbx_audit_support            
2  4 'Structure model' chem_comp                     
3  4 'Structure model' entity                        
4  4 'Structure model' pdbx_chem_comp_identifier     
5  4 'Structure model' pdbx_entity_nonpoly           
6  4 'Structure model' struct_site                   
7  4 'Structure model' struct_site_gen               
8  5 'Structure model' chem_comp                     
9  5 'Structure model' chem_comp_atom                
10 5 'Structure model' chem_comp_bond                
11 5 'Structure model' database_2                    
12 5 'Structure model' pdbx_initial_refinement_model 
# 
loop_
_pdbx_audit_revision_item.ordinal 
_pdbx_audit_revision_item.revision_ordinal 
_pdbx_audit_revision_item.data_content_type 
_pdbx_audit_revision_item.item 
1 3 'Structure model' '_pdbx_audit_support.funding_organization' 
2 4 'Structure model' '_chem_comp.name'                          
3 4 'Structure model' '_chem_comp.type'                          
4 4 'Structure model' '_entity.pdbx_description'                 
5 4 'Structure model' '_pdbx_entity_nonpoly.name'                
6 5 'Structure model' '_chem_comp.pdbx_synonyms'                 
7 5 'Structure model' '_database_2.pdbx_DOI'                     
8 5 'Structure model' '_database_2.pdbx_database_accession'      
# 
_software.citation_id            ? 
_software.classification         refinement 
_software.compiler_name          . 
_software.compiler_version       . 
_software.contact_author         . 
_software.contact_author_email   . 
_software.date                   . 
_software.description            . 
_software.dependencies           . 
_software.hardware               . 
_software.language               . 
_software.location               . 
_software.mods                   . 
_software.name                   PHENIX 
_software.os                     . 
_software.os_version             . 
_software.type                   . 
_software.version                '(PHENIX.REFINE: 1.8.4_1496)' 
_software.pdbx_ordinal           1 
# 
loop_
_pdbx_validate_close_contact.id 
_pdbx_validate_close_contact.PDB_model_num 
_pdbx_validate_close_contact.auth_atom_id_1 
_pdbx_validate_close_contact.auth_asym_id_1 
_pdbx_validate_close_contact.auth_comp_id_1 
_pdbx_validate_close_contact.auth_seq_id_1 
_pdbx_validate_close_contact.PDB_ins_code_1 
_pdbx_validate_close_contact.label_alt_id_1 
_pdbx_validate_close_contact.auth_atom_id_2 
_pdbx_validate_close_contact.auth_asym_id_2 
_pdbx_validate_close_contact.auth_comp_id_2 
_pdbx_validate_close_contact.auth_seq_id_2 
_pdbx_validate_close_contact.PDB_ins_code_2 
_pdbx_validate_close_contact.label_alt_id_2 
_pdbx_validate_close_contact.dist 
1 1 O A ASN 108 ? ? O A HOH 301 ? ? 1.95 
2 1 O A HOH 301 ? ? O A HOH 302 ? ? 2.00 
3 1 O A HOH 318 ? ? O A HOH 320 ? ? 2.10 
4 1 O A HOH 306 ? ? O A HOH 307 ? ? 2.18 
# 
_pdbx_validate_symm_contact.id                1 
_pdbx_validate_symm_contact.PDB_model_num     1 
_pdbx_validate_symm_contact.auth_atom_id_1    O 
_pdbx_validate_symm_contact.auth_asym_id_1    A 
_pdbx_validate_symm_contact.auth_comp_id_1    HOH 
_pdbx_validate_symm_contact.auth_seq_id_1     304 
_pdbx_validate_symm_contact.PDB_ins_code_1    ? 
_pdbx_validate_symm_contact.label_alt_id_1    ? 
_pdbx_validate_symm_contact.site_symmetry_1   1_555 
_pdbx_validate_symm_contact.auth_atom_id_2    O 
_pdbx_validate_symm_contact.auth_asym_id_2    A 
_pdbx_validate_symm_contact.auth_comp_id_2    HOH 
_pdbx_validate_symm_contact.auth_seq_id_2     316 
_pdbx_validate_symm_contact.PDB_ins_code_2    ? 
_pdbx_validate_symm_contact.label_alt_id_2    ? 
_pdbx_validate_symm_contact.site_symmetry_2   3_554 
_pdbx_validate_symm_contact.dist              2.13 
# 
loop_
_pdbx_validate_torsion.id 
_pdbx_validate_torsion.PDB_model_num 
_pdbx_validate_torsion.auth_comp_id 
_pdbx_validate_torsion.auth_asym_id 
_pdbx_validate_torsion.auth_seq_id 
_pdbx_validate_torsion.PDB_ins_code 
_pdbx_validate_torsion.label_alt_id 
_pdbx_validate_torsion.phi 
_pdbx_validate_torsion.psi 
1 1 ASP A 31 ? ? 53.53   -128.85 
2 1 ASN A 72 ? ? -140.11 16.29   
3 1 GLN A 73 ? ? -176.11 142.10  
# 
loop_
_pdbx_distant_solvent_atoms.id 
_pdbx_distant_solvent_atoms.PDB_model_num 
_pdbx_distant_solvent_atoms.auth_atom_id 
_pdbx_distant_solvent_atoms.label_alt_id 
_pdbx_distant_solvent_atoms.auth_asym_id 
_pdbx_distant_solvent_atoms.auth_comp_id 
_pdbx_distant_solvent_atoms.auth_seq_id 
_pdbx_distant_solvent_atoms.PDB_ins_code 
_pdbx_distant_solvent_atoms.neighbor_macromolecule_distance 
_pdbx_distant_solvent_atoms.neighbor_ligand_distance 
1 1 O ? A HOH 324 ? 5.89 . 
2 1 O ? A HOH 337 ? 6.45 . 
# 
loop_
_pdbx_unobs_or_zero_occ_atoms.id 
_pdbx_unobs_or_zero_occ_atoms.PDB_model_num 
_pdbx_unobs_or_zero_occ_atoms.polymer_flag 
_pdbx_unobs_or_zero_occ_atoms.occupancy_flag 
_pdbx_unobs_or_zero_occ_atoms.auth_asym_id 
_pdbx_unobs_or_zero_occ_atoms.auth_comp_id 
_pdbx_unobs_or_zero_occ_atoms.auth_seq_id 
_pdbx_unobs_or_zero_occ_atoms.PDB_ins_code 
_pdbx_unobs_or_zero_occ_atoms.auth_atom_id 
_pdbx_unobs_or_zero_occ_atoms.label_alt_id 
_pdbx_unobs_or_zero_occ_atoms.label_asym_id 
_pdbx_unobs_or_zero_occ_atoms.label_comp_id 
_pdbx_unobs_or_zero_occ_atoms.label_seq_id 
_pdbx_unobs_or_zero_occ_atoms.label_atom_id 
1  1 Y 1 A LYS 9   ? CG  ? A LYS 14  CG  
2  1 Y 1 A LYS 9   ? CD  ? A LYS 14  CD  
3  1 Y 1 A LYS 9   ? CE  ? A LYS 14  CE  
4  1 Y 1 A LYS 9   ? NZ  ? A LYS 14  NZ  
5  1 Y 1 A LYS 56  ? CD  ? A LYS 61  CD  
6  1 Y 1 A LYS 56  ? CE  ? A LYS 61  CE  
7  1 Y 1 A LYS 56  ? NZ  ? A LYS 61  NZ  
8  1 Y 1 A LYS 67  ? NZ  ? A LYS 72  NZ  
9  1 Y 1 A GLU 99  ? CG  ? A GLU 104 CG  
10 1 Y 1 A GLU 99  ? CD  ? A GLU 104 CD  
11 1 Y 1 A GLU 99  ? OE1 ? A GLU 104 OE1 
12 1 Y 1 A GLU 99  ? OE2 ? A GLU 104 OE2 
13 1 Y 1 A LYS 142 ? NZ  ? A LYS 147 NZ  
14 1 Y 1 A LYS 162 ? CG  ? A LYS 167 CG  
15 1 Y 1 A LYS 162 ? CD  ? A LYS 167 CD  
16 1 Y 1 A LYS 162 ? CE  ? A LYS 167 CE  
17 1 Y 1 A LYS 162 ? NZ  ? A LYS 167 NZ  
# 
loop_
_pdbx_unobs_or_zero_occ_residues.id 
_pdbx_unobs_or_zero_occ_residues.PDB_model_num 
_pdbx_unobs_or_zero_occ_residues.polymer_flag 
_pdbx_unobs_or_zero_occ_residues.occupancy_flag 
_pdbx_unobs_or_zero_occ_residues.auth_asym_id 
_pdbx_unobs_or_zero_occ_residues.auth_comp_id 
_pdbx_unobs_or_zero_occ_residues.auth_seq_id 
_pdbx_unobs_or_zero_occ_residues.PDB_ins_code 
_pdbx_unobs_or_zero_occ_residues.label_asym_id 
_pdbx_unobs_or_zero_occ_residues.label_comp_id 
_pdbx_unobs_or_zero_occ_residues.label_seq_id 
1  1 Y 1 A MET -4 ? A MET 1  
2  1 Y 1 A HIS -3 ? A HIS 2  
3  1 Y 1 A HIS -2 ? A HIS 3  
4  1 Y 1 A HIS -1 ? A HIS 4  
5  1 Y 1 A HIS 0  ? A HIS 5  
6  1 Y 1 A HIS 1  ? A HIS 6  
7  1 Y 1 A HIS 2  ? A HIS 7  
8  1 Y 1 A ILE 3  ? A ILE 8  
9  1 Y 1 A THR 4  ? A THR 9  
10 1 Y 1 A SER 5  ? A SER 10 
# 
loop_
_chem_comp_atom.comp_id 
_chem_comp_atom.atom_id 
_chem_comp_atom.type_symbol 
_chem_comp_atom.pdbx_aromatic_flag 
_chem_comp_atom.pdbx_stereo_config 
_chem_comp_atom.pdbx_ordinal 
ALA N    N  N N 1   
ALA CA   C  N S 2   
ALA C    C  N N 3   
ALA O    O  N N 4   
ALA CB   C  N N 5   
ALA OXT  O  N N 6   
ALA H    H  N N 7   
ALA H2   H  N N 8   
ALA HA   H  N N 9   
ALA HB1  H  N N 10  
ALA HB2  H  N N 11  
ALA HB3  H  N N 12  
ALA HXT  H  N N 13  
ARG N    N  N N 14  
ARG CA   C  N S 15  
ARG C    C  N N 16  
ARG O    O  N N 17  
ARG CB   C  N N 18  
ARG CG   C  N N 19  
ARG CD   C  N N 20  
ARG NE   N  N N 21  
ARG CZ   C  N N 22  
ARG NH1  N  N N 23  
ARG NH2  N  N N 24  
ARG OXT  O  N N 25  
ARG H    H  N N 26  
ARG H2   H  N N 27  
ARG HA   H  N N 28  
ARG HB2  H  N N 29  
ARG HB3  H  N N 30  
ARG HG2  H  N N 31  
ARG HG3  H  N N 32  
ARG HD2  H  N N 33  
ARG HD3  H  N N 34  
ARG HE   H  N N 35  
ARG HH11 H  N N 36  
ARG HH12 H  N N 37  
ARG HH21 H  N N 38  
ARG HH22 H  N N 39  
ARG HXT  H  N N 40  
ASN N    N  N N 41  
ASN CA   C  N S 42  
ASN C    C  N N 43  
ASN O    O  N N 44  
ASN CB   C  N N 45  
ASN CG   C  N N 46  
ASN OD1  O  N N 47  
ASN ND2  N  N N 48  
ASN OXT  O  N N 49  
ASN H    H  N N 50  
ASN H2   H  N N 51  
ASN HA   H  N N 52  
ASN HB2  H  N N 53  
ASN HB3  H  N N 54  
ASN HD21 H  N N 55  
ASN HD22 H  N N 56  
ASN HXT  H  N N 57  
ASP N    N  N N 58  
ASP CA   C  N S 59  
ASP C    C  N N 60  
ASP O    O  N N 61  
ASP CB   C  N N 62  
ASP CG   C  N N 63  
ASP OD1  O  N N 64  
ASP OD2  O  N N 65  
ASP OXT  O  N N 66  
ASP H    H  N N 67  
ASP H2   H  N N 68  
ASP HA   H  N N 69  
ASP HB2  H  N N 70  
ASP HB3  H  N N 71  
ASP HD2  H  N N 72  
ASP HXT  H  N N 73  
CA  CA   CA N N 74  
GLN N    N  N N 75  
GLN CA   C  N S 76  
GLN C    C  N N 77  
GLN O    O  N N 78  
GLN CB   C  N N 79  
GLN CG   C  N N 80  
GLN CD   C  N N 81  
GLN OE1  O  N N 82  
GLN NE2  N  N N 83  
GLN OXT  O  N N 84  
GLN H    H  N N 85  
GLN H2   H  N N 86  
GLN HA   H  N N 87  
GLN HB2  H  N N 88  
GLN HB3  H  N N 89  
GLN HG2  H  N N 90  
GLN HG3  H  N N 91  
GLN HE21 H  N N 92  
GLN HE22 H  N N 93  
GLN HXT  H  N N 94  
GLU N    N  N N 95  
GLU CA   C  N S 96  
GLU C    C  N N 97  
GLU O    O  N N 98  
GLU CB   C  N N 99  
GLU CG   C  N N 100 
GLU CD   C  N N 101 
GLU OE1  O  N N 102 
GLU OE2  O  N N 103 
GLU OXT  O  N N 104 
GLU H    H  N N 105 
GLU H2   H  N N 106 
GLU HA   H  N N 107 
GLU HB2  H  N N 108 
GLU HB3  H  N N 109 
GLU HG2  H  N N 110 
GLU HG3  H  N N 111 
GLU HE2  H  N N 112 
GLU HXT  H  N N 113 
GLY N    N  N N 114 
GLY CA   C  N N 115 
GLY C    C  N N 116 
GLY O    O  N N 117 
GLY OXT  O  N N 118 
GLY H    H  N N 119 
GLY H2   H  N N 120 
GLY HA2  H  N N 121 
GLY HA3  H  N N 122 
GLY HXT  H  N N 123 
HIS N    N  N N 124 
HIS CA   C  N S 125 
HIS C    C  N N 126 
HIS O    O  N N 127 
HIS CB   C  N N 128 
HIS CG   C  Y N 129 
HIS ND1  N  Y N 130 
HIS CD2  C  Y N 131 
HIS CE1  C  Y N 132 
HIS NE2  N  Y N 133 
HIS OXT  O  N N 134 
HIS H    H  N N 135 
HIS H2   H  N N 136 
HIS HA   H  N N 137 
HIS HB2  H  N N 138 
HIS HB3  H  N N 139 
HIS HD1  H  N N 140 
HIS HD2  H  N N 141 
HIS HE1  H  N N 142 
HIS HE2  H  N N 143 
HIS HXT  H  N N 144 
HOH O    O  N N 145 
HOH H1   H  N N 146 
HOH H2   H  N N 147 
ILE N    N  N N 148 
ILE CA   C  N S 149 
ILE C    C  N N 150 
ILE O    O  N N 151 
ILE CB   C  N S 152 
ILE CG1  C  N N 153 
ILE CG2  C  N N 154 
ILE CD1  C  N N 155 
ILE OXT  O  N N 156 
ILE H    H  N N 157 
ILE H2   H  N N 158 
ILE HA   H  N N 159 
ILE HB   H  N N 160 
ILE HG12 H  N N 161 
ILE HG13 H  N N 162 
ILE HG21 H  N N 163 
ILE HG22 H  N N 164 
ILE HG23 H  N N 165 
ILE HD11 H  N N 166 
ILE HD12 H  N N 167 
ILE HD13 H  N N 168 
ILE HXT  H  N N 169 
LEU N    N  N N 170 
LEU CA   C  N S 171 
LEU C    C  N N 172 
LEU O    O  N N 173 
LEU CB   C  N N 174 
LEU CG   C  N N 175 
LEU CD1  C  N N 176 
LEU CD2  C  N N 177 
LEU OXT  O  N N 178 
LEU H    H  N N 179 
LEU H2   H  N N 180 
LEU HA   H  N N 181 
LEU HB2  H  N N 182 
LEU HB3  H  N N 183 
LEU HG   H  N N 184 
LEU HD11 H  N N 185 
LEU HD12 H  N N 186 
LEU HD13 H  N N 187 
LEU HD21 H  N N 188 
LEU HD22 H  N N 189 
LEU HD23 H  N N 190 
LEU HXT  H  N N 191 
LYS N    N  N N 192 
LYS CA   C  N S 193 
LYS C    C  N N 194 
LYS O    O  N N 195 
LYS CB   C  N N 196 
LYS CG   C  N N 197 
LYS CD   C  N N 198 
LYS CE   C  N N 199 
LYS NZ   N  N N 200 
LYS OXT  O  N N 201 
LYS H    H  N N 202 
LYS H2   H  N N 203 
LYS HA   H  N N 204 
LYS HB2  H  N N 205 
LYS HB3  H  N N 206 
LYS HG2  H  N N 207 
LYS HG3  H  N N 208 
LYS HD2  H  N N 209 
LYS HD3  H  N N 210 
LYS HE2  H  N N 211 
LYS HE3  H  N N 212 
LYS HZ1  H  N N 213 
LYS HZ2  H  N N 214 
LYS HZ3  H  N N 215 
LYS HXT  H  N N 216 
MET N    N  N N 217 
MET CA   C  N S 218 
MET C    C  N N 219 
MET O    O  N N 220 
MET CB   C  N N 221 
MET CG   C  N N 222 
MET SD   S  N N 223 
MET CE   C  N N 224 
MET OXT  O  N N 225 
MET H    H  N N 226 
MET H2   H  N N 227 
MET HA   H  N N 228 
MET HB2  H  N N 229 
MET HB3  H  N N 230 
MET HG2  H  N N 231 
MET HG3  H  N N 232 
MET HE1  H  N N 233 
MET HE2  H  N N 234 
MET HE3  H  N N 235 
MET HXT  H  N N 236 
NGA C1   C  N R 237 
NGA C2   C  N R 238 
NGA C3   C  N R 239 
NGA C4   C  N R 240 
NGA C5   C  N R 241 
NGA C6   C  N N 242 
NGA C7   C  N N 243 
NGA C8   C  N N 244 
NGA N2   N  N N 245 
NGA O1   O  N N 246 
NGA O3   O  N N 247 
NGA O4   O  N N 248 
NGA O5   O  N N 249 
NGA O6   O  N N 250 
NGA O7   O  N N 251 
NGA H1   H  N N 252 
NGA H2   H  N N 253 
NGA H3   H  N N 254 
NGA H4   H  N N 255 
NGA H5   H  N N 256 
NGA H61  H  N N 257 
NGA H62  H  N N 258 
NGA H81  H  N N 259 
NGA H82  H  N N 260 
NGA H83  H  N N 261 
NGA HN2  H  N N 262 
NGA HO1  H  N N 263 
NGA HO3  H  N N 264 
NGA HO4  H  N N 265 
NGA HO6  H  N N 266 
PHE N    N  N N 267 
PHE CA   C  N S 268 
PHE C    C  N N 269 
PHE O    O  N N 270 
PHE CB   C  N N 271 
PHE CG   C  Y N 272 
PHE CD1  C  Y N 273 
PHE CD2  C  Y N 274 
PHE CE1  C  Y N 275 
PHE CE2  C  Y N 276 
PHE CZ   C  Y N 277 
PHE OXT  O  N N 278 
PHE H    H  N N 279 
PHE H2   H  N N 280 
PHE HA   H  N N 281 
PHE HB2  H  N N 282 
PHE HB3  H  N N 283 
PHE HD1  H  N N 284 
PHE HD2  H  N N 285 
PHE HE1  H  N N 286 
PHE HE2  H  N N 287 
PHE HZ   H  N N 288 
PHE HXT  H  N N 289 
PRO N    N  N N 290 
PRO CA   C  N S 291 
PRO C    C  N N 292 
PRO O    O  N N 293 
PRO CB   C  N N 294 
PRO CG   C  N N 295 
PRO CD   C  N N 296 
PRO OXT  O  N N 297 
PRO H    H  N N 298 
PRO HA   H  N N 299 
PRO HB2  H  N N 300 
PRO HB3  H  N N 301 
PRO HG2  H  N N 302 
PRO HG3  H  N N 303 
PRO HD2  H  N N 304 
PRO HD3  H  N N 305 
PRO HXT  H  N N 306 
SER N    N  N N 307 
SER CA   C  N S 308 
SER C    C  N N 309 
SER O    O  N N 310 
SER CB   C  N N 311 
SER OG   O  N N 312 
SER OXT  O  N N 313 
SER H    H  N N 314 
SER H2   H  N N 315 
SER HA   H  N N 316 
SER HB2  H  N N 317 
SER HB3  H  N N 318 
SER HG   H  N N 319 
SER HXT  H  N N 320 
THR N    N  N N 321 
THR CA   C  N S 322 
THR C    C  N N 323 
THR O    O  N N 324 
THR CB   C  N R 325 
THR OG1  O  N N 326 
THR CG2  C  N N 327 
THR OXT  O  N N 328 
THR H    H  N N 329 
THR H2   H  N N 330 
THR HA   H  N N 331 
THR HB   H  N N 332 
THR HG1  H  N N 333 
THR HG21 H  N N 334 
THR HG22 H  N N 335 
THR HG23 H  N N 336 
THR HXT  H  N N 337 
TRP N    N  N N 338 
TRP CA   C  N S 339 
TRP C    C  N N 340 
TRP O    O  N N 341 
TRP CB   C  N N 342 
TRP CG   C  Y N 343 
TRP CD1  C  Y N 344 
TRP CD2  C  Y N 345 
TRP NE1  N  Y N 346 
TRP CE2  C  Y N 347 
TRP CE3  C  Y N 348 
TRP CZ2  C  Y N 349 
TRP CZ3  C  Y N 350 
TRP CH2  C  Y N 351 
TRP OXT  O  N N 352 
TRP H    H  N N 353 
TRP H2   H  N N 354 
TRP HA   H  N N 355 
TRP HB2  H  N N 356 
TRP HB3  H  N N 357 
TRP HD1  H  N N 358 
TRP HE1  H  N N 359 
TRP HE3  H  N N 360 
TRP HZ2  H  N N 361 
TRP HZ3  H  N N 362 
TRP HH2  H  N N 363 
TRP HXT  H  N N 364 
TYR N    N  N N 365 
TYR CA   C  N S 366 
TYR C    C  N N 367 
TYR O    O  N N 368 
TYR CB   C  N N 369 
TYR CG   C  Y N 370 
TYR CD1  C  Y N 371 
TYR CD2  C  Y N 372 
TYR CE1  C  Y N 373 
TYR CE2  C  Y N 374 
TYR CZ   C  Y N 375 
TYR OH   O  N N 376 
TYR OXT  O  N N 377 
TYR H    H  N N 378 
TYR H2   H  N N 379 
TYR HA   H  N N 380 
TYR HB2  H  N N 381 
TYR HB3  H  N N 382 
TYR HD1  H  N N 383 
TYR HD2  H  N N 384 
TYR HE1  H  N N 385 
TYR HE2  H  N N 386 
TYR HH   H  N N 387 
TYR HXT  H  N N 388 
VAL N    N  N N 389 
VAL CA   C  N S 390 
VAL C    C  N N 391 
VAL O    O  N N 392 
VAL CB   C  N N 393 
VAL CG1  C  N N 394 
VAL CG2  C  N N 395 
VAL OXT  O  N N 396 
VAL H    H  N N 397 
VAL H2   H  N N 398 
VAL HA   H  N N 399 
VAL HB   H  N N 400 
VAL HG11 H  N N 401 
VAL HG12 H  N N 402 
VAL HG13 H  N N 403 
VAL HG21 H  N N 404 
VAL HG22 H  N N 405 
VAL HG23 H  N N 406 
VAL HXT  H  N N 407 
# 
loop_
_chem_comp_bond.comp_id 
_chem_comp_bond.atom_id_1 
_chem_comp_bond.atom_id_2 
_chem_comp_bond.value_order 
_chem_comp_bond.pdbx_aromatic_flag 
_chem_comp_bond.pdbx_stereo_config 
_chem_comp_bond.pdbx_ordinal 
ALA N   CA   sing N N 1   
ALA N   H    sing N N 2   
ALA N   H2   sing N N 3   
ALA CA  C    sing N N 4   
ALA CA  CB   sing N N 5   
ALA CA  HA   sing N N 6   
ALA C   O    doub N N 7   
ALA C   OXT  sing N N 8   
ALA CB  HB1  sing N N 9   
ALA CB  HB2  sing N N 10  
ALA CB  HB3  sing N N 11  
ALA OXT HXT  sing N N 12  
ARG N   CA   sing N N 13  
ARG N   H    sing N N 14  
ARG N   H2   sing N N 15  
ARG CA  C    sing N N 16  
ARG CA  CB   sing N N 17  
ARG CA  HA   sing N N 18  
ARG C   O    doub N N 19  
ARG C   OXT  sing N N 20  
ARG CB  CG   sing N N 21  
ARG CB  HB2  sing N N 22  
ARG CB  HB3  sing N N 23  
ARG CG  CD   sing N N 24  
ARG CG  HG2  sing N N 25  
ARG CG  HG3  sing N N 26  
ARG CD  NE   sing N N 27  
ARG CD  HD2  sing N N 28  
ARG CD  HD3  sing N N 29  
ARG NE  CZ   sing N N 30  
ARG NE  HE   sing N N 31  
ARG CZ  NH1  sing N N 32  
ARG CZ  NH2  doub N N 33  
ARG NH1 HH11 sing N N 34  
ARG NH1 HH12 sing N N 35  
ARG NH2 HH21 sing N N 36  
ARG NH2 HH22 sing N N 37  
ARG OXT HXT  sing N N 38  
ASN N   CA   sing N N 39  
ASN N   H    sing N N 40  
ASN N   H2   sing N N 41  
ASN CA  C    sing N N 42  
ASN CA  CB   sing N N 43  
ASN CA  HA   sing N N 44  
ASN C   O    doub N N 45  
ASN C   OXT  sing N N 46  
ASN CB  CG   sing N N 47  
ASN CB  HB2  sing N N 48  
ASN CB  HB3  sing N N 49  
ASN CG  OD1  doub N N 50  
ASN CG  ND2  sing N N 51  
ASN ND2 HD21 sing N N 52  
ASN ND2 HD22 sing N N 53  
ASN OXT HXT  sing N N 54  
ASP N   CA   sing N N 55  
ASP N   H    sing N N 56  
ASP N   H2   sing N N 57  
ASP CA  C    sing N N 58  
ASP CA  CB   sing N N 59  
ASP CA  HA   sing N N 60  
ASP C   O    doub N N 61  
ASP C   OXT  sing N N 62  
ASP CB  CG   sing N N 63  
ASP CB  HB2  sing N N 64  
ASP CB  HB3  sing N N 65  
ASP CG  OD1  doub N N 66  
ASP CG  OD2  sing N N 67  
ASP OD2 HD2  sing N N 68  
ASP OXT HXT  sing N N 69  
GLN N   CA   sing N N 70  
GLN N   H    sing N N 71  
GLN N   H2   sing N N 72  
GLN CA  C    sing N N 73  
GLN CA  CB   sing N N 74  
GLN CA  HA   sing N N 75  
GLN C   O    doub N N 76  
GLN C   OXT  sing N N 77  
GLN CB  CG   sing N N 78  
GLN CB  HB2  sing N N 79  
GLN CB  HB3  sing N N 80  
GLN CG  CD   sing N N 81  
GLN CG  HG2  sing N N 82  
GLN CG  HG3  sing N N 83  
GLN CD  OE1  doub N N 84  
GLN CD  NE2  sing N N 85  
GLN NE2 HE21 sing N N 86  
GLN NE2 HE22 sing N N 87  
GLN OXT HXT  sing N N 88  
GLU N   CA   sing N N 89  
GLU N   H    sing N N 90  
GLU N   H2   sing N N 91  
GLU CA  C    sing N N 92  
GLU CA  CB   sing N N 93  
GLU CA  HA   sing N N 94  
GLU C   O    doub N N 95  
GLU C   OXT  sing N N 96  
GLU CB  CG   sing N N 97  
GLU CB  HB2  sing N N 98  
GLU CB  HB3  sing N N 99  
GLU CG  CD   sing N N 100 
GLU CG  HG2  sing N N 101 
GLU CG  HG3  sing N N 102 
GLU CD  OE1  doub N N 103 
GLU CD  OE2  sing N N 104 
GLU OE2 HE2  sing N N 105 
GLU OXT HXT  sing N N 106 
GLY N   CA   sing N N 107 
GLY N   H    sing N N 108 
GLY N   H2   sing N N 109 
GLY CA  C    sing N N 110 
GLY CA  HA2  sing N N 111 
GLY CA  HA3  sing N N 112 
GLY C   O    doub N N 113 
GLY C   OXT  sing N N 114 
GLY OXT HXT  sing N N 115 
HIS N   CA   sing N N 116 
HIS N   H    sing N N 117 
HIS N   H2   sing N N 118 
HIS CA  C    sing N N 119 
HIS CA  CB   sing N N 120 
HIS CA  HA   sing N N 121 
HIS C   O    doub N N 122 
HIS C   OXT  sing N N 123 
HIS CB  CG   sing N N 124 
HIS CB  HB2  sing N N 125 
HIS CB  HB3  sing N N 126 
HIS CG  ND1  sing Y N 127 
HIS CG  CD2  doub Y N 128 
HIS ND1 CE1  doub Y N 129 
HIS ND1 HD1  sing N N 130 
HIS CD2 NE2  sing Y N 131 
HIS CD2 HD2  sing N N 132 
HIS CE1 NE2  sing Y N 133 
HIS CE1 HE1  sing N N 134 
HIS NE2 HE2  sing N N 135 
HIS OXT HXT  sing N N 136 
HOH O   H1   sing N N 137 
HOH O   H2   sing N N 138 
ILE N   CA   sing N N 139 
ILE N   H    sing N N 140 
ILE N   H2   sing N N 141 
ILE CA  C    sing N N 142 
ILE CA  CB   sing N N 143 
ILE CA  HA   sing N N 144 
ILE C   O    doub N N 145 
ILE C   OXT  sing N N 146 
ILE CB  CG1  sing N N 147 
ILE CB  CG2  sing N N 148 
ILE CB  HB   sing N N 149 
ILE CG1 CD1  sing N N 150 
ILE CG1 HG12 sing N N 151 
ILE CG1 HG13 sing N N 152 
ILE CG2 HG21 sing N N 153 
ILE CG2 HG22 sing N N 154 
ILE CG2 HG23 sing N N 155 
ILE CD1 HD11 sing N N 156 
ILE CD1 HD12 sing N N 157 
ILE CD1 HD13 sing N N 158 
ILE OXT HXT  sing N N 159 
LEU N   CA   sing N N 160 
LEU N   H    sing N N 161 
LEU N   H2   sing N N 162 
LEU CA  C    sing N N 163 
LEU CA  CB   sing N N 164 
LEU CA  HA   sing N N 165 
LEU C   O    doub N N 166 
LEU C   OXT  sing N N 167 
LEU CB  CG   sing N N 168 
LEU CB  HB2  sing N N 169 
LEU CB  HB3  sing N N 170 
LEU CG  CD1  sing N N 171 
LEU CG  CD2  sing N N 172 
LEU CG  HG   sing N N 173 
LEU CD1 HD11 sing N N 174 
LEU CD1 HD12 sing N N 175 
LEU CD1 HD13 sing N N 176 
LEU CD2 HD21 sing N N 177 
LEU CD2 HD22 sing N N 178 
LEU CD2 HD23 sing N N 179 
LEU OXT HXT  sing N N 180 
LYS N   CA   sing N N 181 
LYS N   H    sing N N 182 
LYS N   H2   sing N N 183 
LYS CA  C    sing N N 184 
LYS CA  CB   sing N N 185 
LYS CA  HA   sing N N 186 
LYS C   O    doub N N 187 
LYS C   OXT  sing N N 188 
LYS CB  CG   sing N N 189 
LYS CB  HB2  sing N N 190 
LYS CB  HB3  sing N N 191 
LYS CG  CD   sing N N 192 
LYS CG  HG2  sing N N 193 
LYS CG  HG3  sing N N 194 
LYS CD  CE   sing N N 195 
LYS CD  HD2  sing N N 196 
LYS CD  HD3  sing N N 197 
LYS CE  NZ   sing N N 198 
LYS CE  HE2  sing N N 199 
LYS CE  HE3  sing N N 200 
LYS NZ  HZ1  sing N N 201 
LYS NZ  HZ2  sing N N 202 
LYS NZ  HZ3  sing N N 203 
LYS OXT HXT  sing N N 204 
MET N   CA   sing N N 205 
MET N   H    sing N N 206 
MET N   H2   sing N N 207 
MET CA  C    sing N N 208 
MET CA  CB   sing N N 209 
MET CA  HA   sing N N 210 
MET C   O    doub N N 211 
MET C   OXT  sing N N 212 
MET CB  CG   sing N N 213 
MET CB  HB2  sing N N 214 
MET CB  HB3  sing N N 215 
MET CG  SD   sing N N 216 
MET CG  HG2  sing N N 217 
MET CG  HG3  sing N N 218 
MET SD  CE   sing N N 219 
MET CE  HE1  sing N N 220 
MET CE  HE2  sing N N 221 
MET CE  HE3  sing N N 222 
MET OXT HXT  sing N N 223 
NGA C1  C2   sing N N 224 
NGA C1  O1   sing N N 225 
NGA C1  O5   sing N N 226 
NGA C1  H1   sing N N 227 
NGA C2  C3   sing N N 228 
NGA C2  N2   sing N N 229 
NGA C2  H2   sing N N 230 
NGA C3  C4   sing N N 231 
NGA C3  O3   sing N N 232 
NGA C3  H3   sing N N 233 
NGA C4  C5   sing N N 234 
NGA C4  O4   sing N N 235 
NGA C4  H4   sing N N 236 
NGA C5  C6   sing N N 237 
NGA C5  O5   sing N N 238 
NGA C5  H5   sing N N 239 
NGA C6  O6   sing N N 240 
NGA C6  H61  sing N N 241 
NGA C6  H62  sing N N 242 
NGA C7  C8   sing N N 243 
NGA C7  N2   sing N N 244 
NGA C7  O7   doub N N 245 
NGA C8  H81  sing N N 246 
NGA C8  H82  sing N N 247 
NGA C8  H83  sing N N 248 
NGA N2  HN2  sing N N 249 
NGA O1  HO1  sing N N 250 
NGA O3  HO3  sing N N 251 
NGA O4  HO4  sing N N 252 
NGA O6  HO6  sing N N 253 
PHE N   CA   sing N N 254 
PHE N   H    sing N N 255 
PHE N   H2   sing N N 256 
PHE CA  C    sing N N 257 
PHE CA  CB   sing N N 258 
PHE CA  HA   sing N N 259 
PHE C   O    doub N N 260 
PHE C   OXT  sing N N 261 
PHE CB  CG   sing N N 262 
PHE CB  HB2  sing N N 263 
PHE CB  HB3  sing N N 264 
PHE CG  CD1  doub Y N 265 
PHE CG  CD2  sing Y N 266 
PHE CD1 CE1  sing Y N 267 
PHE CD1 HD1  sing N N 268 
PHE CD2 CE2  doub Y N 269 
PHE CD2 HD2  sing N N 270 
PHE CE1 CZ   doub Y N 271 
PHE CE1 HE1  sing N N 272 
PHE CE2 CZ   sing Y N 273 
PHE CE2 HE2  sing N N 274 
PHE CZ  HZ   sing N N 275 
PHE OXT HXT  sing N N 276 
PRO N   CA   sing N N 277 
PRO N   CD   sing N N 278 
PRO N   H    sing N N 279 
PRO CA  C    sing N N 280 
PRO CA  CB   sing N N 281 
PRO CA  HA   sing N N 282 
PRO C   O    doub N N 283 
PRO C   OXT  sing N N 284 
PRO CB  CG   sing N N 285 
PRO CB  HB2  sing N N 286 
PRO CB  HB3  sing N N 287 
PRO CG  CD   sing N N 288 
PRO CG  HG2  sing N N 289 
PRO CG  HG3  sing N N 290 
PRO CD  HD2  sing N N 291 
PRO CD  HD3  sing N N 292 
PRO OXT HXT  sing N N 293 
SER N   CA   sing N N 294 
SER N   H    sing N N 295 
SER N   H2   sing N N 296 
SER CA  C    sing N N 297 
SER CA  CB   sing N N 298 
SER CA  HA   sing N N 299 
SER C   O    doub N N 300 
SER C   OXT  sing N N 301 
SER CB  OG   sing N N 302 
SER CB  HB2  sing N N 303 
SER CB  HB3  sing N N 304 
SER OG  HG   sing N N 305 
SER OXT HXT  sing N N 306 
THR N   CA   sing N N 307 
THR N   H    sing N N 308 
THR N   H2   sing N N 309 
THR CA  C    sing N N 310 
THR CA  CB   sing N N 311 
THR CA  HA   sing N N 312 
THR C   O    doub N N 313 
THR C   OXT  sing N N 314 
THR CB  OG1  sing N N 315 
THR CB  CG2  sing N N 316 
THR CB  HB   sing N N 317 
THR OG1 HG1  sing N N 318 
THR CG2 HG21 sing N N 319 
THR CG2 HG22 sing N N 320 
THR CG2 HG23 sing N N 321 
THR OXT HXT  sing N N 322 
TRP N   CA   sing N N 323 
TRP N   H    sing N N 324 
TRP N   H2   sing N N 325 
TRP CA  C    sing N N 326 
TRP CA  CB   sing N N 327 
TRP CA  HA   sing N N 328 
TRP C   O    doub N N 329 
TRP C   OXT  sing N N 330 
TRP CB  CG   sing N N 331 
TRP CB  HB2  sing N N 332 
TRP CB  HB3  sing N N 333 
TRP CG  CD1  doub Y N 334 
TRP CG  CD2  sing Y N 335 
TRP CD1 NE1  sing Y N 336 
TRP CD1 HD1  sing N N 337 
TRP CD2 CE2  doub Y N 338 
TRP CD2 CE3  sing Y N 339 
TRP NE1 CE2  sing Y N 340 
TRP NE1 HE1  sing N N 341 
TRP CE2 CZ2  sing Y N 342 
TRP CE3 CZ3  doub Y N 343 
TRP CE3 HE3  sing N N 344 
TRP CZ2 CH2  doub Y N 345 
TRP CZ2 HZ2  sing N N 346 
TRP CZ3 CH2  sing Y N 347 
TRP CZ3 HZ3  sing N N 348 
TRP CH2 HH2  sing N N 349 
TRP OXT HXT  sing N N 350 
TYR N   CA   sing N N 351 
TYR N   H    sing N N 352 
TYR N   H2   sing N N 353 
TYR CA  C    sing N N 354 
TYR CA  CB   sing N N 355 
TYR CA  HA   sing N N 356 
TYR C   O    doub N N 357 
TYR C   OXT  sing N N 358 
TYR CB  CG   sing N N 359 
TYR CB  HB2  sing N N 360 
TYR CB  HB3  sing N N 361 
TYR CG  CD1  doub Y N 362 
TYR CG  CD2  sing Y N 363 
TYR CD1 CE1  sing Y N 364 
TYR CD1 HD1  sing N N 365 
TYR CD2 CE2  doub Y N 366 
TYR CD2 HD2  sing N N 367 
TYR CE1 CZ   doub Y N 368 
TYR CE1 HE1  sing N N 369 
TYR CE2 CZ   sing Y N 370 
TYR CE2 HE2  sing N N 371 
TYR CZ  OH   sing N N 372 
TYR OH  HH   sing N N 373 
TYR OXT HXT  sing N N 374 
VAL N   CA   sing N N 375 
VAL N   H    sing N N 376 
VAL N   H2   sing N N 377 
VAL CA  C    sing N N 378 
VAL CA  CB   sing N N 379 
VAL CA  HA   sing N N 380 
VAL C   O    doub N N 381 
VAL C   OXT  sing N N 382 
VAL CB  CG1  sing N N 383 
VAL CB  CG2  sing N N 384 
VAL CB  HB   sing N N 385 
VAL CG1 HG11 sing N N 386 
VAL CG1 HG12 sing N N 387 
VAL CG1 HG13 sing N N 388 
VAL CG2 HG21 sing N N 389 
VAL CG2 HG22 sing N N 390 
VAL CG2 HG23 sing N N 391 
VAL OXT HXT  sing N N 392 
# 
_pdbx_audit_support.funding_organization   'Canadian Institutes of Health Research (CIHR)' 
_pdbx_audit_support.country                Canada 
_pdbx_audit_support.grant_number           'MOP 68913' 
_pdbx_audit_support.ordinal                1 
# 
loop_
_pdbx_chem_comp_identifier.comp_id 
_pdbx_chem_comp_identifier.type 
_pdbx_chem_comp_identifier.program 
_pdbx_chem_comp_identifier.program_version 
_pdbx_chem_comp_identifier.identifier 
NGA 'CONDENSED IUPAC CARBOHYDRATE SYMBOL' GMML     1.0 DGalpNAcb                        
NGA 'COMMON NAME'                         GMML     1.0 N-acetyl-b-D-galactopyranosamine 
NGA 'IUPAC CARBOHYDRATE SYMBOL'           PDB-CARE 1.0 b-D-GalpNAc                      
NGA 'SNFG CARBOHYDRATE SYMBOL'            GMML     1.0 GalNAc                           
# 
loop_
_pdbx_entity_nonpoly.entity_id 
_pdbx_entity_nonpoly.name 
_pdbx_entity_nonpoly.comp_id 
2 2-acetamido-2-deoxy-beta-D-galactopyranose NGA 
3 'CALCIUM ION'                              CA  
4 water                                      HOH 
# 
_pdbx_initial_refinement_model.id               1 
_pdbx_initial_refinement_model.entity_id_list   ? 
_pdbx_initial_refinement_model.type             'experimental model' 
_pdbx_initial_refinement_model.source_name      PDB 
_pdbx_initial_refinement_model.accession_code   4LKS 
_pdbx_initial_refinement_model.details          ? 
# 
